data_8GOI
# 
_entry.id   8GOI 
# 
_audit_conform.dict_name       mmcif_pdbx.dic 
_audit_conform.dict_version    5.376 
_audit_conform.dict_location   http://mmcif.pdb.org/dictionaries/ascii/mmcif_pdbx.dic 
# 
loop_
_database_2.database_id 
_database_2.database_code 
_database_2.pdbx_database_accession 
_database_2.pdbx_DOI 
PDB   8GOI         pdb_00008goi 10.2210/pdb8goi/pdb 
WWPDB D_1300031769 ?            ?                   
# 
_pdbx_database_status.status_code                     REL 
_pdbx_database_status.status_code_sf                  REL 
_pdbx_database_status.status_code_mr                  ? 
_pdbx_database_status.entry_id                        8GOI 
_pdbx_database_status.recvd_initial_deposition_date   2022-08-25 
_pdbx_database_status.SG_entry                        N 
_pdbx_database_status.deposit_site                    PDBJ 
_pdbx_database_status.process_site                    PDBJ 
_pdbx_database_status.status_code_cs                  ? 
_pdbx_database_status.status_code_nmr_data            ? 
_pdbx_database_status.methods_development_category    ? 
_pdbx_database_status.pdb_format_compatible           Y 
# 
_audit_author.name               'Kumasaka, T.' 
_audit_author.pdbx_ordinal       1 
_audit_author.identifier_ORCID   0000-0001-9289-1557 
# 
_citation.abstract                  ? 
_citation.abstract_id_CAS           ? 
_citation.book_id_ISBN              ? 
_citation.book_publisher            ? 
_citation.book_publisher_city       ? 
_citation.book_title                ? 
_citation.coordinate_linkage        ? 
_citation.country                   ? 
_citation.database_id_Medline       ? 
_citation.details                   ? 
_citation.id                        primary 
_citation.journal_abbrev            'To Be Published' 
_citation.journal_id_ASTM           ? 
_citation.journal_id_CSD            0353 
_citation.journal_id_ISSN           ? 
_citation.journal_full              ? 
_citation.journal_issue             ? 
_citation.journal_volume            ? 
_citation.language                  ? 
_citation.page_first                ? 
_citation.page_last                 ? 
_citation.title                     
'Design of interchain Glu-Arg salt-bridges stabilizing heterotetrameric coiled-coil derived from Lac repressor.' 
_citation.year                      ? 
_citation.database_id_CSD           ? 
_citation.pdbx_database_id_DOI      ? 
_citation.pdbx_database_id_PubMed   ? 
_citation.pdbx_database_id_patent   ? 
_citation.unpublished_flag          ? 
# 
loop_
_citation_author.citation_id 
_citation_author.name 
_citation_author.ordinal 
_citation_author.identifier_ORCID 
primary 'Otsuka, Y.'    1 ? 
primary 'Osaki, A.'     2 ? 
primary 'Nakamura, Y.'  3 ? 
primary 'Mizuno, N.'    4 ? 
primary 'Kawamura, T.'  5 ? 
primary 'Hasegawa, K.'  6 ? 
primary 'Yamaguchi, H.' 7 ? 
primary 'Kumasaka, T.'  8 ? 
# 
_cell.angle_alpha                  90.000 
_cell.angle_alpha_esd              ? 
_cell.angle_beta                   90.000 
_cell.angle_beta_esd               ? 
_cell.angle_gamma                  90.000 
_cell.angle_gamma_esd              ? 
_cell.entry_id                     8GOI 
_cell.details                      ? 
_cell.formula_units_Z              ? 
_cell.length_a                     40.967 
_cell.length_a_esd                 ? 
_cell.length_b                     42.973 
_cell.length_b_esd                 ? 
_cell.length_c                     85.923 
_cell.length_c_esd                 ? 
_cell.volume                       151265.284 
_cell.volume_esd                   ? 
_cell.Z_PDB                        16 
_cell.reciprocal_angle_alpha       ? 
_cell.reciprocal_angle_beta        ? 
_cell.reciprocal_angle_gamma       ? 
_cell.reciprocal_angle_alpha_esd   ? 
_cell.reciprocal_angle_beta_esd    ? 
_cell.reciprocal_angle_gamma_esd   ? 
_cell.reciprocal_length_a          ? 
_cell.reciprocal_length_b          ? 
_cell.reciprocal_length_c          ? 
_cell.reciprocal_length_a_esd      ? 
_cell.reciprocal_length_b_esd      ? 
_cell.reciprocal_length_c_esd      ? 
_cell.pdbx_unique_axis             ? 
_cell.pdbx_esd_method              ? 
# 
_symmetry.entry_id                         8GOI 
_symmetry.cell_setting                     ? 
_symmetry.Int_Tables_number                19 
_symmetry.space_group_name_Hall            'P 2ac 2ab' 
_symmetry.space_group_name_H-M             'P 21 21 21' 
_symmetry.pdbx_full_space_group_name_H-M   ? 
# 
loop_
_entity.id 
_entity.type 
_entity.src_method 
_entity.pdbx_description 
_entity.formula_weight 
_entity.pdbx_number_of_molecules 
_entity.pdbx_ec 
_entity.pdbx_mutation 
_entity.pdbx_fragment 
_entity.details 
1 polymer     syn 'Lac23ys_aEE, an acidic mutant of LacI C-terminal tetramerization helix' 2461.611 4  ? ? ? 
'An acidic peptide designed from Lac repressor tetramerization domain.' 
2 polymer     syn 'Lac23ys_bRR, a basic mutant of LacI C-terminal tetramerization helix'   2572.946 4  ? ? ? 
'A basic peptide designed from Lac repressor tetramerization domain.'   
3 non-polymer syn GLYCEROL                                                                 92.094   2  ? ? ? ? 
4 water       nat water                                                                    18.015   78 ? ? ? ? 
# 
loop_
_entity_poly.entity_id 
_entity_poly.type 
_entity_poly.nstd_linkage 
_entity_poly.nstd_monomer 
_entity_poly.pdbx_seq_one_letter_code 
_entity_poly.pdbx_seq_one_letter_code_can 
_entity_poly.pdbx_strand_id 
_entity_poly.pdbx_target_identifier 
1 'polypeptide(L)' no no TASPSALADELEQLAYEVEHLSS TASPSALADELEQLAYEVEHLSS A,C,E,G ? 
2 'polypeptide(L)' no no TASPHALANRLRQLAYRVRSLSS TASPHALANRLRQLAYRVRSLSS B,D,F,H ? 
# 
loop_
_entity_poly_seq.entity_id 
_entity_poly_seq.num 
_entity_poly_seq.mon_id 
_entity_poly_seq.hetero 
1 1  THR n 
1 2  ALA n 
1 3  SER n 
1 4  PRO n 
1 5  SER n 
1 6  ALA n 
1 7  LEU n 
1 8  ALA n 
1 9  ASP n 
1 10 GLU n 
1 11 LEU n 
1 12 GLU n 
1 13 GLN n 
1 14 LEU n 
1 15 ALA n 
1 16 TYR n 
1 17 GLU n 
1 18 VAL n 
1 19 GLU n 
1 20 HIS n 
1 21 LEU n 
1 22 SER n 
1 23 SER n 
2 1  THR n 
2 2  ALA n 
2 3  SER n 
2 4  PRO n 
2 5  HIS n 
2 6  ALA n 
2 7  LEU n 
2 8  ALA n 
2 9  ASN n 
2 10 ARG n 
2 11 LEU n 
2 12 ARG n 
2 13 GLN n 
2 14 LEU n 
2 15 ALA n 
2 16 TYR n 
2 17 ARG n 
2 18 VAL n 
2 19 ARG n 
2 20 SER n 
2 21 LEU n 
2 22 SER n 
2 23 SER n 
# 
loop_
_pdbx_entity_src_syn.entity_id 
_pdbx_entity_src_syn.pdbx_src_id 
_pdbx_entity_src_syn.pdbx_alt_source_flag 
_pdbx_entity_src_syn.pdbx_beg_seq_num 
_pdbx_entity_src_syn.pdbx_end_seq_num 
_pdbx_entity_src_syn.organism_scientific 
_pdbx_entity_src_syn.organism_common_name 
_pdbx_entity_src_syn.ncbi_taxonomy_id 
_pdbx_entity_src_syn.details 
1 1 sample 1 23 'Escherichia coli' ? 562 ? 
2 1 sample 1 23 'Escherichia coli' ? 562 ? 
# 
loop_
_struct_ref.id 
_struct_ref.db_name 
_struct_ref.db_code 
_struct_ref.pdbx_db_accession 
_struct_ref.pdbx_db_isoform 
_struct_ref.entity_id 
_struct_ref.pdbx_seq_one_letter_code 
_struct_ref.pdbx_align_begin 
1 PDB 8GOI 8GOI ? 1 ? 1 
2 PDB 8GOI 8GOI ? 2 ? 1 
# 
loop_
_struct_ref_seq.align_id 
_struct_ref_seq.ref_id 
_struct_ref_seq.pdbx_PDB_id_code 
_struct_ref_seq.pdbx_strand_id 
_struct_ref_seq.seq_align_beg 
_struct_ref_seq.pdbx_seq_align_beg_ins_code 
_struct_ref_seq.seq_align_end 
_struct_ref_seq.pdbx_seq_align_end_ins_code 
_struct_ref_seq.pdbx_db_accession 
_struct_ref_seq.db_align_beg 
_struct_ref_seq.pdbx_db_align_beg_ins_code 
_struct_ref_seq.db_align_end 
_struct_ref_seq.pdbx_db_align_end_ins_code 
_struct_ref_seq.pdbx_auth_seq_align_beg 
_struct_ref_seq.pdbx_auth_seq_align_end 
1 1 8GOI A 1 ? 23 ? 8GOI 1 ? 23 ? 1 23 
2 2 8GOI B 1 ? 23 ? 8GOI 1 ? 23 ? 1 23 
3 1 8GOI C 1 ? 23 ? 8GOI 1 ? 23 ? 1 23 
4 2 8GOI D 1 ? 23 ? 8GOI 1 ? 23 ? 1 23 
5 1 8GOI E 1 ? 23 ? 8GOI 1 ? 23 ? 1 23 
6 2 8GOI F 1 ? 23 ? 8GOI 1 ? 23 ? 1 23 
7 1 8GOI G 1 ? 23 ? 8GOI 1 ? 23 ? 1 23 
8 2 8GOI H 1 ? 23 ? 8GOI 1 ? 23 ? 1 23 
# 
loop_
_chem_comp.id 
_chem_comp.type 
_chem_comp.mon_nstd_flag 
_chem_comp.name 
_chem_comp.pdbx_synonyms 
_chem_comp.formula 
_chem_comp.formula_weight 
ALA 'L-peptide linking' y ALANINE         ?                               'C3 H7 N O2'     89.093  
ARG 'L-peptide linking' y ARGININE        ?                               'C6 H15 N4 O2 1' 175.209 
ASN 'L-peptide linking' y ASPARAGINE      ?                               'C4 H8 N2 O3'    132.118 
ASP 'L-peptide linking' y 'ASPARTIC ACID' ?                               'C4 H7 N O4'     133.103 
GLN 'L-peptide linking' y GLUTAMINE       ?                               'C5 H10 N2 O3'   146.144 
GLU 'L-peptide linking' y 'GLUTAMIC ACID' ?                               'C5 H9 N O4'     147.129 
GOL non-polymer         . GLYCEROL        'GLYCERIN; PROPANE-1,2,3-TRIOL' 'C3 H8 O3'       92.094  
HIS 'L-peptide linking' y HISTIDINE       ?                               'C6 H10 N3 O2 1' 156.162 
HOH non-polymer         . WATER           ?                               'H2 O'           18.015  
LEU 'L-peptide linking' y LEUCINE         ?                               'C6 H13 N O2'    131.173 
PRO 'L-peptide linking' y PROLINE         ?                               'C5 H9 N O2'     115.130 
SER 'L-peptide linking' y SERINE          ?                               'C3 H7 N O3'     105.093 
THR 'L-peptide linking' y THREONINE       ?                               'C4 H9 N O3'     119.119 
TYR 'L-peptide linking' y TYROSINE        ?                               'C9 H11 N O3'    181.189 
VAL 'L-peptide linking' y VALINE          ?                               'C5 H11 N O2'    117.146 
# 
_exptl.absorpt_coefficient_mu     ? 
_exptl.absorpt_correction_T_max   ? 
_exptl.absorpt_correction_T_min   ? 
_exptl.absorpt_correction_type    ? 
_exptl.absorpt_process_details    ? 
_exptl.entry_id                   8GOI 
_exptl.crystals_number            1 
_exptl.details                    ? 
_exptl.method                     'X-RAY DIFFRACTION' 
_exptl.method_details             ? 
# 
_exptl_crystal.colour                       ? 
_exptl_crystal.density_diffrn               ? 
_exptl_crystal.density_Matthews             1.88 
_exptl_crystal.density_method               ? 
_exptl_crystal.density_percent_sol          34.50 
_exptl_crystal.description                  ? 
_exptl_crystal.F_000                        ? 
_exptl_crystal.id                           1 
_exptl_crystal.preparation                  ? 
_exptl_crystal.size_max                     ? 
_exptl_crystal.size_mid                     ? 
_exptl_crystal.size_min                     ? 
_exptl_crystal.size_rad                     ? 
_exptl_crystal.colour_lustre                ? 
_exptl_crystal.colour_modifier              ? 
_exptl_crystal.colour_primary               ? 
_exptl_crystal.density_meas                 ? 
_exptl_crystal.density_meas_esd             ? 
_exptl_crystal.density_meas_gt              ? 
_exptl_crystal.density_meas_lt              ? 
_exptl_crystal.density_meas_temp            ? 
_exptl_crystal.density_meas_temp_esd        ? 
_exptl_crystal.density_meas_temp_gt         ? 
_exptl_crystal.density_meas_temp_lt         ? 
_exptl_crystal.pdbx_crystal_image_url       ? 
_exptl_crystal.pdbx_crystal_image_format    ? 
_exptl_crystal.pdbx_mosaicity               ? 
_exptl_crystal.pdbx_mosaicity_esd           ? 
_exptl_crystal.pdbx_mosaic_method           ? 
_exptl_crystal.pdbx_mosaic_block_size       ? 
_exptl_crystal.pdbx_mosaic_block_size_esd   ? 
# 
_exptl_crystal_grow.apparatus       ? 
_exptl_crystal_grow.atmosphere      ? 
_exptl_crystal_grow.crystal_id      1 
_exptl_crystal_grow.details         ? 
_exptl_crystal_grow.method          'VAPOR DIFFUSION, SITTING DROP' 
_exptl_crystal_grow.method_ref      ? 
_exptl_crystal_grow.pH              5.5 
_exptl_crystal_grow.pressure        ? 
_exptl_crystal_grow.pressure_esd    ? 
_exptl_crystal_grow.seeding         ? 
_exptl_crystal_grow.seeding_ref     ? 
_exptl_crystal_grow.temp            293 
_exptl_crystal_grow.temp_details    ? 
_exptl_crystal_grow.temp_esd        ? 
_exptl_crystal_grow.time            ? 
_exptl_crystal_grow.pdbx_details    '0.1 M Sodium acetate pH 5.5, 0.2 M Potassium bromide, 8% PEG20000, 8% PEG MME 500' 
_exptl_crystal_grow.pdbx_pH_range   ? 
# 
_diffrn.ambient_environment              ? 
_diffrn.ambient_temp                     100 
_diffrn.ambient_temp_details             ? 
_diffrn.ambient_temp_esd                 ? 
_diffrn.crystal_id                       1 
_diffrn.crystal_support                  ? 
_diffrn.crystal_treatment                ? 
_diffrn.details                          ? 
_diffrn.id                               1 
_diffrn.ambient_pressure                 ? 
_diffrn.ambient_pressure_esd             ? 
_diffrn.ambient_pressure_gt              ? 
_diffrn.ambient_pressure_lt              ? 
_diffrn.ambient_temp_gt                  ? 
_diffrn.ambient_temp_lt                  ? 
_diffrn.pdbx_serial_crystal_experiment   N 
# 
_diffrn_detector.details                      ? 
_diffrn_detector.detector                     PIXEL 
_diffrn_detector.diffrn_id                    1 
_diffrn_detector.type                         'DECTRIS PILATUS 6M' 
_diffrn_detector.area_resol_mean              ? 
_diffrn_detector.dtime                        ? 
_diffrn_detector.pdbx_frames_total            ? 
_diffrn_detector.pdbx_collection_time_total   ? 
_diffrn_detector.pdbx_collection_date         2020-11-05 
_diffrn_detector.pdbx_frequency               ? 
# 
_diffrn_radiation.collimation                      ? 
_diffrn_radiation.diffrn_id                        1 
_diffrn_radiation.filter_edge                      ? 
_diffrn_radiation.inhomogeneity                    ? 
_diffrn_radiation.monochromator                    ? 
_diffrn_radiation.polarisn_norm                    ? 
_diffrn_radiation.polarisn_ratio                   ? 
_diffrn_radiation.probe                            ? 
_diffrn_radiation.type                             ? 
_diffrn_radiation.xray_symbol                      ? 
_diffrn_radiation.wavelength_id                    1 
_diffrn_radiation.pdbx_monochromatic_or_laue_m_l   M 
_diffrn_radiation.pdbx_wavelength_list             ? 
_diffrn_radiation.pdbx_wavelength                  ? 
_diffrn_radiation.pdbx_diffrn_protocol             'SINGLE WAVELENGTH' 
_diffrn_radiation.pdbx_analyzer                    ? 
_diffrn_radiation.pdbx_scattering_type             x-ray 
# 
_diffrn_radiation_wavelength.id           1 
_diffrn_radiation_wavelength.wavelength   1.0 
_diffrn_radiation_wavelength.wt           1.0 
# 
_diffrn_source.current                     ? 
_diffrn_source.details                     ? 
_diffrn_source.diffrn_id                   1 
_diffrn_source.power                       ? 
_diffrn_source.size                        ? 
_diffrn_source.source                      SYNCHROTRON 
_diffrn_source.target                      ? 
_diffrn_source.type                        'SPRING-8 BEAMLINE BL45XU' 
_diffrn_source.voltage                     ? 
_diffrn_source.take-off_angle              ? 
_diffrn_source.pdbx_wavelength_list        1.0 
_diffrn_source.pdbx_wavelength             ? 
_diffrn_source.pdbx_synchrotron_beamline   BL45XU 
_diffrn_source.pdbx_synchrotron_site       SPring-8 
# 
_reflns.B_iso_Wilson_estimate                          24.12 
_reflns.entry_id                                       8GOI 
_reflns.data_reduction_details                         ? 
_reflns.data_reduction_method                          ? 
_reflns.d_resolution_high                              1.54 
_reflns.d_resolution_low                               42.96 
_reflns.details                                        ? 
_reflns.limit_h_max                                    ? 
_reflns.limit_h_min                                    ? 
_reflns.limit_k_max                                    ? 
_reflns.limit_k_min                                    ? 
_reflns.limit_l_max                                    ? 
_reflns.limit_l_min                                    ? 
_reflns.number_all                                     ? 
_reflns.number_obs                                     22984 
_reflns.observed_criterion                             ? 
_reflns.observed_criterion_F_max                       ? 
_reflns.observed_criterion_F_min                       ? 
_reflns.observed_criterion_I_max                       ? 
_reflns.observed_criterion_I_min                       ? 
_reflns.observed_criterion_sigma_F                     ? 
_reflns.observed_criterion_sigma_I                     ? 
_reflns.percent_possible_obs                           99.38 
_reflns.R_free_details                                 ? 
_reflns.Rmerge_F_all                                   ? 
_reflns.Rmerge_F_obs                                   ? 
_reflns.Friedel_coverage                               ? 
_reflns.number_gt                                      ? 
_reflns.threshold_expression                           ? 
_reflns.pdbx_redundancy                                18.0 
_reflns.pdbx_Rmerge_I_obs                              0.244 
_reflns.pdbx_Rmerge_I_all                              ? 
_reflns.pdbx_Rsym_value                                ? 
_reflns.pdbx_netI_over_av_sigmaI                       ? 
_reflns.pdbx_netI_over_sigmaI                          13.96 
_reflns.pdbx_res_netI_over_av_sigmaI_2                 ? 
_reflns.pdbx_res_netI_over_sigmaI_2                    ? 
_reflns.pdbx_chi_squared                               ? 
_reflns.pdbx_scaling_rejects                           ? 
_reflns.pdbx_d_res_high_opt                            ? 
_reflns.pdbx_d_res_low_opt                             ? 
_reflns.pdbx_d_res_opt_method                          ? 
_reflns.phase_calculation_details                      ? 
_reflns.pdbx_Rrim_I_all                                0.2514 
_reflns.pdbx_Rpim_I_all                                0.05963 
_reflns.pdbx_d_opt                                     ? 
_reflns.pdbx_number_measured_all                       ? 
_reflns.pdbx_diffrn_id                                 1 
_reflns.pdbx_ordinal                                   1 
_reflns.pdbx_CC_half                                   0.998 
_reflns.pdbx_CC_star                                   ? 
_reflns.pdbx_R_split                                   ? 
_reflns.pdbx_aniso_diffraction_limit_axis_1_ortho[1]   ? 
_reflns.pdbx_aniso_diffraction_limit_axis_1_ortho[2]   ? 
_reflns.pdbx_aniso_diffraction_limit_axis_1_ortho[3]   ? 
_reflns.pdbx_aniso_diffraction_limit_axis_2_ortho[1]   ? 
_reflns.pdbx_aniso_diffraction_limit_axis_2_ortho[2]   ? 
_reflns.pdbx_aniso_diffraction_limit_axis_2_ortho[3]   ? 
_reflns.pdbx_aniso_diffraction_limit_axis_3_ortho[1]   ? 
_reflns.pdbx_aniso_diffraction_limit_axis_3_ortho[2]   ? 
_reflns.pdbx_aniso_diffraction_limit_axis_3_ortho[3]   ? 
_reflns.pdbx_aniso_diffraction_limit_1                 ? 
_reflns.pdbx_aniso_diffraction_limit_2                 ? 
_reflns.pdbx_aniso_diffraction_limit_3                 ? 
_reflns.pdbx_aniso_B_tensor_eigenvector_1_ortho[1]     ? 
_reflns.pdbx_aniso_B_tensor_eigenvector_1_ortho[2]     ? 
_reflns.pdbx_aniso_B_tensor_eigenvector_1_ortho[3]     ? 
_reflns.pdbx_aniso_B_tensor_eigenvector_2_ortho[1]     ? 
_reflns.pdbx_aniso_B_tensor_eigenvector_2_ortho[2]     ? 
_reflns.pdbx_aniso_B_tensor_eigenvector_2_ortho[3]     ? 
_reflns.pdbx_aniso_B_tensor_eigenvector_3_ortho[1]     ? 
_reflns.pdbx_aniso_B_tensor_eigenvector_3_ortho[2]     ? 
_reflns.pdbx_aniso_B_tensor_eigenvector_3_ortho[3]     ? 
_reflns.pdbx_aniso_B_tensor_eigenvalue_1               ? 
_reflns.pdbx_aniso_B_tensor_eigenvalue_2               ? 
_reflns.pdbx_aniso_B_tensor_eigenvalue_3               ? 
_reflns.pdbx_orthogonalization_convention              ? 
_reflns.pdbx_percent_possible_ellipsoidal              ? 
_reflns.pdbx_percent_possible_spherical                ? 
_reflns.pdbx_percent_possible_ellipsoidal_anomalous    ? 
_reflns.pdbx_percent_possible_spherical_anomalous      ? 
_reflns.pdbx_redundancy_anomalous                      ? 
_reflns.pdbx_CC_half_anomalous                         ? 
_reflns.pdbx_absDiff_over_sigma_anomalous              ? 
_reflns.pdbx_percent_possible_anomalous                ? 
_reflns.pdbx_observed_signal_threshold                 ? 
_reflns.pdbx_signal_type                               ? 
_reflns.pdbx_signal_details                            ? 
_reflns.pdbx_signal_software_id                        ? 
_reflns.pdbx_CC_split_method                           ? 
# 
_reflns_shell.d_res_high                                    1.54 
_reflns_shell.d_res_low                                     1.595 
_reflns_shell.meanI_over_sigI_all                           ? 
_reflns_shell.meanI_over_sigI_obs                           1.28 
_reflns_shell.number_measured_all                           ? 
_reflns_shell.number_measured_obs                           ? 
_reflns_shell.number_possible                               ? 
_reflns_shell.number_unique_all                             ? 
_reflns_shell.number_unique_obs                             2233 
_reflns_shell.percent_possible_all                          ? 
_reflns_shell.percent_possible_obs                          ? 
_reflns_shell.Rmerge_F_all                                  ? 
_reflns_shell.Rmerge_F_obs                                  ? 
_reflns_shell.Rmerge_I_all                                  ? 
_reflns_shell.Rmerge_I_obs                                  3.089 
_reflns_shell.meanI_over_sigI_gt                            ? 
_reflns_shell.meanI_over_uI_all                             ? 
_reflns_shell.meanI_over_uI_gt                              ? 
_reflns_shell.number_measured_gt                            ? 
_reflns_shell.number_unique_gt                              ? 
_reflns_shell.percent_possible_gt                           ? 
_reflns_shell.Rmerge_F_gt                                   ? 
_reflns_shell.Rmerge_I_gt                                   ? 
_reflns_shell.pdbx_redundancy                               ? 
_reflns_shell.pdbx_Rsym_value                               ? 
_reflns_shell.pdbx_chi_squared                              ? 
_reflns_shell.pdbx_netI_over_sigmaI_all                     ? 
_reflns_shell.pdbx_netI_over_sigmaI_obs                     ? 
_reflns_shell.pdbx_Rrim_I_all                               3.186 
_reflns_shell.pdbx_Rpim_I_all                               0.772 
_reflns_shell.pdbx_rejects                                  ? 
_reflns_shell.pdbx_ordinal                                  1 
_reflns_shell.pdbx_diffrn_id                                1 
_reflns_shell.pdbx_CC_half                                  0.598 
_reflns_shell.pdbx_CC_star                                  ? 
_reflns_shell.pdbx_R_split                                  ? 
_reflns_shell.pdbx_percent_possible_ellipsoidal             ? 
_reflns_shell.pdbx_percent_possible_spherical               ? 
_reflns_shell.pdbx_percent_possible_ellipsoidal_anomalous   ? 
_reflns_shell.pdbx_percent_possible_spherical_anomalous     ? 
_reflns_shell.pdbx_redundancy_anomalous                     ? 
_reflns_shell.pdbx_CC_half_anomalous                        ? 
_reflns_shell.pdbx_absDiff_over_sigma_anomalous             ? 
_reflns_shell.pdbx_percent_possible_anomalous               ? 
# 
_refine.aniso_B[1][1]                            ? 
_refine.aniso_B[1][2]                            ? 
_refine.aniso_B[1][3]                            ? 
_refine.aniso_B[2][2]                            ? 
_refine.aniso_B[2][3]                            ? 
_refine.aniso_B[3][3]                            ? 
_refine.B_iso_max                                ? 
_refine.B_iso_mean                               27.71 
_refine.B_iso_min                                ? 
_refine.correlation_coeff_Fo_to_Fc               ? 
_refine.correlation_coeff_Fo_to_Fc_free          ? 
_refine.details                                  ? 
_refine.diff_density_max                         ? 
_refine.diff_density_max_esd                     ? 
_refine.diff_density_min                         ? 
_refine.diff_density_min_esd                     ? 
_refine.diff_density_rms                         ? 
_refine.diff_density_rms_esd                     ? 
_refine.entry_id                                 8GOI 
_refine.pdbx_refine_id                           'X-RAY DIFFRACTION' 
_refine.ls_abs_structure_details                 ? 
_refine.ls_abs_structure_Flack                   ? 
_refine.ls_abs_structure_Flack_esd               ? 
_refine.ls_abs_structure_Rogers                  ? 
_refine.ls_abs_structure_Rogers_esd              ? 
_refine.ls_d_res_high                            1.54 
_refine.ls_d_res_low                             42.96 
_refine.ls_extinction_coef                       ? 
_refine.ls_extinction_coef_esd                   ? 
_refine.ls_extinction_expression                 ? 
_refine.ls_extinction_method                     ? 
_refine.ls_goodness_of_fit_all                   ? 
_refine.ls_goodness_of_fit_all_esd               ? 
_refine.ls_goodness_of_fit_obs                   ? 
_refine.ls_goodness_of_fit_obs_esd               ? 
_refine.ls_hydrogen_treatment                    ? 
_refine.ls_matrix_type                           ? 
_refine.ls_number_constraints                    ? 
_refine.ls_number_parameters                     ? 
_refine.ls_number_reflns_all                     ? 
_refine.ls_number_reflns_obs                     22984 
_refine.ls_number_reflns_R_free                  1171 
_refine.ls_number_reflns_R_work                  21813 
_refine.ls_number_restraints                     ? 
_refine.ls_percent_reflns_obs                    99.38 
_refine.ls_percent_reflns_R_free                 5.09 
_refine.ls_R_factor_all                          ? 
_refine.ls_R_factor_obs                          0.2281 
_refine.ls_R_factor_R_free                       0.2810 
_refine.ls_R_factor_R_free_error                 ? 
_refine.ls_R_factor_R_free_error_details         ? 
_refine.ls_R_factor_R_work                       0.2254 
_refine.ls_R_Fsqd_factor_obs                     ? 
_refine.ls_R_I_factor_obs                        ? 
_refine.ls_redundancy_reflns_all                 ? 
_refine.ls_redundancy_reflns_obs                 ? 
_refine.ls_restrained_S_all                      ? 
_refine.ls_restrained_S_obs                      ? 
_refine.ls_shift_over_esd_max                    ? 
_refine.ls_shift_over_esd_mean                   ? 
_refine.ls_structure_factor_coef                 ? 
_refine.ls_weighting_details                     ? 
_refine.ls_weighting_scheme                      ? 
_refine.ls_wR_factor_all                         ? 
_refine.ls_wR_factor_obs                         ? 
_refine.ls_wR_factor_R_free                      ? 
_refine.ls_wR_factor_R_work                      ? 
_refine.occupancy_max                            ? 
_refine.occupancy_min                            ? 
_refine.solvent_model_details                    'FLAT BULK SOLVENT MODEL' 
_refine.solvent_model_param_bsol                 ? 
_refine.solvent_model_param_ksol                 ? 
_refine.pdbx_R_complete                          ? 
_refine.ls_R_factor_gt                           ? 
_refine.ls_goodness_of_fit_gt                    ? 
_refine.ls_goodness_of_fit_ref                   ? 
_refine.ls_shift_over_su_max                     ? 
_refine.ls_shift_over_su_max_lt                  ? 
_refine.ls_shift_over_su_mean                    ? 
_refine.ls_shift_over_su_mean_lt                 ? 
_refine.pdbx_ls_sigma_I                          ? 
_refine.pdbx_ls_sigma_F                          1.33 
_refine.pdbx_ls_sigma_Fsqd                       ? 
_refine.pdbx_data_cutoff_high_absF               ? 
_refine.pdbx_data_cutoff_high_rms_absF           ? 
_refine.pdbx_data_cutoff_low_absF                ? 
_refine.pdbx_isotropic_thermal_model             ? 
_refine.pdbx_ls_cross_valid_method               'FREE R-VALUE' 
_refine.pdbx_method_to_determine_struct          'MOLECULAR REPLACEMENT' 
_refine.pdbx_starting_model                      D_1300031768 
_refine.pdbx_stereochemistry_target_values       'GeoStd + Monomer Library + CDL v1.2' 
_refine.pdbx_R_Free_selection_details            ? 
_refine.pdbx_stereochem_target_val_spec_case     ? 
_refine.pdbx_overall_ESU_R                       ? 
_refine.pdbx_overall_ESU_R_Free                  ? 
_refine.pdbx_solvent_vdw_probe_radii             1.1100 
_refine.pdbx_solvent_ion_probe_radii             ? 
_refine.pdbx_solvent_shrinkage_radii             0.9000 
_refine.pdbx_real_space_R                        ? 
_refine.pdbx_density_correlation                 ? 
_refine.pdbx_pd_number_of_powder_patterns        ? 
_refine.pdbx_pd_number_of_points                 ? 
_refine.pdbx_pd_meas_number_of_points            ? 
_refine.pdbx_pd_proc_ls_prof_R_factor            ? 
_refine.pdbx_pd_proc_ls_prof_wR_factor           ? 
_refine.pdbx_pd_Marquardt_correlation_coeff      ? 
_refine.pdbx_pd_Fsqrd_R_factor                   ? 
_refine.pdbx_pd_ls_matrix_band_width             ? 
_refine.pdbx_overall_phase_error                 28.2508 
_refine.pdbx_overall_SU_R_free_Cruickshank_DPI   ? 
_refine.pdbx_overall_SU_R_free_Blow_DPI          ? 
_refine.pdbx_overall_SU_R_Blow_DPI               ? 
_refine.pdbx_TLS_residual_ADP_flag               ? 
_refine.pdbx_diffrn_id                           1 
_refine.overall_SU_B                             ? 
_refine.overall_SU_ML                            0.2113 
_refine.overall_SU_R_Cruickshank_DPI             ? 
_refine.overall_SU_R_free                        ? 
_refine.overall_FOM_free_R_set                   ? 
_refine.overall_FOM_work_R_set                   ? 
_refine.pdbx_average_fsc_overall                 ? 
_refine.pdbx_average_fsc_work                    ? 
_refine.pdbx_average_fsc_free                    ? 
# 
_refine_hist.pdbx_refine_id                   'X-RAY DIFFRACTION' 
_refine_hist.cycle_id                         LAST 
_refine_hist.details                          ? 
_refine_hist.d_res_high                       1.54 
_refine_hist.d_res_low                        42.96 
_refine_hist.number_atoms_solvent             78 
_refine_hist.number_atoms_total               1443 
_refine_hist.number_reflns_all                ? 
_refine_hist.number_reflns_obs                ? 
_refine_hist.number_reflns_R_free             ? 
_refine_hist.number_reflns_R_work             ? 
_refine_hist.R_factor_all                     ? 
_refine_hist.R_factor_obs                     ? 
_refine_hist.R_factor_R_free                  ? 
_refine_hist.R_factor_R_work                  ? 
_refine_hist.pdbx_number_residues_total       ? 
_refine_hist.pdbx_B_iso_mean_ligand           ? 
_refine_hist.pdbx_B_iso_mean_solvent          ? 
_refine_hist.pdbx_number_atoms_protein        1353 
_refine_hist.pdbx_number_atoms_nucleic_acid   0 
_refine_hist.pdbx_number_atoms_ligand         12 
_refine_hist.pdbx_number_atoms_lipid          ? 
_refine_hist.pdbx_number_atoms_carb           ? 
_refine_hist.pdbx_pseudo_atom_details         ? 
# 
loop_
_refine_ls_restr.pdbx_refine_id 
_refine_ls_restr.criterion 
_refine_ls_restr.dev_ideal 
_refine_ls_restr.dev_ideal_target 
_refine_ls_restr.number 
_refine_ls_restr.rejects 
_refine_ls_restr.type 
_refine_ls_restr.weight 
_refine_ls_restr.pdbx_restraint_function 
'X-RAY DIFFRACTION' ? 0.0067 ? 1395 ? f_bond_d           ? ? 
'X-RAY DIFFRACTION' ? 0.8913 ? 1887 ? f_angle_d          ? ? 
'X-RAY DIFFRACTION' ? 0.0439 ? 218  ? f_chiral_restr     ? ? 
'X-RAY DIFFRACTION' ? 0.0083 ? 248  ? f_plane_restr      ? ? 
'X-RAY DIFFRACTION' ? 6.3984 ? 205  ? f_dihedral_angle_d ? ? 
# 
loop_
_refine_ls_shell.pdbx_refine_id 
_refine_ls_shell.d_res_high 
_refine_ls_shell.d_res_low 
_refine_ls_shell.number_reflns_all 
_refine_ls_shell.number_reflns_obs 
_refine_ls_shell.number_reflns_R_free 
_refine_ls_shell.number_reflns_R_work 
_refine_ls_shell.percent_reflns_obs 
_refine_ls_shell.percent_reflns_R_free 
_refine_ls_shell.R_factor_all 
_refine_ls_shell.R_factor_obs 
_refine_ls_shell.R_factor_R_free 
_refine_ls_shell.R_factor_R_free_error 
_refine_ls_shell.R_factor_R_work 
_refine_ls_shell.redundancy_reflns_all 
_refine_ls_shell.redundancy_reflns_obs 
_refine_ls_shell.wR_factor_all 
_refine_ls_shell.wR_factor_obs 
_refine_ls_shell.wR_factor_R_free 
_refine_ls_shell.wR_factor_R_work 
_refine_ls_shell.pdbx_R_complete 
_refine_ls_shell.pdbx_total_number_of_bins_used 
_refine_ls_shell.pdbx_phase_error 
_refine_ls_shell.pdbx_fsc_work 
_refine_ls_shell.pdbx_fsc_free 
'X-RAY DIFFRACTION' 1.54 1.61  . . 147 2570 95.53  . . . 0.2991 . 0.3062 . . . . . . . . . . . 
'X-RAY DIFFRACTION' 1.61 1.70  . . 160 2669 99.96  . . . 0.3320 . 0.2851 . . . . . . . . . . . 
'X-RAY DIFFRACTION' 1.70 1.80  . . 164 2688 99.79  . . . 0.3286 . 0.2532 . . . . . . . . . . . 
'X-RAY DIFFRACTION' 1.80 1.94  . . 137 2706 99.96  . . . 0.3037 . 0.2485 . . . . . . . . . . . 
'X-RAY DIFFRACTION' 1.94 2.14  . . 135 2741 99.83  . . . 0.2917 . 0.2339 . . . . . . . . . . . 
'X-RAY DIFFRACTION' 2.14 2.45  . . 125 2744 99.97  . . . 0.3053 . 0.2253 . . . . . . . . . . . 
'X-RAY DIFFRACTION' 2.45 3.08  . . 141 2802 99.97  . . . 0.2858 . 0.2360 . . . . . . . . . . . 
'X-RAY DIFFRACTION' 3.08 42.96 . . 162 2893 100.00 . . . 0.2563 . 0.2027 . . . . . . . . . . . 
# 
_struct.entry_id                     8GOI 
_struct.title                        '23-residues Heterotetramic Antiparallel Coiled-Coil Derived From LacI' 
_struct.pdbx_model_details           ? 
_struct.pdbx_formula_weight          ? 
_struct.pdbx_formula_weight_method   ? 
_struct.pdbx_model_type_details      ? 
_struct.pdbx_CASP_flag               N 
# 
_struct_keywords.entry_id        8GOI 
_struct_keywords.text            'DE NOVO PROTEIN, COILED-COIL, TETRAMER' 
_struct_keywords.pdbx_keywords   'DE NOVO PROTEIN' 
# 
loop_
_struct_asym.id 
_struct_asym.pdbx_blank_PDB_chainid_flag 
_struct_asym.pdbx_modified 
_struct_asym.entity_id 
_struct_asym.details 
A N N 1 ? 
B N N 2 ? 
C N N 1 ? 
D N N 2 ? 
E N N 1 ? 
F N N 2 ? 
G N N 1 ? 
H N N 2 ? 
I N N 3 ? 
J N N 3 ? 
K N N 4 ? 
L N N 4 ? 
M N N 4 ? 
N N N 4 ? 
O N N 4 ? 
P N N 4 ? 
Q N N 4 ? 
R N N 4 ? 
# 
loop_
_struct_conf.conf_type_id 
_struct_conf.id 
_struct_conf.pdbx_PDB_helix_id 
_struct_conf.beg_label_comp_id 
_struct_conf.beg_label_asym_id 
_struct_conf.beg_label_seq_id 
_struct_conf.pdbx_beg_PDB_ins_code 
_struct_conf.end_label_comp_id 
_struct_conf.end_label_asym_id 
_struct_conf.end_label_seq_id 
_struct_conf.pdbx_end_PDB_ins_code 
_struct_conf.beg_auth_comp_id 
_struct_conf.beg_auth_asym_id 
_struct_conf.beg_auth_seq_id 
_struct_conf.end_auth_comp_id 
_struct_conf.end_auth_asym_id 
_struct_conf.end_auth_seq_id 
_struct_conf.pdbx_PDB_helix_class 
_struct_conf.details 
_struct_conf.pdbx_PDB_helix_length 
HELX_P HELX_P1 AA1 SER A 3 ? HIS A 20 ? SER A 3 HIS A 20 1 ? 18 
HELX_P HELX_P2 AA2 SER B 3 ? SER B 20 ? SER B 3 SER B 20 1 ? 18 
HELX_P HELX_P3 AA3 SER C 3 ? HIS C 20 ? SER C 3 HIS C 20 1 ? 18 
HELX_P HELX_P4 AA4 SER D 3 ? SER D 20 ? SER D 3 SER D 20 1 ? 18 
HELX_P HELX_P5 AA5 SER E 3 ? HIS E 20 ? SER E 3 HIS E 20 1 ? 18 
HELX_P HELX_P6 AA6 SER F 3 ? SER F 20 ? SER F 3 SER F 20 1 ? 18 
HELX_P HELX_P7 AA7 SER G 3 ? GLU G 19 ? SER G 3 GLU G 19 1 ? 17 
HELX_P HELX_P8 AA8 SER H 3 ? SER H 20 ? SER H 3 SER H 20 1 ? 18 
# 
_struct_conf_type.id          HELX_P 
_struct_conf_type.criteria    ? 
_struct_conf_type.reference   ? 
# 
_atom_sites.entry_id                    8GOI 
_atom_sites.Cartn_transf_matrix[1][1]   ? 
_atom_sites.Cartn_transf_matrix[1][2]   ? 
_atom_sites.Cartn_transf_matrix[1][3]   ? 
_atom_sites.Cartn_transf_matrix[2][1]   ? 
_atom_sites.Cartn_transf_matrix[2][2]   ? 
_atom_sites.Cartn_transf_matrix[2][3]   ? 
_atom_sites.Cartn_transf_matrix[3][1]   ? 
_atom_sites.Cartn_transf_matrix[3][2]   ? 
_atom_sites.Cartn_transf_matrix[3][3]   ? 
_atom_sites.Cartn_transf_vector[1]      ? 
_atom_sites.Cartn_transf_vector[2]      ? 
_atom_sites.Cartn_transf_vector[3]      ? 
_atom_sites.fract_transf_matrix[1][1]   0.02276716 
_atom_sites.fract_transf_matrix[1][2]   0.00618896 
_atom_sites.fract_transf_matrix[1][3]   0.00626109 
_atom_sites.fract_transf_matrix[2][1]   0.00508617 
_atom_sites.fract_transf_matrix[2][2]   0.00391723 
_atom_sites.fract_transf_matrix[2][3]   -0.02236692 
_atom_sites.fract_transf_matrix[3][1]   -0.00333872 
_atom_sites.fract_transf_matrix[3][2]   0.01108594 
_atom_sites.fract_transf_matrix[3][3]   0.00118232 
_atom_sites.fract_transf_vector[1]      -0.184228 
_atom_sites.fract_transf_vector[2]      0.566862 
_atom_sites.fract_transf_vector[3]      -0.121912 
_atom_sites.solution_primary            ? 
_atom_sites.solution_secondary          ? 
_atom_sites.solution_hydrogens          ? 
_atom_sites.special_details             ? 
# 
loop_
_atom_type.symbol 
_atom_type.scat_dispersion_real 
_atom_type.scat_dispersion_imag 
_atom_type.scat_Cromer_Mann_a1 
_atom_type.scat_Cromer_Mann_a2 
_atom_type.scat_Cromer_Mann_a3 
_atom_type.scat_Cromer_Mann_a4 
_atom_type.scat_Cromer_Mann_b1 
_atom_type.scat_Cromer_Mann_b2 
_atom_type.scat_Cromer_Mann_b3 
_atom_type.scat_Cromer_Mann_b4 
_atom_type.scat_Cromer_Mann_c 
_atom_type.scat_source 
_atom_type.scat_dispersion_source 
C ? ? 3.54356 2.42580 ? ? 25.62398 1.50364 ? ? 0.0 
;2-Gaussian fit: Grosse-Kunstleve RW, Sauter NK, Adams PD: Newsletter of the IUCr Commission on Crystallographic Computing 2004, 3, 22-31.
;
? 
N ? ? 4.01032 2.96436 ? ? 19.97189 1.75589 ? ? 0.0 
;2-Gaussian fit: Grosse-Kunstleve RW, Sauter NK, Adams PD: Newsletter of the IUCr Commission on Crystallographic Computing 2004, 3, 22-31.
;
? 
O ? ? 4.49882 3.47563 ? ? 15.80542 1.70748 ? ? 0.0 
;2-Gaussian fit: Grosse-Kunstleve RW, Sauter NK, Adams PD: Newsletter of the IUCr Commission on Crystallographic Computing 2004, 3, 22-31.
;
? 
# 
loop_
_atom_site.group_PDB 
_atom_site.id 
_atom_site.type_symbol 
_atom_site.label_atom_id 
_atom_site.label_alt_id 
_atom_site.label_comp_id 
_atom_site.label_asym_id 
_atom_site.label_entity_id 
_atom_site.label_seq_id 
_atom_site.pdbx_PDB_ins_code 
_atom_site.Cartn_x 
_atom_site.Cartn_y 
_atom_site.Cartn_z 
_atom_site.occupancy 
_atom_site.B_iso_or_equiv 
_atom_site.pdbx_formal_charge 
_atom_site.auth_seq_id 
_atom_site.auth_comp_id 
_atom_site.auth_asym_id 
_atom_site.auth_atom_id 
_atom_site.pdbx_PDB_model_num 
ATOM   1    N N   . SER A 1 3  ? 2.62859   -17.10361 0.51941   1.000 37.17271 ? 3   SER A N   1 
ATOM   2    C CA  . SER A 1 3  ? 3.06152   -18.01927 1.57406   1.000 35.22845 ? 3   SER A CA  1 
ATOM   3    C C   . SER A 1 3  ? 3.31960   -17.25473 2.87102   1.000 31.91182 ? 3   SER A C   1 
ATOM   4    O O   . SER A 1 3  ? 4.09590   -16.31153 2.87719   1.000 31.26076 ? 3   SER A O   1 
ATOM   5    C CB  . SER A 1 3  ? 4.31953   -18.77237 1.15001   1.000 34.57571 ? 3   SER A CB  1 
ATOM   6    O OG  . SER A 1 3  ? 5.05395   -19.23696 2.27379   1.000 35.29282 ? 3   SER A OG  1 
ATOM   7    N N   . PRO A 1 4  ? 2.64844   -17.64367 3.95803   1.000 31.36155 ? 4   PRO A N   1 
ATOM   8    C CA  . PRO A 1 4  ? 2.89890   -16.96359 5.23896   1.000 26.26428 ? 4   PRO A CA  1 
ATOM   9    C C   . PRO A 1 4  ? 4.35854   -16.96942 5.66287   1.000 23.85998 ? 4   PRO A C   1 
ATOM   10   O O   . PRO A 1 4  ? 4.87101   -15.92615 6.07539   1.000 22.02063 ? 4   PRO A O   1 
ATOM   11   C CB  . PRO A 1 4  ? 1.99925   -17.72992 6.21738   1.000 28.11775 ? 4   PRO A CB  1 
ATOM   12   C CG  . PRO A 1 4  ? 0.84397   -18.16122 5.36027   1.000 29.60948 ? 4   PRO A CG  1 
ATOM   13   C CD  . PRO A 1 4  ? 1.44585   -18.49216 4.00821   1.000 31.68721 ? 4   PRO A CD  1 
ATOM   14   N N   . SER A 1 5  ? 5.06938   -18.09994 5.55780   1.000 22.56402 ? 5   SER A N   1 
ATOM   15   C CA  . SER A 1 5  ? 6.46958   -18.09533 5.96712   1.000 28.95116 ? 5   SER A CA  1 
ATOM   16   C C   . SER A 1 5  ? 7.32487   -17.25670 5.02539   1.000 21.79441 ? 5   SER A C   1 
ATOM   17   O O   . SER A 1 5  ? 8.26095   -16.58257 5.47024   1.000 24.21865 ? 5   SER A O   1 
ATOM   18   C CB  . SER A 1 5  ? 7.00824   -19.52157 6.04079   1.000 29.54665 ? 5   SER A CB  1 
ATOM   19   O OG  . SER A 1 5  ? 6.58495   -20.26052 4.91147   1.000 38.29644 ? 5   SER A OG  1 
ATOM   20   N N   . ALA A 1 6  ? 7.01716   -17.28095 3.72653   1.000 24.45607 ? 6   ALA A N   1 
ATOM   21   C CA  . ALA A 1 6  ? 7.77763   -16.48575 2.76958   1.000 24.27468 ? 6   ALA A CA  1 
ATOM   22   C C   . ALA A 1 6  ? 7.57442   -14.99182 3.01216   1.000 22.91259 ? 6   ALA A C   1 
ATOM   23   O O   . ALA A 1 6  ? 8.54265   -14.22369 3.00770   1.000 22.92766 ? 6   ALA A O   1 
ATOM   24   C CB  . ALA A 1 6  ? 7.38474   -16.85594 1.34109   1.000 29.51938 ? 6   ALA A CB  1 
ATOM   25   N N   . LEU A 1 7  ? 6.32412   -14.57162 3.23602   1.000 24.30474 ? 7   LEU A N   1 
ATOM   26   C CA  . LEU A 1 7  ? 6.05058   -13.18682 3.60826   1.000 24.54016 ? 7   LEU A CA  1 
ATOM   27   C C   . LEU A 1 7  ? 6.77882   -12.81434 4.89567   1.000 21.27899 ? 7   LEU A C   1 
ATOM   28   O O   . LEU A 1 7  ? 7.41189   -11.76318 4.97679   1.000 21.16559 ? 7   LEU A O   1 
ATOM   29   C CB  . LEU A 1 7  ? 4.54150   -12.97187 3.74121   1.000 21.28452 ? 7   LEU A CB  1 
ATOM   30   C CG  . LEU A 1 7  ? 3.77890   -12.96160 2.40757   1.000 22.70361 ? 7   LEU A CG  1 
ATOM   31   C CD1 . LEU A 1 7  ? 2.26881   -13.02519 2.63153   1.000 22.32464 ? 7   LEU A CD1 1 
ATOM   32   C CD2 . LEU A 1 7  ? 4.16685   -11.73906 1.59035   1.000 31.07710 ? 7   LEU A CD2 1 
ATOM   33   N N   . ALA A 1 8  ? 6.74576   -13.69324 5.90166   1.000 19.66751 ? 8   ALA A N   1 
ATOM   34   C CA  . ALA A 1 8  ? 7.42428   -13.37366 7.15267   1.000 22.42896 ? 8   ALA A CA  1 
ATOM   35   C C   . ALA A 1 8  ? 8.92448   -13.18487 6.94793   1.000 18.20064 ? 8   ALA A C   1 
ATOM   36   O O   . ALA A 1 8  ? 9.53506   -12.28326 7.54187   1.000 19.98228 ? 8   ALA A O   1 
ATOM   37   C CB  . ALA A 1 8  ? 7.15135   -14.45947 8.18157   1.000 22.20528 ? 8   ALA A CB  1 
ATOM   38   N N   . ASP A 1 9  ? 9.53597   -14.02244 6.10989   1.000 20.01620 ? 9   ASP A N   1 
ATOM   39   C CA  . ASP A 1 9  ? 10.95229  -13.87133 5.81714   1.000 22.38328 ? 9   ASP A CA  1 
ATOM   40   C C   . ASP A 1 9  ? 11.21517  -12.53654 5.14019   1.000 17.54774 ? 9   ASP A C   1 
ATOM   41   O O   . ASP A 1 9  ? 12.15265  -11.81809 5.50443   1.000 19.12931 ? 9   ASP A O   1 
ATOM   42   C CB  . ASP A 1 9  ? 11.42934  -15.02613 4.93264   1.000 20.46439 ? 9   ASP A CB  1 
ATOM   43   C CG  . ASP A 1 9  ? 11.65211  -16.30362 5.71701   1.000 23.58628 ? 9   ASP A CG  1 
ATOM   44   O OD1 . ASP A 1 9  ? 11.94628  -16.20424 6.92155   1.000 23.13580 ? 9   ASP A OD1 1 
ATOM   45   O OD2 . ASP A 1 9  ? 11.56648  -17.40353 5.11735   1.000 25.72585 ? 9   ASP A OD2 1 
ATOM   46   N N   . GLU A 1 10 ? 10.37925  -12.17737 4.16927   1.000 18.37689 ? 10  GLU A N   1 
ATOM   47   C CA  . GLU A 1 10 ? 10.54240  -10.87863 3.51623   1.000 20.89162 ? 10  GLU A CA  1 
ATOM   48   C C   . GLU A 1 10 ? 10.40047  -9.72512  4.49619   1.000 18.60198 ? 10  GLU A C   1 
ATOM   49   O O   . GLU A 1 10 ? 11.16344  -8.75253  4.41535   1.000 20.93383 ? 10  GLU A O   1 
ATOM   50   C CB  . GLU A 1 10 ? 9.54149   -10.72258 2.38281   1.000 22.35063 ? 10  GLU A CB  1 
ATOM   51   C CG  . GLU A 1 10 ? 9.82122   -11.64008 1.23186   1.000 25.97116 ? 10  GLU A CG  1 
ATOM   52   C CD  . GLU A 1 10 ? 9.02032   -11.27113 0.01364   1.000 32.49272 ? 10  GLU A CD  1 
ATOM   53   O OE1 . GLU A 1 10 ? 9.35639   -10.24715 -0.61962  1.000 31.66437 ? 10  GLU A OE1 1 
ATOM   54   O OE2 . GLU A 1 10 ? 8.04942   -11.99038 -0.30247  1.000 36.39416 ? 10  GLU A OE2 1 
ATOM   55   N N   . LEU A 1 11 ? 9.42788   -9.79348  5.41756   1.000 18.15949 ? 11  LEU A N   1 
ATOM   56   C CA  . LEU A 1 11 ? 9.26710   -8.71216  6.39326   1.000 20.48401 ? 11  LEU A CA  1 
ATOM   57   C C   . LEU A 1 11 ? 10.48264  -8.61280  7.30700   1.000 23.35060 ? 11  LEU A C   1 
ATOM   58   O O   . LEU A 1 11 ? 10.90559  -7.51065  7.67760   1.000 19.78915 ? 11  LEU A O   1 
ATOM   59   C CB  . LEU A 1 11 ? 7.98915   -8.91309  7.21235   1.000 19.63880 ? 11  LEU A CB  1 
ATOM   60   C CG  . LEU A 1 11 ? 6.70598   -8.75760  6.38515   1.000 19.48979 ? 11  LEU A CG  1 
ATOM   61   C CD1 . LEU A 1 11 ? 5.45563   -9.31283  7.08160   1.000 20.75938 ? 11  LEU A CD1 1 
ATOM   62   C CD2 . LEU A 1 11 ? 6.48112   -7.28796  6.01314   1.000 19.71259 ? 11  LEU A CD2 1 
ATOM   63   N N   . GLU A 1 12 ? 11.06621  -9.75262  7.67214   1.000 20.28858 ? 12  GLU A N   1 
ATOM   64   C CA  . GLU A 1 12 ? 12.25702  -9.72569  8.51864   1.000 19.09676 ? 12  GLU A CA  1 
ATOM   65   C C   . GLU A 1 12 ? 13.44291  -9.08781  7.80590   1.000 18.01859 ? 12  GLU A C   1 
ATOM   66   O O   . GLU A 1 12 ? 14.24304  -8.37424  8.42830   1.000 18.66501 ? 12  GLU A O   1 
ATOM   67   C CB  . GLU A 1 12 ? 12.58738  -11.14677 8.98668   1.000 19.44125 ? 12  GLU A CB  1 
ATOM   68   C CG  . GLU A 1 12 ? 11.76412  -11.54427 10.18873  1.000 20.58330 ? 12  GLU A CG  1 
ATOM   69   C CD  . GLU A 1 12 ? 11.38573  -13.02439 10.25606  1.000 20.81622 ? 12  GLU A CD  1 
ATOM   70   O OE1 . GLU A 1 12 ? 11.82325  -13.86523 9.40844   1.000 21.92273 ? 12  GLU A OE1 1 
ATOM   71   O OE2 . GLU A 1 12 ? 10.62546  -13.35381 11.19242  1.000 24.37101 ? 12  GLU A OE2 1 
ATOM   72   N N   . GLN A 1 13 ? 13.58791  -9.35415  6.50900   1.000 19.34076 ? 13  GLN A N   1 
ATOM   73   C CA  . GLN A 1 13 ? 14.62699  -8.69622  5.73511   1.000 21.09770 ? 13  GLN A CA  1 
ATOM   74   C C   . GLN A 1 13 ? 14.36341  -7.20086  5.67180   1.000 20.98725 ? 13  GLN A C   1 
ATOM   75   O O   . GLN A 1 13 ? 15.29752  -6.39812  5.75818   1.000 20.74460 ? 13  GLN A O   1 
ATOM   76   C CB  . GLN A 1 13 ? 14.69560  -9.32157  4.33201   1.000 22.17381 ? 13  GLN A CB  1 
ATOM   77   C CG  . GLN A 1 13 ? 15.80459  -8.76101  3.43981   1.000 24.85652 ? 13  GLN A CG  1 
ATOM   78   C CD  . GLN A 1 13 ? 17.16709  -8.94829  4.05399   1.000 26.26601 ? 13  GLN A CD  1 
ATOM   79   O OE1 . GLN A 1 13 ? 17.43485  -9.98574  4.66045   1.000 30.75382 ? 13  GLN A OE1 1 
ATOM   80   N NE2 . GLN A 1 13 ? 18.02259  -7.94013  3.93937   1.000 31.85768 ? 13  GLN A NE2 1 
ATOM   81   N N   . LEU A 1 14 ? 13.08510  -6.81290  5.58490   1.000 20.40690 ? 14  LEU A N   1 
ATOM   82   C CA  . LEU A 1 14 ? 12.73073  -5.39937  5.62706   1.000 21.13106 ? 14  LEU A CA  1 
ATOM   83   C C   . LEU A 1 14 ? 13.04826  -4.80029  6.99219   1.000 20.08590 ? 14  LEU A C   1 
ATOM   84   O O   . LEU A 1 14 ? 13.52231  -3.65974  7.08213   1.000 22.37048 ? 14  LEU A O   1 
ATOM   85   C CB  . LEU A 1 14 ? 11.25074  -5.21831  5.27387   1.000 22.08025 ? 14  LEU A CB  1 
ATOM   86   C CG  . LEU A 1 14 ? 11.05886  -5.33503  3.76238   1.000 23.01066 ? 14  LEU A CG  1 
ATOM   87   C CD1 . LEU A 1 14 ? 9.59927   -5.47000  3.39289   1.000 23.69032 ? 14  LEU A CD1 1 
ATOM   88   C CD2 . LEU A 1 14 ? 11.60344  -4.07590  3.14742   1.000 28.02461 ? 14  LEU A CD2 1 
ATOM   89   N N   . ALA A 1 15 ? 12.85171  -5.57613  8.06446   1.000 21.06744 ? 15  ALA A N   1 
ATOM   90   C CA  . ALA A 1 15 ? 13.22825  -5.09101  9.38713   1.000 23.45106 ? 15  ALA A CA  1 
ATOM   91   C C   . ALA A 1 15 ? 14.73258  -4.88625  9.48255   1.000 23.16465 ? 15  ALA A C   1 
ATOM   92   O O   . ALA A 1 15 ? 15.18801  -3.89538  10.06557  1.000 23.32920 ? 15  ALA A O   1 
ATOM   93   C CB  . ALA A 1 15 ? 12.74553  -6.05388  10.46640  1.000 19.31517 ? 15  ALA A CB  1 
ATOM   94   N N   . TYR A 1 16 ? 15.50771  -5.79635  8.88546   1.000 21.56984 ? 16  TYR A N   1 
ATOM   95   C CA  . TYR A 1 16 ? 16.95292  -5.61516  8.78617   1.000 23.19695 ? 16  TYR A CA  1 
ATOM   96   C C   . TYR A 1 16 ? 17.27481  -4.29251  8.10704   1.000 23.26372 ? 16  TYR A C   1 
ATOM   97   O O   . TYR A 1 16 ? 18.15936  -3.55979  8.55481   1.000 23.65458 ? 16  TYR A O   1 
ATOM   98   C CB  . TYR A 1 16 ? 17.61310  -6.77547  8.01566   1.000 21.94447 ? 16  TYR A CB  1 
ATOM   99   C CG  . TYR A 1 16 ? 19.05494  -6.47825  7.65318   1.000 25.07846 ? 16  TYR A CG  1 
ATOM   100  C CD1 . TYR A 1 16 ? 19.36500  -5.72335  6.53435   1.000 25.88158 ? 16  TYR A CD1 1 
ATOM   101  C CD2 . TYR A 1 16 ? 20.11243  -6.93554  8.44159   1.000 28.55330 ? 16  TYR A CD2 1 
ATOM   102  C CE1 . TYR A 1 16 ? 20.65572  -5.40327  6.21740   1.000 26.02482 ? 16  TYR A CE1 1 
ATOM   103  C CE2 . TYR A 1 16 ? 21.43461  -6.62618  8.11037   1.000 29.21823 ? 16  TYR A CE2 1 
ATOM   104  C CZ  . TYR A 1 16 ? 21.68758  -5.85218  6.99420   1.000 28.23269 ? 16  TYR A CZ  1 
ATOM   105  O OH  . TYR A 1 16 ? 22.96893  -5.51226  6.61887   1.000 30.85502 ? 16  TYR A OH  1 
ATOM   106  N N   . GLU A 1 17 ? 16.58367  -3.98173  7.00443   1.000 22.22028 ? 17  GLU A N   1 
ATOM   107  C CA  . GLU A 1 17 ? 16.85378  -2.72474  6.31902   1.000 24.27669 ? 17  GLU A CA  1 
ATOM   108  C C   . GLU A 1 17 ? 16.44839  -1.53274  7.17292   1.000 24.26658 ? 17  GLU A C   1 
ATOM   109  O O   . GLU A 1 17 ? 17.18085  -0.53877  7.24359   1.000 26.01535 ? 17  GLU A O   1 
ATOM   110  C CB  . GLU A 1 17 ? 16.12713  -2.66923  4.97438   1.000 25.51682 ? 17  GLU A CB  1 
ATOM   111  C CG  . GLU A 1 17 ? 16.45404  -3.80473  4.03093   1.000 21.36317 ? 17  GLU A CG  1 
ATOM   112  C CD  . GLU A 1 17 ? 17.88490  -3.78781  3.54888   1.000 27.94651 ? 17  GLU A CD  1 
ATOM   113  O OE1 . GLU A 1 17 ? 18.56006  -2.74799  3.69777   1.000 32.68451 ? 17  GLU A OE1 1 
ATOM   114  O OE2 . GLU A 1 17 ? 18.34627  -4.83916  3.04458   1.000 36.56177 ? 17  GLU A OE2 1 
ATOM   115  N N   . VAL A 1 18 ? 15.28564  -1.60461  7.82374   1.000 22.09439 ? 18  VAL A N   1 
ATOM   116  C CA  . VAL A 1 18 ? 14.82284  -0.45536  8.60637   1.000 23.56692 ? 18  VAL A CA  1 
ATOM   117  C C   . VAL A 1 18 ? 15.80024  -0.16323  9.73596   1.000 26.51881 ? 18  VAL A C   1 
ATOM   118  O O   . VAL A 1 18 ? 16.08474  1.00170   10.04845  1.000 24.59125 ? 18  VAL A O   1 
ATOM   119  C CB  . VAL A 1 18 ? 13.39977  -0.68794  9.14518   1.000 23.29289 ? 18  VAL A CB  1 
ATOM   120  C CG1 . VAL A 1 18 ? 13.02622  0.40891   10.15347  1.000 24.97144 ? 18  VAL A CG1 1 
ATOM   121  C CG2 . VAL A 1 18 ? 12.39161  -0.74627  8.01546   1.000 25.13265 ? 18  VAL A CG2 1 
ATOM   122  N N   . GLU A 1 19 ? 16.35880  -1.22026  10.33717  1.000 24.99221 ? 19  GLU A N   1 
ATOM   123  C CA  . GLU A 1 19 ? 17.29305  -1.05603  11.44346  1.000 31.45666 ? 19  GLU A CA  1 
ATOM   124  C C   . GLU A 1 19 ? 18.50193  -0.22885  11.03832  1.000 31.58354 ? 19  GLU A C   1 
ATOM   125  O O   . GLU A 1 19 ? 19.07600  0.47658   11.87565  1.000 37.14203 ? 19  GLU A O   1 
ATOM   126  C CB  . GLU A 1 19 ? 17.72678  -2.43127  11.95119  1.000 34.80812 ? 19  GLU A CB  1 
ATOM   127  C CG  . GLU A 1 19 ? 18.52911  -2.42374  13.24916  1.000 38.62705 ? 19  GLU A CG  1 
ATOM   128  C CD  . GLU A 1 19 ? 17.72002  -2.89228  14.44810  1.000 38.02383 ? 19  GLU A CD  1 
ATOM   129  O OE1 . GLU A 1 19 ? 17.33365  -4.08281  14.49286  1.000 40.53017 ? 19  GLU A OE1 1 
ATOM   130  O OE2 . GLU A 1 19 ? 17.48346  -2.06926  15.35494  1.000 42.76756 ? 19  GLU A OE2 1 
ATOM   131  N N   . HIS A 1 20 ? 18.88565  -0.28138  9.76395   1.000 29.68383 ? 20  HIS A N   1 
ATOM   132  C CA  . HIS A 1 20 ? 20.05020  0.42220   9.24994   1.000 33.17027 ? 20  HIS A CA  1 
ATOM   133  C C   . HIS A 1 20 ? 19.70305  1.78006   8.63786   1.000 34.02334 ? 20  HIS A C   1 
ATOM   134  O O   . HIS A 1 20 ? 20.50209  2.33110   7.87106   1.000 37.55605 ? 20  HIS A O   1 
ATOM   135  C CB  . HIS A 1 20 ? 20.78123  -0.47170  8.24590   1.000 33.54674 ? 20  HIS A CB  1 
ATOM   136  C CG  . HIS A 1 20 ? 21.37173  -1.69685  8.87367   1.000 36.13468 ? 20  HIS A CG  1 
ATOM   137  N ND1 . HIS A 1 20 ? 20.61042  -2.78122  9.25710   1.000 33.00766 ? 20  HIS A ND1 1 
ATOM   138  C CD2 . HIS A 1 20 ? 22.64553  -1.99127  9.22353   1.000 33.64976 ? 20  HIS A CD2 1 
ATOM   139  C CE1 . HIS A 1 20 ? 21.39114  -3.69540  9.80422   1.000 32.85861 ? 20  HIS A CE1 1 
ATOM   140  N NE2 . HIS A 1 20 ? 22.63076  -3.24050  9.79374   1.000 38.66702 ? 20  HIS A NE2 1 
ATOM   141  N N   . LEU A 1 21 ? 18.54007  2.33897   8.97982   1.000 31.52843 ? 21  LEU A N   1 
ATOM   142  C CA  . LEU A 1 21 ? 18.18348  3.70781   8.63549   1.000 31.68665 ? 21  LEU A CA  1 
ATOM   143  C C   . LEU A 1 21 ? 18.52695  4.64139   9.79499   1.000 34.99281 ? 21  LEU A C   1 
ATOM   144  O O   . LEU A 1 21 ? 18.92811  4.20906   10.87781  1.000 32.43562 ? 21  LEU A O   1 
ATOM   145  C CB  . LEU A 1 21 ? 16.69579  3.82029   8.29379   1.000 29.24350 ? 21  LEU A CB  1 
ATOM   146  C CG  . LEU A 1 21 ? 16.17249  3.13389   7.03139   1.000 28.89496 ? 21  LEU A CG  1 
ATOM   147  C CD1 . LEU A 1 21 ? 14.65089  3.30280   6.96351   1.000 27.24008 ? 21  LEU A CD1 1 
ATOM   148  C CD2 . LEU A 1 21 ? 16.84210  3.66959   5.77422   1.000 29.32211 ? 21  LEU A CD2 1 
ATOM   149  N N   . SER A 1 22 ? 18.33292  5.94225   9.57244   1.000 36.32416 ? 22  SER A N   1 
ATOM   150  C CA  . SER A 1 22 ? 18.58723  6.96036   10.57872  1.000 35.89707 ? 22  SER A CA  1 
ATOM   151  C C   . SER A 1 22 ? 17.29442  7.69264   10.91635  1.000 38.11551 ? 22  SER A C   1 
ATOM   152  O O   . SER A 1 22 ? 16.31241  7.64027   10.16923  1.000 37.47361 ? 22  SER A O   1 
ATOM   153  C CB  . SER A 1 22 ? 19.64720  7.96169   10.10404  1.000 39.19819 ? 22  SER A CB  1 
ATOM   154  O OG  . SER A 1 22 ? 20.91247  7.33669   9.96757   1.000 39.73367 ? 22  SER A OG  1 
ATOM   155  N N   . SER A 1 23 ? 17.30741  8.38145   12.05554  1.000 35.42015 ? 23  SER A N   1 
ATOM   156  C CA  . SER A 1 23 ? 16.13093  9.10459   12.53875  1.000 38.32259 ? 23  SER A CA  1 
ATOM   157  C C   . SER A 1 23 ? 15.87288  10.36392  11.72564  1.000 46.37197 ? 23  SER A C   1 
ATOM   158  O O   . SER A 1 23 ? 14.91723  11.09297  11.99248  1.000 48.23810 ? 23  SER A O   1 
ATOM   159  C CB  . SER A 1 23 ? 16.28973  9.47032   14.01530  1.000 43.63337 ? 23  SER A CB  1 
ATOM   160  O OG  . SER A 1 23 ? 15.39516  10.50933  14.37691  1.000 50.00214 ? 23  SER A OG  1 
ATOM   161  O OXT . SER A 1 23 ? 16.61239  10.68653  10.79596  1.000 41.19393 ? 23  SER A OXT 1 
ATOM   162  C C   . THR B 2 1  ? 19.62044  1.47348   0.33974   1.000 41.84608 ? 1   THR B C   1 
ATOM   163  O O   . THR B 2 1  ? 19.59106  2.41601   -0.45132  1.000 42.35363 ? 1   THR B O   1 
ATOM   164  N N   . ALA B 2 2  ? 18.52521  0.83575   0.74498   1.000 39.49849 ? 2   ALA B N   1 
ATOM   165  C CA  . ALA B 2 2  ? 17.20254  1.23080   0.28373   1.000 36.61971 ? 2   ALA B CA  1 
ATOM   166  C C   . ALA B 2 2  ? 16.75598  2.51708   0.96726   1.000 34.34859 ? 2   ALA B C   1 
ATOM   167  O O   . ALA B 2 2  ? 17.04184  2.74257   2.14582   1.000 33.12145 ? 2   ALA B O   1 
ATOM   168  C CB  . ALA B 2 2  ? 16.19152  0.11508   0.55152   1.000 34.68915 ? 2   ALA B CB  1 
ATOM   169  N N   . SER B 2 3  ? 16.05449  3.36335   0.21598   1.000 27.92659 ? 3   SER B N   1 
ATOM   170  C CA  . SER B 2 3  ? 15.52405  4.59904   0.75125   1.000 30.90495 ? 3   SER B CA  1 
ATOM   171  C C   . SER B 2 3  ? 14.33583  4.30273   1.65995   1.000 25.25923 ? 3   SER B C   1 
ATOM   172  O O   . SER B 2 3  ? 13.69865  3.24900   1.54271   1.000 25.90861 ? 3   SER B O   1 
ATOM   173  C CB  . SER B 2 3  ? 15.07041  5.52116   -0.37896  1.000 31.53337 ? 3   SER B CB  1 
ATOM   174  O OG  . SER B 2 3  ? 14.03157  4.88846   -1.11791  1.000 33.34496 ? 3   SER B OG  1 
ATOM   175  N N   . PRO B 2 4  ? 14.01962  5.21220   2.57894   1.000 27.92053 ? 4   PRO B N   1 
ATOM   176  C CA  . PRO B 2 4  ? 12.74815  5.07672   3.30054   1.000 26.54995 ? 4   PRO B CA  1 
ATOM   177  C C   . PRO B 2 4  ? 11.57915  4.86241   2.35707   1.000 22.18590 ? 4   PRO B C   1 
ATOM   178  O O   . PRO B 2 4  ? 10.71325  4.02167   2.61934   1.000 22.42757 ? 4   PRO B O   1 
ATOM   179  C CB  . PRO B 2 4  ? 12.64724  6.40209   4.06623   1.000 27.02966 ? 4   PRO B CB  1 
ATOM   180  C CG  . PRO B 2 4  ? 14.08085  6.76050   4.32242   1.000 30.54223 ? 4   PRO B CG  1 
ATOM   181  C CD  . PRO B 2 4  ? 14.81547  6.34960   3.07105   1.000 30.08497 ? 4   PRO B CD  1 
ATOM   182  N N   . HIS B 2 5  ? 11.54713  5.57967   1.23117   1.000 25.37501 ? 5   HIS B N   1 
ATOM   183  C CA  . HIS B 2 5  ? 10.43426  5.40540   0.30753   1.000 26.96351 ? 5   HIS B CA  1 
ATOM   184  C C   . HIS B 2 5  ? 10.35069  3.97264   -0.20259  1.000 22.44617 ? 5   HIS B C   1 
ATOM   185  O O   . HIS B 2 5  ? 9.26170   3.38365   -0.24821  1.000 23.69324 ? 5   HIS B O   1 
ATOM   186  C CB  . HIS B 2 5  ? 10.54374  6.37367   -0.86744  1.000 26.20712 ? 5   HIS B CB  1 
ATOM   187  C CG  . HIS B 2 5  ? 9.48513   6.14700   -1.89709  1.000 24.23689 ? 5   HIS B CG  1 
ATOM   188  N ND1 . HIS B 2 5  ? 8.26563   6.78549   -1.87354  1.000 29.97209 ? 5   HIS B ND1 1 
ATOM   189  C CD2 . HIS B 2 5  ? 9.44060   5.29093   -2.94317  1.000 24.48609 ? 5   HIS B CD2 1 
ATOM   190  C CE1 . HIS B 2 5  ? 7.52982   6.35807   -2.88684  1.000 26.44745 ? 5   HIS B CE1 1 
ATOM   191  N NE2 . HIS B 2 5  ? 8.22079   5.44917   -3.54820  1.000 23.20777 ? 5   HIS B NE2 1 
ATOM   192  N N   . ALA B 2 6  ? 11.48664  3.40317   -0.62396  1.000 21.32055 ? 6   ALA B N   1 
ATOM   193  C CA  . ALA B 2 6  ? 11.46065  2.08791   -1.25404  1.000 24.01342 ? 6   ALA B CA  1 
ATOM   194  C C   . ALA B 2 6  ? 11.02665  1.01611   -0.26597  1.000 21.07430 ? 6   ALA B C   1 
ATOM   195  O O   . ALA B 2 6  ? 10.24499  0.12437   -0.61122  1.000 22.54602 ? 6   ALA B O   1 
ATOM   196  C CB  . ALA B 2 6  ? 12.83768  1.75094   -1.82457  1.000 28.59464 ? 6   ALA B CB  1 
ATOM   197  N N   . LEU B 2 7  ? 11.52235  1.10733   0.97108   1.000 20.93104 ? 7   LEU B N   1 
ATOM   198  C CA  . LEU B 2 7  ? 11.09746  0.19721   2.03010   1.000 18.03243 ? 7   LEU B CA  1 
ATOM   199  C C   . LEU B 2 7  ? 9.61120   0.33304   2.33001   1.000 18.97201 ? 7   LEU B C   1 
ATOM   200  O O   . LEU B 2 7  ? 8.91751   -0.67522  2.49326   1.000 18.80443 ? 7   LEU B O   1 
ATOM   201  C CB  . LEU B 2 7  ? 11.90722  0.47189   3.29725   1.000 23.81064 ? 7   LEU B CB  1 
ATOM   202  C CG  . LEU B 2 7  ? 13.40436  0.19346   3.19950   1.000 28.14532 ? 7   LEU B CG  1 
ATOM   203  C CD1 . LEU B 2 7  ? 14.05403  0.47239   4.54422   1.000 26.01184 ? 7   LEU B CD1 1 
ATOM   204  C CD2 . LEU B 2 7  ? 13.67378  -1.24998  2.76309   1.000 25.11659 ? 7   LEU B CD2 1 
ATOM   205  N N   . ALA B 2 8  ? 9.11105   1.57600   2.44034   1.000 18.13766 ? 8   ALA B N   1 
ATOM   206  C CA  . ALA B 2 8  ? 7.69693   1.77734   2.73973   1.000 16.03142 ? 8   ALA B CA  1 
ATOM   207  C C   . ALA B 2 8  ? 6.81749   1.23011   1.62863   1.000 18.69991 ? 8   ALA B C   1 
ATOM   208  O O   . ALA B 2 8  ? 5.77810   0.61536   1.89617   1.000 19.64251 ? 8   ALA B O   1 
ATOM   209  C CB  . ALA B 2 8  ? 7.40166   3.26965   2.97513   1.000 19.71773 ? 8   ALA B CB  1 
ATOM   210  N N   . ASN B 2 9  ? 7.21080   1.43310   0.37115   1.000 19.38107 ? 9   ASN B N   1 
ATOM   211  C CA  . ASN B 2 9  ? 6.39918   0.88057   -0.70553  1.000 19.41666 ? 9   ASN B CA  1 
ATOM   212  C C   . ASN B 2 9  ? 6.43916   -0.64890  -0.69018  1.000 18.59925 ? 9   ASN B C   1 
ATOM   213  O O   . ASN B 2 9  ? 5.41578   -1.29565  -0.92686  1.000 21.03290 ? 9   ASN B O   1 
ATOM   214  C CB  . ASN B 2 9  ? 6.84600   1.42889   -2.05916  1.000 21.95158 ? 9   ASN B CB  1 
ATOM   215  C CG  . ASN B 2 9  ? 6.09687   0.78842   -3.21362  1.000 23.74194 ? 9   ASN B CG  1 
ATOM   216  O OD1 . ASN B 2 9  ? 4.89767   0.97806   -3.36997  1.000 23.46176 ? 9   ASN B OD1 1 
ATOM   217  N ND2 . ASN B 2 9  ? 6.79722   -0.03377  -3.98740  1.000 21.40393 ? 9   ASN B ND2 1 
ATOM   218  N N   . ARG B 2 10 ? 7.60534   -1.24811  -0.42124  1.000 19.08910 ? 10  ARG B N   1 
ATOM   219  C CA  . ARG B 2 10 ? 7.65713   -2.71382  -0.35673  1.000 20.61505 ? 10  ARG B CA  1 
ATOM   220  C C   . ARG B 2 10 ? 6.81723   -3.23206  0.80224   1.000 19.31541 ? 10  ARG B C   1 
ATOM   221  O O   . ARG B 2 10 ? 6.12506   -4.24755  0.66708   1.000 20.82215 ? 10  ARG B O   1 
ATOM   222  C CB  . ARG B 2 10 ? 9.10093   -3.20830  -0.24139  1.000 20.34353 ? 10  ARG B CB  1 
ATOM   223  C CG  . ARG B 2 10 ? 9.25009   -4.73657  -0.31620  1.000 25.89801 ? 10  ARG B CG  1 
ATOM   224  C CD  . ARG B 2 10 ? 8.77545   -5.26644  -1.66659  1.000 23.32220 ? 10  ARG B CD  1 
ATOM   225  N NE  . ARG B 2 10 ? 8.92385   -6.71475  -1.79500  1.000 23.62164 ? 10  ARG B NE  1 
ATOM   226  C CZ  . ARG B 2 10 ? 8.57209   -7.38946  -2.87972  1.000 23.87812 ? 10  ARG B CZ  1 
ATOM   227  N NH1 . ARG B 2 10 ? 8.05892   -6.77833  -3.93611  1.000 27.34283 ? 10  ARG B NH1 1 
ATOM   228  N NH2 . ARG B 2 10 ? 8.72512   -8.71455  -2.90431  1.000 24.43936 ? 10  ARG B NH2 1 
ATOM   229  N N   . LEU B 2 11 ? 6.82205   -2.52100  1.93568   1.000 19.89046 ? 11  LEU B N   1 
ATOM   230  C CA  . LEU B 2 11 ? 5.93831   -2.89926  3.03335   1.000 18.45900 ? 11  LEU B CA  1 
ATOM   231  C C   . LEU B 2 11 ? 4.47282   -2.86083  2.61011   1.000 20.40480 ? 11  LEU B C   1 
ATOM   232  O O   . LEU B 2 11 ? 3.70139   -3.76144  2.95661   1.000 21.79781 ? 11  LEU B O   1 
ATOM   233  C CB  . LEU B 2 11 ? 6.15135   -1.99245  4.24253   1.000 19.80873 ? 11  LEU B CB  1 
ATOM   234  C CG  . LEU B 2 11 ? 7.40083   -2.29574  5.05639   1.000 23.25262 ? 11  LEU B CG  1 
ATOM   235  C CD1 . LEU B 2 11 ? 7.64779   -1.18985  6.07419   1.000 24.83553 ? 11  LEU B CD1 1 
ATOM   236  C CD2 . LEU B 2 11 ? 7.27301   -3.66905  5.73895   1.000 22.47090 ? 11  LEU B CD2 1 
ATOM   237  N N   . ARG B 2 12 ? 4.06031   -1.81195  1.88005   1.000 18.91614 ? 12  ARG B N   1 
ATOM   238  C CA  . ARG B 2 12 ? 2.66091   -1.72788  1.45949   1.000 19.61853 ? 12  ARG B CA  1 
ATOM   239  C C   . ARG B 2 12 ? 2.30977   -2.83665  0.47840   1.000 17.52830 ? 12  ARG B C   1 
ATOM   240  O O   . ARG B 2 12 ? 1.19759   -3.38552  0.51097   1.000 20.24329 ? 12  ARG B O   1 
ATOM   241  C CB  . ARG B 2 12 ? 2.37389   -0.36226  0.83574   1.000 19.84664 ? 12  ARG B CB  1 
ATOM   242  C CG  . ARG B 2 12 ? 2.25245   0.75405   1.86705   1.000 18.41811 ? 12  ARG B CG  1 
ATOM   243  C CD  . ARG B 2 12 ? 1.75452   2.07010   1.25015   1.000 20.59114 ? 12  ARG B CD  1 
ATOM   244  N NE  . ARG B 2 12 ? 2.84360   2.71179   0.52766   1.000 25.30983 ? 12  ARG B NE  1 
ATOM   245  C CZ  . ARG B 2 12 ? 3.71378   3.55904   1.06327   1.000 19.95791 ? 12  ARG B CZ  1 
ATOM   246  N NH1 . ARG B 2 12 ? 3.63106   3.92806   2.32872   1.000 23.97889 ? 12  ARG B NH1 1 
ATOM   247  N NH2 . ARG B 2 12 ? 4.71257   4.01861   0.31428   1.000 24.79925 ? 12  ARG B NH2 1 
ATOM   248  N N   . GLN B 2 13 ? 3.24931   -3.18333  -0.39717  1.000 18.39127 ? 13  GLN B N   1 
ATOM   249  C CA  . GLN B 2 13 ? 3.05180   -4.32395  -1.29117  1.000 21.60577 ? 13  GLN B CA  1 
ATOM   250  C C   . GLN B 2 13 ? 2.78055   -5.59721  -0.50285  1.000 22.27751 ? 13  GLN B C   1 
ATOM   251  O O   . GLN B 2 13 ? 1.88632   -6.38643  -0.84685  1.000 22.42358 ? 13  GLN B O   1 
ATOM   252  C CB  . GLN B 2 13 ? 4.29135   -4.52764  -2.15705  1.000 23.69332 ? 13  GLN B CB  1 
ATOM   253  C CG  . GLN B 2 13 ? 4.33897   -3.69289  -3.39465  1.000 24.08208 ? 13  GLN B CG  1 
ATOM   254  C CD  . GLN B 2 13 ? 5.33620   -4.22747  -4.40633  1.000 23.10035 ? 13  GLN B CD  1 
ATOM   255  O OE1 . GLN B 2 13 ? 6.52163   -3.93445  -4.32198  1.000 32.77705 ? 13  GLN B OE1 1 
ATOM   256  N NE2 . GLN B 2 13 ? 4.85835   -5.02103  -5.35363  1.000 27.29769 ? 13  GLN B NE2 1 
ATOM   257  N N   . LEU B 2 14 ? 3.59227   -5.84708  0.52799   1.000 23.53830 ? 14  LEU B N   1 
ATOM   258  C CA  . LEU B 2 14 ? 3.43062   -7.07197  1.30237   1.000 22.59349 ? 14  LEU B CA  1 
ATOM   259  C C   . LEU B 2 14 ? 2.20028   -7.01054  2.19048   1.000 22.82072 ? 14  LEU B C   1 
ATOM   260  O O   . LEU B 2 14 ? 1.57402   -8.05026  2.45484   1.000 24.52421 ? 14  LEU B O   1 
ATOM   261  C CB  . LEU B 2 14 ? 4.67821   -7.33192  2.14688   1.000 22.25751 ? 14  LEU B CB  1 
ATOM   262  C CG  . LEU B 2 14 ? 5.97047   -7.37159  1.34670   1.000 23.40250 ? 14  LEU B CG  1 
ATOM   263  C CD1 . LEU B 2 14 ? 7.13344   -7.82042  2.21745   1.000 28.49189 ? 14  LEU B CD1 1 
ATOM   264  C CD2 . LEU B 2 14 ? 5.80887   -8.23087  0.09757   1.000 27.30046 ? 14  LEU B CD2 1 
ATOM   265  N N   . ALA B 2 15 ? 1.84512   -5.81271  2.66125   1.000 22.68373 ? 15  ALA B N   1 
ATOM   266  C CA  . ALA B 2 15 ? 0.60854   -5.64658  3.40928   1.000 21.78251 ? 15  ALA B CA  1 
ATOM   267  C C   . ALA B 2 15 ? -0.58138  -6.14165  2.60568   1.000 21.94238 ? 15  ALA B C   1 
ATOM   268  O O   . ALA B 2 15 ? -1.46779  -6.80845  3.14763   1.000 23.68369 ? 15  ALA B O   1 
ATOM   269  C CB  . ALA B 2 15 ? 0.41812   -4.17346  3.79589   1.000 18.27939 ? 15  ALA B CB  1 
ATOM   270  N N   . TYR B 2 16 ? -0.62950  -5.82010  1.31023   1.000 22.20230 ? 16  TYR B N   1 
ATOM   271  C CA  . TYR B 2 16 ? -1.73179  -6.31271  0.49816   1.000 19.73761 ? 16  TYR B CA  1 
ATOM   272  C C   . TYR B 2 16 ? -1.71956  -7.83175  0.44510   1.000 20.10546 ? 16  TYR B C   1 
ATOM   273  O O   . TYR B 2 16 ? -2.77859  -8.47132  0.47959   1.000 23.43835 ? 16  TYR B O   1 
ATOM   274  C CB  . TYR B 2 16 ? -1.66118  -5.75001  -0.91849  1.000 25.08763 ? 16  TYR B CB  1 
ATOM   275  C CG  . TYR B 2 16 ? -2.60412  -6.45305  -1.87352  1.000 23.39294 ? 16  TYR B CG  1 
ATOM   276  C CD1 . TYR B 2 16 ? -3.97667  -6.28192  -1.77061  1.000 28.07753 ? 16  TYR B CD1 1 
ATOM   277  C CD2 . TYR B 2 16 ? -2.12286  -7.35102  -2.82026  1.000 28.83305 ? 16  TYR B CD2 1 
ATOM   278  C CE1 . TYR B 2 16 ? -4.83977  -6.95335  -2.62060  1.000 28.99949 ? 16  TYR B CE1 1 
ATOM   279  C CE2 . TYR B 2 16 ? -2.97519  -8.02230  -3.66903  1.000 31.85259 ? 16  TYR B CE2 1 
ATOM   280  C CZ  . TYR B 2 16 ? -4.33063  -7.81122  -3.56709  1.000 32.44243 ? 16  TYR B CZ  1 
ATOM   281  O OH  . TYR B 2 16 ? -5.17423  -8.48844  -4.41673  1.000 40.25581 ? 16  TYR B OH  1 
ATOM   282  N N   . ARG B 2 17 ? -0.53227  -8.42695  0.33342   1.000 22.29401 ? 17  ARG B N   1 
ATOM   283  C CA  . ARG B 2 17 ? -0.47655  -9.88476  0.31066   1.000 24.41107 ? 17  ARG B CA  1 
ATOM   284  C C   . ARG B 2 17 ? -0.93091  -10.45935 1.65305   1.000 26.78418 ? 17  ARG B C   1 
ATOM   285  O O   . ARG B 2 17 ? -1.66252  -11.46012 1.69233   1.000 23.66141 ? 17  ARG B O   1 
ATOM   286  C CB  . ARG B 2 17 ? 0.93076   -10.37153 -0.06037  1.000 20.72504 ? 17  ARG B CB  1 
ATOM   287  C CG  . ARG B 2 17 ? 1.28530   -10.42286 -1.58388  1.000 33.03830 ? 17  ARG B CG  1 
ATOM   288  C CD  . ARG B 2 17 ? 2.71569   -9.90547  -1.91024  1.000 34.39069 ? 17  ARG B CD  1 
ATOM   289  N NE  . ARG B 2 17 ? 3.02934   -9.69772  -3.33086  1.000 39.90228 ? 17  ARG B NE  1 
ATOM   290  C CZ  . ARG B 2 17 ? 2.67794   -8.61892  -4.02655  1.000 39.73079 ? 17  ARG B CZ  1 
ATOM   291  N NH1 . ARG B 2 17 ? 2.01525   -7.62682  -3.45926  1.000 36.17268 ? 17  ARG B NH1 1 
ATOM   292  N NH2 . ARG B 2 17 ? 3.02789   -8.51635  -5.31674  1.000 23.65507 ? 17  ARG B NH2 1 
ATOM   293  N N   . VAL B 2 18 ? -0.55152  -9.81357  2.76471   1.000 23.87585 ? 18  VAL B N   1 
ATOM   294  C CA  . VAL B 2 18 ? -0.99773  -10.27706 4.08426   1.000 22.13245 ? 18  VAL B CA  1 
ATOM   295  C C   . VAL B 2 18 ? -2.51395  -10.17426 4.19834   1.000 28.83270 ? 18  VAL B C   1 
ATOM   296  O O   . VAL B 2 18 ? -3.17979  -11.06460 4.74615   1.000 26.03924 ? 18  VAL B O   1 
ATOM   297  C CB  . VAL B 2 18 ? -0.28997  -9.48929  5.20826   1.000 20.89075 ? 18  VAL B CB  1 
ATOM   298  C CG1 . VAL B 2 18 ? -0.95493  -9.76517  6.55548   1.000 22.25749 ? 18  VAL B CG1 1 
ATOM   299  C CG2 . VAL B 2 18 ? 1.18347   -9.83372  5.26105   1.000 22.23081 ? 18  VAL B CG2 1 
ATOM   300  N N   . ARG B 2 19 ? -3.07947  -9.08298  3.68335   1.000 26.66405 ? 19  ARG B N   1 
ATOM   301  C CA  . ARG B 2 19 ? -4.51846  -8.86805  3.72826   1.000 28.17608 ? 19  ARG B CA  1 
ATOM   302  C C   . ARG B 2 19 ? -5.28541  -10.02735 3.10811   1.000 29.41148 ? 19  ARG B C   1 
ATOM   303  O O   . ARG B 2 19 ? -6.42415  -10.30388 3.50592   1.000 31.18990 ? 19  ARG B O   1 
ATOM   304  C CB  . ARG B 2 19 ? -4.83960  -7.55880  3.00496   1.000 29.15661 ? 19  ARG B CB  1 
ATOM   305  C CG  . ARG B 2 19 ? -6.13276  -6.90017  3.38641   1.000 31.65213 ? 19  ARG B CG  1 
ATOM   306  C CD  . ARG B 2 19 ? -6.23278  -5.53656  2.72140   1.000 26.87179 ? 19  ARG B CD  1 
ATOM   307  N NE  . ARG B 2 19 ? -5.29771  -4.55960  3.28180   1.000 22.43433 ? 19  ARG B NE  1 
ATOM   308  C CZ  . ARG B 2 19 ? -5.44590  -3.98576  4.46990   1.000 22.01818 ? 19  ARG B CZ  1 
ATOM   309  N NH1 . ARG B 2 19 ? -6.44523  -4.30974  5.27662   1.000 24.23066 ? 19  ARG B NH1 1 
ATOM   310  N NH2 . ARG B 2 19 ? -4.56854  -3.06625  4.86428   1.000 23.13428 ? 19  ARG B NH2 1 
ATOM   311  N N   . SER B 2 20 ? -4.67767  -10.71702 2.15020   1.000 33.22282 ? 20  SER B N   1 
ATOM   312  C CA  . SER B 2 20 ? -5.33147  -11.75886 1.37602   1.000 37.34262 ? 20  SER B CA  1 
ATOM   313  C C   . SER B 2 20 ? -5.23617  -13.14165 2.02015   1.000 37.97001 ? 20  SER B C   1 
ATOM   314  O O   . SER B 2 20 ? -5.75551  -14.10845 1.45230   1.000 45.00901 ? 20  SER B O   1 
ATOM   315  C CB  . SER B 2 20 ? -4.72895  -11.78971 -0.03464  1.000 34.44482 ? 20  SER B CB  1 
ATOM   316  O OG  . SER B 2 20 ? -4.49787  -10.46585 -0.51730  1.000 39.48565 ? 20  SER B OG  1 
ATOM   317  N N   . LEU B 2 21 ? -4.60269  -13.25961 3.18862   1.000 35.76013 ? 21  LEU B N   1 
ATOM   318  C CA  . LEU B 2 21 ? -4.46446  -14.53453 3.87475   1.000 37.31523 ? 21  LEU B CA  1 
ATOM   319  C C   . LEU B 2 21 ? -5.68481  -14.79979 4.75789   1.000 41.87625 ? 21  LEU B C   1 
ATOM   320  O O   . LEU B 2 21 ? -6.64223  -14.02224 4.79230   1.000 43.72807 ? 21  LEU B O   1 
ATOM   321  C CB  . LEU B 2 21 ? -3.18347  -14.55431 4.70772   1.000 34.84302 ? 21  LEU B CB  1 
ATOM   322  C CG  . LEU B 2 21 ? -1.85805  -14.35197 3.96897   1.000 29.61991 ? 21  LEU B CG  1 
ATOM   323  C CD1 . LEU B 2 21 ? -0.70132  -14.25035 4.94800   1.000 29.02588 ? 21  LEU B CD1 1 
ATOM   324  C CD2 . LEU B 2 21 ? -1.59396  -15.43154 2.92545   1.000 33.09237 ? 21  LEU B CD2 1 
ATOM   325  N N   . SER B 2 22 ? -5.64735  -15.91690 5.48806   1.000 40.04781 ? 22  SER B N   1 
ATOM   326  C CA  . SER B 2 22 ? -6.69033  -16.27295 6.44136   1.000 45.45436 ? 22  SER B CA  1 
ATOM   327  C C   . SER B 2 22 ? -6.08064  -16.53436 7.81369   1.000 43.57648 ? 22  SER B C   1 
ATOM   328  O O   . SER B 2 22 ? -4.87092  -16.73117 7.95753   1.000 42.21841 ? 22  SER B O   1 
ATOM   329  C CB  . SER B 2 22 ? -7.49488  -17.49243 5.97604   1.000 48.12169 ? 22  SER B CB  1 
ATOM   330  O OG  . SER B 2 22 ? -8.20856  -17.20049 4.78550   1.000 50.93550 ? 22  SER B OG  1 
ATOM   331  N N   . SER B 2 23 ? -6.94210  -16.52132 8.82701   1.000 46.96056 ? 23  SER B N   1 
ATOM   332  C CA  . SER B 2 23 ? -6.51197  -16.62117 10.21855  1.000 43.95994 ? 23  SER B CA  1 
ATOM   333  C C   . SER B 2 23 ? -5.78488  -17.92967 10.50971  1.000 49.47288 ? 23  SER B C   1 
ATOM   334  O O   . SER B 2 23 ? -4.90894  -17.97570 11.37450  1.000 51.45081 ? 23  SER B O   1 
ATOM   335  C CB  . SER B 2 23 ? -7.71397  -16.47473 11.15523  1.000 44.15882 ? 23  SER B CB  1 
ATOM   336  C C   . ALA C 1 2  ? -5.65537  -11.10954 13.61757  1.000 34.72682 ? 2   ALA C C   1 
ATOM   337  O O   . ALA C 1 2  ? -5.34188  -12.28881 13.44089  1.000 44.15173 ? 2   ALA C O   1 
ATOM   338  N N   . SER C 1 3  ? -6.70097  -10.54138 13.02100  1.000 35.51466 ? 3   SER C N   1 
ATOM   339  C CA  . SER C 1 3  ? -7.05287  -10.89638 11.65782  1.000 35.11246 ? 3   SER C CA  1 
ATOM   340  C C   . SER C 1 3  ? -5.95798  -10.44501 10.69206  1.000 31.06544 ? 3   SER C C   1 
ATOM   341  O O   . SER C 1 3  ? -5.20495  -9.51301  10.98836  1.000 31.84517 ? 3   SER C O   1 
ATOM   342  C CB  . SER C 1 3  ? -8.37963  -10.25931 11.26094  1.000 36.73784 ? 3   SER C CB  1 
ATOM   343  O OG  . SER C 1 3  ? -8.30158  -8.84812  11.30060  1.000 37.30487 ? 3   SER C OG  1 
ATOM   344  N N   . PRO C 1 4  ? -5.85665  -11.08949 9.52590   1.000 28.36519 ? 4   PRO C N   1 
ATOM   345  C CA  . PRO C 1 4  ? -4.91617  -10.60843 8.49820   1.000 28.25645 ? 4   PRO C CA  1 
ATOM   346  C C   . PRO C 1 4  ? -5.11638  -9.15200  8.11978   1.000 28.68710 ? 4   PRO C C   1 
ATOM   347  O O   . PRO C 1 4  ? -4.13211  -8.44268  7.87790   1.000 27.91763 ? 4   PRO C O   1 
ATOM   348  C CB  . PRO C 1 4  ? -5.19569  -11.54049 7.30873   1.000 27.50252 ? 4   PRO C CB  1 
ATOM   349  C CG  . PRO C 1 4  ? -5.76369  -12.77336 7.91936   1.000 27.83342 ? 4   PRO C CG  1 
ATOM   350  C CD  . PRO C 1 4  ? -6.54109  -12.33031 9.12133   1.000 30.81924 ? 4   PRO C CD  1 
ATOM   351  N N   . SER C 1 5  ? -6.36341  -8.68331  8.04977   1.000 27.84182 ? 5   SER C N   1 
ATOM   352  C CA  . SER C 1 5  ? -6.58864  -7.27681  7.73331   1.000 27.44384 ? 5   SER C CA  1 
ATOM   353  C C   . SER C 1 5  ? -6.05121  -6.36284  8.83025   1.000 24.59806 ? 5   SER C C   1 
ATOM   354  O O   . SER C 1 5  ? -5.49158  -5.29899  8.54277   1.000 26.08665 ? 5   SER C O   1 
ATOM   355  C CB  . SER C 1 5  ? -8.07569  -7.02667  7.49890   1.000 30.38154 ? 5   SER C CB  1 
ATOM   356  O OG  . SER C 1 5  ? -8.81034  -7.12642  8.70780   1.000 40.13420 ? 5   SER C OG  1 
ATOM   357  N N   . ALA C 1 6  ? -6.21901  -6.75163  10.09674  1.000 27.99527 ? 6   ALA C N   1 
ATOM   358  C CA  . ALA C 1 6  ? -5.67095  -5.94531  11.18241  1.000 25.98738 ? 6   ALA C CA  1 
ATOM   359  C C   . ALA C 1 6  ? -4.14883  -5.89564  11.11285  1.000 25.40809 ? 6   ALA C C   1 
ATOM   360  O O   . ALA C 1 6  ? -3.54256  -4.83531  11.33029  1.000 26.07325 ? 6   ALA C O   1 
ATOM   361  C CB  . ALA C 1 6  ? -6.12465  -6.50155  12.53275  1.000 32.90157 ? 6   ALA C CB  1 
ATOM   362  N N   . LEU C 1 7  ? -3.52283  -7.03996  10.81554  1.000 26.55912 ? 7   LEU C N   1 
ATOM   363  C CA  . LEU C 1 7  ? -2.07644  -7.12162  10.61250  1.000 23.21040 ? 7   LEU C CA  1 
ATOM   364  C C   . LEU C 1 7  ? -1.63923  -6.24154  9.44971   1.000 22.96198 ? 7   LEU C C   1 
ATOM   365  O O   . LEU C 1 7  ? -0.67889  -5.47049  9.55989   1.000 23.35362 ? 7   LEU C O   1 
ATOM   366  C CB  . LEU C 1 7  ? -1.69281  -8.58587  10.35445  1.000 28.25054 ? 7   LEU C CB  1 
ATOM   367  C CG  . LEU C 1 7  ? -1.41673  -9.51775  11.52951  1.000 34.36471 ? 7   LEU C CG  1 
ATOM   368  C CD1 . LEU C 1 7  ? -0.58873  -10.71010 11.06835  1.000 30.64172 ? 7   LEU C CD1 1 
ATOM   369  C CD2 . LEU C 1 7  ? -0.70644  -8.76603  12.63336  1.000 36.84668 ? 7   LEU C CD2 1 
ATOM   370  N N   . ALA C 1 8  ? -2.34197  -6.34480  8.32022   1.000 25.56218 ? 8   ALA C N   1 
ATOM   371  C CA  . ALA C 1 8  ? -1.99386  -5.52611  7.16824   1.000 20.91913 ? 8   ALA C CA  1 
ATOM   372  C C   . ALA C 1 8  ? -2.15958  -4.04804  7.48879   1.000 23.77217 ? 8   ALA C C   1 
ATOM   373  O O   . ALA C 1 8  ? -1.36345  -3.21568  7.04048   1.000 24.49070 ? 8   ALA C O   1 
ATOM   374  C CB  . ALA C 1 8  ? -2.84192  -5.91827  5.96115   1.000 23.36754 ? 8   ALA C CB  1 
ATOM   375  N N   . ASP C 1 9  ? -3.18999  -3.69752  8.26191   1.000 20.81728 ? 9   ASP C N   1 
ATOM   376  C CA  . ASP C 1 9  ? -3.34404  -2.29884  8.65849   1.000 24.18219 ? 9   ASP C CA  1 
ATOM   377  C C   . ASP C 1 9  ? -2.16178  -1.81756  9.49453   1.000 23.74986 ? 9   ASP C C   1 
ATOM   378  O O   . ASP C 1 9  ? -1.69879  -0.68033  9.32803   1.000 24.51289 ? 9   ASP C O   1 
ATOM   379  C CB  . ASP C 1 9  ? -4.66121  -2.11417  9.41475   1.000 23.19491 ? 9   ASP C CB  1 
ATOM   380  C CG  . ASP C 1 9  ? -5.86653  -2.25882  8.51481   1.000 24.95005 ? 9   ASP C CG  1 
ATOM   381  O OD1 . ASP C 1 9  ? -5.70649  -2.15727  7.28972   1.000 22.60810 ? 9   ASP C OD1 1 
ATOM   382  O OD2 . ASP C 1 9  ? -6.97803  -2.48435  9.03366   1.000 31.05749 ? 9   ASP C OD2 1 
ATOM   383  N N   . GLU C 1 10 ? -1.64949  -2.66839  10.39572  1.000 23.56316 ? 10  GLU C N   1 
ATOM   384  C CA  . GLU C 1 10 ? -0.49744  -2.26108  11.19312  1.000 22.76318 ? 10  GLU C CA  1 
ATOM   385  C C   . GLU C 1 10 ? 0.75871   -2.18618  10.34638  1.000 19.23233 ? 10  GLU C C   1 
ATOM   386  O O   . GLU C 1 10 ? 1.60348   -1.31086  10.56687  1.000 20.08441 ? 10  GLU C O   1 
ATOM   387  C CB  . GLU C 1 10 ? -0.29037  -3.20588  12.37483  1.000 26.07644 ? 10  GLU C CB  1 
ATOM   388  C CG  . GLU C 1 10 ? -1.50834  -3.31448  13.26612  1.000 31.69285 ? 10  GLU C CG  1 
ATOM   389  C CD  . GLU C 1 10 ? -1.32704  -4.34917  14.35144  1.000 39.57796 ? 10  GLU C CD  1 
ATOM   390  O OE1 . GLU C 1 10 ? -0.43710  -4.15629  15.21161  1.000 42.84796 ? 10  GLU C OE1 1 
ATOM   391  O OE2 . GLU C 1 10 ? -2.04982  -5.36549  14.32952  1.000 44.64781 ? 10  GLU C OE2 1 
ATOM   392  N N   . LEU C 1 11 ? 0.89251   -3.07961  9.36131   1.000 22.71800 ? 11  LEU C N   1 
ATOM   393  C CA  . LEU C 1 11 ? 2.03202   -3.00669  8.45387   1.000 21.67077 ? 11  LEU C CA  1 
ATOM   394  C C   . LEU C 1 11 ? 2.02730   -1.69535  7.68247   1.000 22.42748 ? 11  LEU C C   1 
ATOM   395  O O   . LEU C 1 11 ? 3.07313   -1.06275  7.50671   1.000 21.55248 ? 11  LEU C O   1 
ATOM   396  C CB  . LEU C 1 11 ? 2.01109   -4.18643  7.48927   1.000 20.52237 ? 11  LEU C CB  1 
ATOM   397  C CG  . LEU C 1 11 ? 2.52217   -5.49983  8.07649   1.000 21.41002 ? 11  LEU C CG  1 
ATOM   398  C CD1 . LEU C 1 11 ? 2.29580   -6.59246  7.06287   1.000 23.04744 ? 11  LEU C CD1 1 
ATOM   399  C CD2 . LEU C 1 11 ? 4.00638   -5.40564  8.38477   1.000 22.40391 ? 11  LEU C CD2 1 
ATOM   400  N N   . GLU C 1 12 ? 0.85286   -1.26487  7.23648   1.000 22.29478 ? 12  GLU C N   1 
ATOM   401  C CA  . GLU C 1 12 ? 0.75499   -0.00489  6.51078   1.000 20.88549 ? 12  GLU C CA  1 
ATOM   402  C C   . GLU C 1 12 ? 1.05584   1.18897   7.40386   1.000 22.96694 ? 12  GLU C C   1 
ATOM   403  O O   . GLU C 1 12 ? 1.68278   2.15161   6.95632   1.000 22.12564 ? 12  GLU C O   1 
ATOM   404  C CB  . GLU C 1 12 ? -0.62009  0.10728   5.87837   1.000 23.00631 ? 12  GLU C CB  1 
ATOM   405  C CG  . GLU C 1 12 ? -0.74879  -0.86674  4.74928   1.000 23.47914 ? 12  GLU C CG  1 
ATOM   406  C CD  . GLU C 1 12 ? -2.01918  -0.68759  3.98568   1.000 28.34579 ? 12  GLU C CD  1 
ATOM   407  O OE1 . GLU C 1 12 ? -2.58796  0.42936   4.00396   1.000 34.86200 ? 12  GLU C OE1 1 
ATOM   408  O OE2 . GLU C 1 12 ? -2.44944  -1.68406  3.38489   1.000 24.66754 ? 12  GLU C OE2 1 
ATOM   409  N N   . GLN C 1 13 ? 0.58019   1.16663   8.65195   1.000 22.39134 ? 13  GLN C N   1 
ATOM   410  C CA  . GLN C 1 13 ? 0.94044   2.21744   9.59713   1.000 19.51871 ? 13  GLN C CA  1 
ATOM   411  C C   . GLN C 1 13 ? 2.45104   2.25379   9.81875   1.000 20.30577 ? 13  GLN C C   1 
ATOM   412  O O   . GLN C 1 13 ? 3.06502   3.32290   9.84592   1.000 22.65225 ? 13  GLN C O   1 
ATOM   413  C CB  . GLN C 1 13 ? 0.19823   1.99104   10.91541  1.000 24.83844 ? 13  GLN C CB  1 
ATOM   414  C CG  . GLN C 1 13 ? 0.63752   2.90878   12.03408  1.000 27.42221 ? 13  GLN C CG  1 
ATOM   415  C CD  . GLN C 1 13 ? 0.39385   4.36269   11.71191  1.000 32.54878 ? 13  GLN C CD  1 
ATOM   416  O OE1 . GLN C 1 13 ? -0.66151  4.72688   11.17416  1.000 32.29030 ? 13  GLN C OE1 1 
ATOM   417  N NE2 . GLN C 1 13 ? 1.36578   5.21195   12.03994  1.000 31.79532 ? 13  GLN C NE2 1 
ATOM   418  N N   . LEU C 1 14 ? 3.06872   1.08279   9.98687   1.000 19.81970 ? 14  LEU C N   1 
ATOM   419  C CA  . LEU C 1 14 ? 4.52128   1.02923   10.10129  1.000 20.22232 ? 14  LEU C CA  1 
ATOM   420  C C   . LEU C 1 14 ? 5.20700   1.60670   8.85841   1.000 19.73445 ? 14  LEU C C   1 
ATOM   421  O O   . LEU C 1 14 ? 6.22001   2.30720   8.96775   1.000 19.33146 ? 14  LEU C O   1 
ATOM   422  C CB  . LEU C 1 14 ? 4.96003   -0.41831  10.34493  1.000 22.59005 ? 14  LEU C CB  1 
ATOM   423  C CG  . LEU C 1 14 ? 6.38931   -0.56470  10.87425  1.000 25.89105 ? 14  LEU C CG  1 
ATOM   424  C CD1 . LEU C 1 14 ? 6.44446   -1.63636  11.96101  1.000 29.42755 ? 14  LEU C CD1 1 
ATOM   425  C CD2 . LEU C 1 14 ? 7.34079   -0.88148  9.74314   1.000 29.53211 ? 14  LEU C CD2 1 
ATOM   426  N N   . ALA C 1 15 ? 4.68478   1.30756   7.66625   1.000 21.10460 ? 15  ALA C N   1 
ATOM   427  C CA  . ALA C 1 15 ? 5.27577   1.84711   6.44302   1.000 21.20306 ? 15  ALA C CA  1 
ATOM   428  C C   . ALA C 1 15 ? 5.21276   3.37271   6.42571   1.000 18.55864 ? 15  ALA C C   1 
ATOM   429  O O   . ALA C 1 15 ? 6.18486   4.04343   6.04699   1.000 20.93880 ? 15  ALA C O   1 
ATOM   430  C CB  . ALA C 1 15 ? 4.57464   1.25784   5.21740   1.000 19.22909 ? 15  ALA C CB  1 
ATOM   431  N N   . TYR C 1 16 ? 4.08601   3.93870   6.86339   1.000 20.70202 ? 16  TYR C N   1 
ATOM   432  C CA  . TYR C 1 16 ? 3.97569   5.38818   6.98756   1.000 22.35350 ? 16  TYR C CA  1 
ATOM   433  C C   . TYR C 1 16 ? 5.08991   5.94146   7.86162   1.000 24.43552 ? 16  TYR C C   1 
ATOM   434  O O   . TYR C 1 16 ? 5.76040   6.91208   7.49370   1.000 26.74535 ? 16  TYR C O   1 
ATOM   435  C CB  . TYR C 1 16 ? 2.60351   5.74252   7.56355   1.000 22.81526 ? 16  TYR C CB  1 
ATOM   436  C CG  . TYR C 1 16 ? 2.29678   7.21349   7.65768   1.000 28.02707 ? 16  TYR C CG  1 
ATOM   437  C CD1 . TYR C 1 16 ? 2.20631   7.99687   6.51676   1.000 26.55693 ? 16  TYR C CD1 1 
ATOM   438  C CD2 . TYR C 1 16 ? 2.06927   7.80927   8.88530   1.000 28.80640 ? 16  TYR C CD2 1 
ATOM   439  C CE1 . TYR C 1 16 ? 1.90559   9.35978   6.60503   1.000 26.47311 ? 16  TYR C CE1 1 
ATOM   440  C CE2 . TYR C 1 16 ? 1.76925   9.16715   8.97931   1.000 27.69384 ? 16  TYR C CE2 1 
ATOM   441  C CZ  . TYR C 1 16 ? 1.68158   9.92526   7.83505   1.000 28.53569 ? 16  TYR C CZ  1 
ATOM   442  O OH  . TYR C 1 16 ? 1.38006   11.27297  7.93123   1.000 30.00176 ? 16  TYR C OH  1 
ATOM   443  N N   . GLU C 1 17 ? 5.32116   5.31783   9.01856   1.000 20.73316 ? 17  GLU C N   1 
ATOM   444  C CA  . GLU C 1 17 ? 6.35954   5.80993   9.91302   1.000 21.45590 ? 17  GLU C CA  1 
ATOM   445  C C   . GLU C 1 17 ? 7.74097   5.65382   9.29280   1.000 23.21500 ? 17  GLU C C   1 
ATOM   446  O O   . GLU C 1 17 ? 8.59936   6.52327   9.46331   1.000 24.63639 ? 17  GLU C O   1 
ATOM   447  C CB  . GLU C 1 17 ? 6.26194   5.10442   11.26660  1.000 21.36748 ? 17  GLU C CB  1 
ATOM   448  C CG  . GLU C 1 17 ? 4.84760   5.16797   11.82055  1.000 26.22772 ? 17  GLU C CG  1 
ATOM   449  C CD  . GLU C 1 17 ? 4.68065   4.57882   13.19997  1.000 28.20400 ? 17  GLU C CD  1 
ATOM   450  O OE1 . GLU C 1 17 ? 5.62856   4.63968   14.01319  1.000 27.80150 ? 17  GLU C OE1 1 
ATOM   451  O OE2 . GLU C 1 17 ? 3.57633   4.06069   13.47064  1.000 31.14922 ? 17  GLU C OE2 1 
ATOM   452  N N   . VAL C 1 18 ? 7.96907   4.56684   8.54634   1.000 20.21974 ? 18  VAL C N   1 
ATOM   453  C CA  . VAL C 1 18 ? 9.26879   4.38024   7.90517   1.000 21.94351 ? 18  VAL C CA  1 
ATOM   454  C C   . VAL C 1 18 ? 9.55611   5.48954   6.90611   1.000 22.51582 ? 18  VAL C C   1 
ATOM   455  O O   . VAL C 1 18 ? 10.71186  5.89707   6.73139   1.000 25.84624 ? 18  VAL C O   1 
ATOM   456  C CB  . VAL C 1 18 ? 9.32640   2.99591   7.23707   1.000 22.06605 ? 18  VAL C CB  1 
ATOM   457  C CG1 . VAL C 1 18 ? 10.51456  2.90531   6.27071   1.000 23.43695 ? 18  VAL C CG1 1 
ATOM   458  C CG2 . VAL C 1 18 ? 9.41601   1.93345   8.29674   1.000 23.42530 ? 18  VAL C CG2 1 
ATOM   459  N N   . GLU C 1 19 ? 8.52071   5.99500   6.23996   1.000 27.30898 ? 19  GLU C N   1 
ATOM   460  C CA  . GLU C 1 19 ? 8.70315   7.10174   5.30606   1.000 27.80704 ? 19  GLU C CA  1 
ATOM   461  C C   . GLU C 1 19 ? 9.25557   8.34770   5.97620   1.000 27.88913 ? 19  GLU C C   1 
ATOM   462  O O   . GLU C 1 19 ? 9.83901   9.19858   5.29522   1.000 31.74226 ? 19  GLU C O   1 
ATOM   463  C CB  . GLU C 1 19 ? 7.38701   7.47727   4.64553   1.000 30.19960 ? 19  GLU C CB  1 
ATOM   464  C CG  . GLU C 1 19 ? 7.05197   6.66453   3.45254   1.000 28.02772 ? 19  GLU C CG  1 
ATOM   465  C CD  . GLU C 1 19 ? 5.71926   7.05499   2.89425   1.000 31.83158 ? 19  GLU C CD  1 
ATOM   466  O OE1 . GLU C 1 19 ? 5.45810   8.27675   2.77339   1.000 33.31536 ? 19  GLU C OE1 1 
ATOM   467  O OE2 . GLU C 1 19 ? 4.91312   6.15263   2.61995   1.000 30.89030 ? 19  GLU C OE2 1 
ATOM   468  N N   . HIS C 1 20 ? 9.03758   8.50336   7.28369   1.000 26.27822 ? 20  HIS C N   1 
ATOM   469  C CA  . HIS C 1 20 ? 9.50425   9.69463   7.98686   1.000 32.37340 ? 20  HIS C CA  1 
ATOM   470  C C   . HIS C 1 20 ? 10.95979  9.58762   8.40816   1.000 32.00909 ? 20  HIS C C   1 
ATOM   471  O O   . HIS C 1 20 ? 11.50979  10.56519  8.92654   1.000 30.66190 ? 20  HIS C O   1 
ATOM   472  C CB  . HIS C 1 20 ? 8.66482   9.97922   9.23607   1.000 27.80844 ? 20  HIS C CB  1 
ATOM   473  C CG  . HIS C 1 20 ? 7.23371   10.34267  8.96290   1.000 30.25617 ? 20  HIS C CG  1 
ATOM   474  N ND1 . HIS C 1 20 ? 6.33775   9.48468   8.36120   1.000 24.26437 ? 20  HIS C ND1 1 
ATOM   475  C CD2 . HIS C 1 20 ? 6.54443   11.47910  9.22472   1.000 33.85358 ? 20  HIS C CD2 1 
ATOM   476  C CE1 . HIS C 1 20 ? 5.15632   10.07291  8.27346   1.000 27.09111 ? 20  HIS C CE1 1 
ATOM   477  N NE2 . HIS C 1 20 ? 5.25789   11.28658  8.78438   1.000 30.87073 ? 20  HIS C NE2 1 
ATOM   478  N N   . LEU C 1 21 ? 11.58154  8.42911   8.22365   1.000 26.52015 ? 21  LEU C N   1 
ATOM   479  C CA  . LEU C 1 21 ? 12.98272  8.25187   8.56967   1.000 30.30047 ? 21  LEU C CA  1 
ATOM   480  C C   . LEU C 1 21 ? 13.86395  8.79723   7.44705   1.000 34.27816 ? 21  LEU C C   1 
ATOM   481  O O   . LEU C 1 21 ? 13.38108  9.23978   6.40261   1.000 32.17015 ? 21  LEU C O   1 
ATOM   482  C CB  . LEU C 1 21 ? 13.27251  6.77597   8.83669   1.000 24.42994 ? 21  LEU C CB  1 
ATOM   483  C CG  . LEU C 1 21 ? 12.41657  6.02254   9.85047   1.000 28.89416 ? 21  LEU C CG  1 
ATOM   484  C CD1 . LEU C 1 21 ? 12.84072  4.53712   9.90016   1.000 22.30302 ? 21  LEU C CD1 1 
ATOM   485  C CD2 . LEU C 1 21 ? 12.55118  6.65828   11.21886  1.000 31.81445 ? 21  LEU C CD2 1 
ATOM   486  N N   . SER C 1 22 ? 15.17927  8.75940   7.64178   1.000 33.19317 ? 22  SER C N   1 
ATOM   487  C CA  . SER C 1 22 ? 16.09106  9.26957   6.63101   1.000 37.91539 ? 22  SER C CA  1 
ATOM   488  C C   . SER C 1 22 ? 17.15991  8.23045   6.32344   1.000 39.98272 ? 22  SER C C   1 
ATOM   489  O O   . SER C 1 22 ? 17.31752  7.22937   7.03150   1.000 39.40754 ? 22  SER C O   1 
ATOM   490  C CB  . SER C 1 22 ? 16.72198  10.60632  7.06338   1.000 40.12198 ? 22  SER C CB  1 
ATOM   491  O OG  . SER C 1 22 ? 17.33855  10.52052  8.33551   1.000 40.38001 ? 22  SER C OG  1 
ATOM   492  N N   . SER C 1 23 ? 17.88244  8.47297   5.23487   1.000 41.59545 ? 23  SER C N   1 
ATOM   493  C CA  . SER C 1 23 ? 18.90943  7.54663   4.76978   1.000 45.47765 ? 23  SER C CA  1 
ATOM   494  C C   . SER C 1 23 ? 20.11829  7.55979   5.70401   1.000 45.06548 ? 23  SER C C   1 
ATOM   495  O O   . SER C 1 23 ? 20.83333  6.56204   5.84357   1.000 45.16338 ? 23  SER C O   1 
ATOM   496  C CB  . SER C 1 23 ? 19.33604  7.89567   3.33931   1.000 44.35683 ? 23  SER C CB  1 
ATOM   497  O OXT . SER C 1 23 ? 20.40994  8.57343   6.34568   1.000 46.98995 ? 23  SER C OXT 1 
ATOM   498  N N   . THR D 2 1  ? 8.55081   10.75823  16.36694  1.000 41.39286 ? 1   THR D N   1 
ATOM   499  C CA  . THR D 2 1  ? 8.79256   9.68341   15.41016  1.000 45.33563 ? 1   THR D CA  1 
ATOM   500  C C   . THR D 2 1  ? 9.58869   8.54398   16.05036  1.000 44.61986 ? 1   THR D C   1 
ATOM   501  O O   . THR D 2 1  ? 10.66462  8.76734   16.60895  1.000 48.09352 ? 1   THR D O   1 
ATOM   502  C CB  . THR D 2 1  ? 9.54654   10.19487  14.16684  1.000 48.09693 ? 1   THR D CB  1 
ATOM   503  N N   . ALA D 2 2  ? 9.05332   7.32615   15.96685  1.000 41.18317 ? 2   ALA D N   1 
ATOM   504  C CA  . ALA D 2 2  ? 9.73119   6.16771   16.53596  1.000 40.66813 ? 2   ALA D CA  1 
ATOM   505  C C   . ALA D 2 2  ? 11.09658  5.96860   15.88489  1.000 35.44382 ? 2   ALA D C   1 
ATOM   506  O O   . ALA D 2 2  ? 11.32998  6.36535   14.73897  1.000 35.36523 ? 2   ALA D O   1 
ATOM   507  C CB  . ALA D 2 2  ? 8.87616   4.91078   16.36661  1.000 39.31000 ? 2   ALA D CB  1 
ATOM   508  N N   . SER D 2 3  ? 12.01694  5.36762   16.63823  1.000 32.63427 ? 3   SER D N   1 
ATOM   509  C CA  . SER D 2 3  ? 13.36362  5.18737   16.12836  1.000 30.68682 ? 3   SER D CA  1 
ATOM   510  C C   . SER D 2 3  ? 13.40248  4.03307   15.13740  1.000 29.04710 ? 3   SER D C   1 
ATOM   511  O O   . SER D 2 3  ? 12.52146  3.16994   15.14588  1.000 32.00580 ? 3   SER D O   1 
ATOM   512  C CB  . SER D 2 3  ? 14.33794  4.92335   17.26989  1.000 32.76575 ? 3   SER D CB  1 
ATOM   513  O OG  . SER D 2 3  ? 14.11366  3.65375   17.83273  1.000 32.32208 ? 3   SER D OG  1 
ATOM   514  N N   . PRO D 2 4  ? 14.40790  4.01010   14.25312  1.000 29.86087 ? 4   PRO D N   1 
ATOM   515  C CA  . PRO D 2 4  ? 14.55007  2.85895   13.34348  1.000 29.55689 ? 4   PRO D CA  1 
ATOM   516  C C   . PRO D 2 4  ? 14.53776  1.53095   14.07370  1.000 31.78560 ? 4   PRO D C   1 
ATOM   517  O O   . PRO D 2 4  ? 13.88581  0.57864   13.62519  1.000 25.85170 ? 4   PRO D O   1 
ATOM   518  C CB  . PRO D 2 4  ? 15.89644  3.12808   12.65611  1.000 26.86860 ? 4   PRO D CB  1 
ATOM   519  C CG  . PRO D 2 4  ? 16.01835  4.64401   12.68270  1.000 32.03426 ? 4   PRO D CG  1 
ATOM   520  C CD  . PRO D 2 4  ? 15.40904  5.05943   13.98556  1.000 32.51576 ? 4   PRO D CD  1 
ATOM   521  N N   . HIS D 2 5  ? 15.21049  1.46084   15.22492  1.000 35.34034 ? 5   HIS D N   1 
ATOM   522  C CA  . HIS D 2 5  ? 15.27609  0.21078   15.97137  1.000 32.95753 ? 5   HIS D CA  1 
ATOM   523  C C   . HIS D 2 5  ? 13.91004  -0.19594  16.51339  1.000 34.29004 ? 5   HIS D C   1 
ATOM   524  O O   . HIS D 2 5  ? 13.54546  -1.37552  16.46158  1.000 29.70510 ? 5   HIS D O   1 
ATOM   525  C CB  . HIS D 2 5  ? 16.28791  0.32820   17.11252  1.000 37.69101 ? 5   HIS D CB  1 
ATOM   526  C CG  . HIS D 2 5  ? 16.32195  -0.87438  18.00356  1.000 39.39284 ? 5   HIS D CG  1 
ATOM   527  N ND1 . HIS D 2 5  ? 16.86243  -2.07723  17.60601  1.000 40.67241 ? 5   HIS D ND1 1 
ATOM   528  C CD2 . HIS D 2 5  ? 15.86616  -1.06395  19.26491  1.000 37.94776 ? 5   HIS D CD2 1 
ATOM   529  C CE1 . HIS D 2 5  ? 16.74695  -2.95468  18.58690  1.000 42.31298 ? 5   HIS D CE1 1 
ATOM   530  N NE2 . HIS D 2 5  ? 16.14533  -2.36454  19.60490  1.000 41.60977 ? 5   HIS D NE2 1 
ATOM   531  N N   . ALA D 2 6  ? 13.14505  0.75761   17.05095  1.000 29.62490 ? 6   ALA D N   1 
ATOM   532  C CA  . ALA D 2 6  ? 11.81261  0.41750   17.54369  1.000 28.07228 ? 6   ALA D CA  1 
ATOM   533  C C   . ALA D 2 6  ? 10.90093  -0.02795  16.40698  1.000 25.97946 ? 6   ALA D C   1 
ATOM   534  O O   . ALA D 2 6  ? 10.11039  -0.96687  16.56901  1.000 26.94644 ? 6   ALA D O   1 
ATOM   535  C CB  . ALA D 2 6  ? 11.20457  1.60547   18.28601  1.000 34.73878 ? 6   ALA D CB  1 
ATOM   536  N N   . LEU D 2 7  ? 10.99976  0.63798   15.25010  1.000 25.38684 ? 7   LEU D N   1 
ATOM   537  C CA  . LEU D 2 7  ? 10.21442  0.24544   14.08285  1.000 25.43586 ? 7   LEU D CA  1 
ATOM   538  C C   . LEU D 2 7  ? 10.63229  -1.12772  13.57678  1.000 25.04932 ? 7   LEU D C   1 
ATOM   539  O O   . LEU D 2 7  ? 9.78589   -1.96040  13.22277  1.000 22.67965 ? 7   LEU D O   1 
ATOM   540  C CB  . LEU D 2 7  ? 10.38088  1.29453   12.98780  1.000 24.96268 ? 7   LEU D CB  1 
ATOM   541  C CG  . LEU D 2 7  ? 9.62238   2.60570   13.22737  1.000 25.78875 ? 7   LEU D CG  1 
ATOM   542  C CD1 . LEU D 2 7  ? 10.07701  3.66683   12.22809  1.000 26.59119 ? 7   LEU D CD1 1 
ATOM   543  C CD2 . LEU D 2 7  ? 8.13149   2.36712   13.12099  1.000 26.09688 ? 7   LEU D CD2 1 
ATOM   544  N N   . ALA D 2 8  ? 11.93280  -1.38361  13.54200  1.000 22.13253 ? 8   ALA D N   1 
ATOM   545  C CA  . ALA D 2 8  ? 12.40803  -2.69942  13.10761  1.000 22.47527 ? 8   ALA D CA  1 
ATOM   546  C C   . ALA D 2 8  ? 11.91379  -3.80632  14.04108  1.000 22.06420 ? 8   ALA D C   1 
ATOM   547  O O   . ALA D 2 8  ? 11.50705  -4.89169  13.58531  1.000 22.68799 ? 8   ALA D O   1 
ATOM   548  C CB  . ALA D 2 8  ? 13.93221  -2.69217  13.01454  1.000 28.54629 ? 8   ALA D CB  1 
ATOM   549  N N   . ASN D 2 9  ? 11.95026  -3.55953  15.35346  1.000 24.09687 ? 9   ASN D N   1 
ATOM   550  C CA  . ASN D 2 9  ? 11.47376  -4.55700  16.30408  1.000 27.61302 ? 9   ASN D CA  1 
ATOM   551  C C   . ASN D 2 9  ? 9.97313   -4.78342  16.15614  1.000 24.10478 ? 9   ASN D C   1 
ATOM   552  O O   . ASN D 2 9  ? 9.49623   -5.92005  16.25094  1.000 23.94140 ? 9   ASN D O   1 
ATOM   553  C CB  . ASN D 2 9  ? 11.80869  -4.13159  17.73689  1.000 29.07290 ? 9   ASN D CB  1 
ATOM   554  C CG  . ASN D 2 9  ? 13.23846  -4.46703  18.13407  1.000 35.30815 ? 9   ASN D CG  1 
ATOM   555  O OD1 . ASN D 2 9  ? 14.03329  -4.96256  17.32453  1.000 36.00248 ? 9   ASN D OD1 1 
ATOM   556  N ND2 . ASN D 2 9  ? 13.56741  -4.21309  19.39555  1.000 35.35023 ? 9   ASN D ND2 1 
ATOM   557  N N   . ARG D 2 10 ? 9.21153   -3.70925  15.93208  1.000 24.29027 ? 10  ARG D N   1 
ATOM   558  C CA  . ARG D 2 10 ? 7.78577   -3.85428  15.66230  1.000 27.12638 ? 10  ARG D CA  1 
ATOM   559  C C   . ARG D 2 10 ? 7.55663   -4.67670  14.40874  1.000 22.72655 ? 10  ARG D C   1 
ATOM   560  O O   . ARG D 2 10 ? 6.64626   -5.50712  14.36097  1.000 21.81478 ? 10  ARG D O   1 
ATOM   561  C CB  . ARG D 2 10 ? 7.12675   -2.48277  15.50164  1.000 26.07026 ? 10  ARG D CB  1 
ATOM   562  C CG  . ARG D 2 10 ? 6.72598   -1.79245  16.79648  1.000 29.55923 ? 10  ARG D CG  1 
ATOM   563  C CD  . ARG D 2 10 ? 6.50581   -0.28381  16.58039  1.000 28.35152 ? 10  ARG D CD  1 
ATOM   564  N NE  . ARG D 2 10 ? 5.49797   -0.01634  15.55934  1.000 28.74793 ? 10  ARG D NE  1 
ATOM   565  C CZ  . ARG D 2 10 ? 5.20469   1.19144   15.09002  1.000 28.31284 ? 10  ARG D CZ  1 
ATOM   566  N NH1 . ARG D 2 10 ? 5.77960   2.27901   15.57552  1.000 29.98162 ? 10  ARG D NH1 1 
ATOM   567  N NH2 . ARG D 2 10 ? 4.32253   1.30927   14.09938  1.000 28.59291 ? 10  ARG D NH2 1 
ATOM   568  N N   . LEU D 2 11 ? 8.38897   -4.46524  13.38538  1.000 19.73359 ? 11  LEU D N   1 
ATOM   569  C CA  . LEU D 2 11 ? 8.20941   -5.19856  12.14451  1.000 21.50812 ? 11  LEU D CA  1 
ATOM   570  C C   . LEU D 2 11 ? 8.54446   -6.67610  12.32960  1.000 22.27655 ? 11  LEU D C   1 
ATOM   571  O O   . LEU D 2 11 ? 7.86275   -7.53760  11.76630  1.000 20.75057 ? 11  LEU D O   1 
ATOM   572  C CB  . LEU D 2 11 ? 9.05044   -4.56419  11.03961  1.000 23.95421 ? 11  LEU D CB  1 
ATOM   573  C CG  . LEU D 2 11 ? 8.95735   -5.15558  9.62373   1.000 20.46914 ? 11  LEU D CG  1 
ATOM   574  C CD1 . LEU D 2 11 ? 7.52975   -5.31983  9.15568   1.000 24.33448 ? 11  LEU D CD1 1 
ATOM   575  C CD2 . LEU D 2 11 ? 9.73426   -4.27900  8.66171   1.000 27.00804 ? 11  LEU D CD2 1 
ATOM   576  N N   . ARG D 2 12 ? 9.55822   -6.98896  13.15034  1.000 22.51838 ? 12  ARG D N   1 
ATOM   577  C CA  . ARG D 2 12 ? 9.83443   -8.39156  13.44825  1.000 24.48102 ? 12  ARG D CA  1 
ATOM   578  C C   . ARG D 2 12 ? 8.68284   -9.02710  14.21870  1.000 24.25443 ? 12  ARG D C   1 
ATOM   579  O O   . ARG D 2 12 ? 8.34200   -10.18190 13.97060  1.000 24.80312 ? 12  ARG D O   1 
ATOM   580  C CB  . ARG D 2 12 ? 11.15721  -8.54257  14.21716  1.000 19.86314 ? 12  ARG D CB  1 
ATOM   581  C CG  . ARG D 2 12 ? 12.37035  -8.11791  13.38914  1.000 24.00218 ? 12  ARG D CG  1 
ATOM   582  C CD  . ARG D 2 12 ? 13.72804  -8.24527  14.10857  1.000 23.51698 ? 12  ARG D CD  1 
ATOM   583  N NE  . ARG D 2 12 ? 14.82170  -7.96657  13.17857  1.000 22.41788 ? 12  ARG D NE  1 
ATOM   584  C CZ  . ARG D 2 12 ? 15.24351  -8.81331  12.24583  1.000 21.79968 ? 12  ARG D CZ  1 
ATOM   585  N NH1 . ARG D 2 12 ? 14.69432  -10.00544 12.09863  1.000 24.69607 ? 12  ARG D NH1 1 
ATOM   586  N NH2 . ARG D 2 12 ? 16.23214  -8.44511  11.43330  1.000 25.34584 ? 12  ARG D NH2 1 
ATOM   587  N N   . GLN D 2 13 ? 8.00869   -8.27378  15.09698  1.000 23.59767 ? 13  GLN D N   1 
ATOM   588  C CA  . GLN D 2 13 ? 6.90207   -8.89860  15.80785  1.000 24.71544 ? 13  GLN D CA  1 
ATOM   589  C C   . GLN D 2 13 ? 5.73623   -9.14247  14.85339  1.000 25.00512 ? 13  GLN D C   1 
ATOM   590  O O   . GLN D 2 13 ? 5.06742   -10.17717 14.92754  1.000 27.03691 ? 13  GLN D O   1 
ATOM   591  C CB  . GLN D 2 13 ? 6.49074   -8.05092  17.01214  1.000 28.60832 ? 13  GLN D CB  1 
ATOM   592  C CG  . GLN D 2 13 ? 5.72744   -8.84765  18.09464  1.000 33.62232 ? 13  GLN D CG  1 
ATOM   593  C CD  . GLN D 2 13 ? 4.29916   -9.23760  17.73467  1.000 39.17143 ? 13  GLN D CD  1 
ATOM   594  O OE1 . GLN D 2 13 ? 3.72193   -10.14274 18.35264  1.000 39.99421 ? 13  GLN D OE1 1 
ATOM   595  N NE2 . GLN D 2 13 ? 3.68722   -8.48833  16.81935  1.000 42.53870 ? 13  GLN D NE2 1 
ATOM   596  N N   . LEU D 2 14 ? 5.51387   -8.22717  13.90911  1.000 23.96853 ? 14  LEU D N   1 
ATOM   597  C CA  . LEU D 2 14 ? 4.47527   -8.46405  12.92132  1.000 21.89820 ? 14  LEU D CA  1 
ATOM   598  C C   . LEU D 2 14 ? 4.83000   -9.63186  12.01730  1.000 22.85165 ? 14  LEU D C   1 
ATOM   599  O O   . LEU D 2 14 ? 3.94115   -10.38014 11.60784  1.000 22.12945 ? 14  LEU D O   1 
ATOM   600  C CB  . LEU D 2 14 ? 4.23001   -7.18547  12.10753  1.000 21.94815 ? 14  LEU D CB  1 
ATOM   601  C CG  . LEU D 2 14 ? 3.75896   -5.94599  12.88783  1.000 28.05783 ? 14  LEU D CG  1 
ATOM   602  C CD1 . LEU D 2 14 ? 3.61795   -4.73341  11.95561  1.000 21.91340 ? 14  LEU D CD1 1 
ATOM   603  C CD2 . LEU D 2 14 ? 2.45305   -6.20561  13.61540  1.000 35.46532 ? 14  LEU D CD2 1 
ATOM   604  N N   . ALA D 2 15 ? 6.12013   -9.82609  11.72075  1.000 22.21520 ? 15  ALA D N   1 
ATOM   605  C CA  . ALA D 2 15 ? 6.51538   -10.94883 10.87996  1.000 21.85271 ? 15  ALA D CA  1 
ATOM   606  C C   . ALA D 2 15 ? 6.23797   -12.27656 11.57301  1.000 22.98875 ? 15  ALA D C   1 
ATOM   607  O O   . ALA D 2 15 ? 5.85954   -13.26226 10.92283  1.000 20.61885 ? 15  ALA D O   1 
ATOM   608  C CB  . ALA D 2 15 ? 7.99430   -10.83043 10.51231  1.000 23.43048 ? 15  ALA D CB  1 
ATOM   609  N N   . TYR D 2 16 ? 6.45274   -12.33374 12.88851  1.000 24.31967 ? 16  TYR D N   1 
ATOM   610  C CA  . TYR D 2 16 ? 6.05417   -13.51854 13.63974  1.000 24.83769 ? 16  TYR D CA  1 
ATOM   611  C C   . TYR D 2 16 ? 4.55401   -13.75277 13.52154  1.000 28.43617 ? 16  TYR D C   1 
ATOM   612  O O   . TYR D 2 16 ? 4.10358   -14.89232 13.35870  1.000 30.01264 ? 16  TYR D O   1 
ATOM   613  C CB  . TYR D 2 16 ? 6.46228   -13.37442 15.10888  1.000 26.27823 ? 16  TYR D CB  1 
ATOM   614  C CG  . TYR D 2 16 ? 5.59619   -14.18815 16.03457  1.000 24.14473 ? 16  TYR D CG  1 
ATOM   615  C CD1 . TYR D 2 16 ? 5.66440   -15.57555 16.04787  1.000 27.82835 ? 16  TYR D CD1 1 
ATOM   616  C CD2 . TYR D 2 16 ? 4.66733   -13.56460 16.86237  1.000 31.38987 ? 16  TYR D CD2 1 
ATOM   617  C CE1 . TYR D 2 16 ? 4.84827   -16.32390 16.88197  1.000 27.89079 ? 16  TYR D CE1 1 
ATOM   618  C CE2 . TYR D 2 16 ? 3.85447   -14.29960 17.69278  1.000 30.39074 ? 16  TYR D CE2 1 
ATOM   619  C CZ  . TYR D 2 16 ? 3.95093   -15.67504 17.70121  1.000 30.58660 ? 16  TYR D CZ  1 
ATOM   620  O OH  . TYR D 2 16 ? 3.12654   -16.38888 18.52743  1.000 32.80246 ? 16  TYR D OH  1 
ATOM   621  N N   . ARG D 2 17 ? 3.75326   -12.68197 13.59427  1.000 22.37321 ? 17  ARG D N   1 
ATOM   622  C CA  . ARG D 2 17 ? 2.31855   -12.90021 13.48169  1.000 25.86861 ? 17  ARG D CA  1 
ATOM   623  C C   . ARG D 2 17 ? 1.92470   -13.30683 12.06763  1.000 27.12653 ? 17  ARG D C   1 
ATOM   624  O O   . ARG D 2 17 ? 0.98247   -14.08341 11.89320  1.000 26.74633 ? 17  ARG D O   1 
ATOM   625  C CB  . ARG D 2 17 ? 1.56346   -11.65690 13.95551  1.000 24.20825 ? 17  ARG D CB  1 
ATOM   626  C CG  . ARG D 2 17 ? 1.86415   -11.38808 15.42763  1.000 29.78331 ? 17  ARG D CG  1 
ATOM   627  C CD  . ARG D 2 17 ? 0.84039   -10.55887 16.17443  1.000 41.83009 ? 17  ARG D CD  1 
ATOM   628  N NE  . ARG D 2 17 ? 0.69888   -9.20167  15.66388  1.000 43.84752 ? 17  ARG D NE  1 
ATOM   629  C CZ  . ARG D 2 17 ? -0.34287  -8.41704  15.90734  1.000 44.94742 ? 17  ARG D CZ  1 
ATOM   630  N NH1 . ARG D 2 17 ? -1.38942  -8.85014  16.59304  1.000 47.50843 ? 17  ARG D NH1 1 
ATOM   631  N NH2 . ARG D 2 17 ? -0.32668  -7.16330  15.46540  1.000 37.15299 ? 17  ARG D NH2 1 
ATOM   632  N N   . VAL D 2 18 ? 2.64994   -12.82827 11.05360  1.000 23.60044 ? 18  VAL D N   1 
ATOM   633  C CA  . VAL D 2 18 ? 2.36422   -13.26155 9.68711   1.000 23.20114 ? 18  VAL D CA  1 
ATOM   634  C C   . VAL D 2 18 ? 2.73890   -14.72022 9.49684   1.000 27.73045 ? 18  VAL D C   1 
ATOM   635  O O   . VAL D 2 18 ? 2.00322   -15.48281 8.86455   1.000 26.70843 ? 18  VAL D O   1 
ATOM   636  C CB  . VAL D 2 18 ? 3.09251   -12.36950 8.67142   1.000 21.69185 ? 18  VAL D CB  1 
ATOM   637  C CG1 . VAL D 2 18 ? 3.01883   -12.99883 7.28795   1.000 24.63080 ? 18  VAL D CG1 1 
ATOM   638  C CG2 . VAL D 2 18 ? 2.49452   -10.95980 8.66603   1.000 23.10112 ? 18  VAL D CG2 1 
ATOM   639  N N   . ARG D 2 19 ? 3.91079   -15.11243 9.99943   1.000 23.95475 ? 19  ARG D N   1 
ATOM   640  C CA  . ARG D 2 19 ? 4.35906   -16.49660 9.91900   1.000 27.31872 ? 19  ARG D CA  1 
ATOM   641  C C   . ARG D 2 19 ? 3.33539   -17.45511 10.51853  1.000 26.16850 ? 19  ARG D C   1 
ATOM   642  O O   . ARG D 2 19 ? 3.17447   -18.58191 10.03029  1.000 31.25883 ? 19  ARG D O   1 
ATOM   643  C CB  . ARG D 2 19 ? 5.70470   -16.62412 10.63282  1.000 26.08277 ? 19  ARG D CB  1 
ATOM   644  C CG  . ARG D 2 19 ? 6.31359   -17.98382 10.49013  1.000 25.78595 ? 19  ARG D CG  1 
ATOM   645  C CD  . ARG D 2 19 ? 7.70557   -18.03140 11.05300  1.000 28.02899 ? 19  ARG D CD  1 
ATOM   646  N NE  . ARG D 2 19 ? 8.67499   -17.53246 10.09425  1.000 26.73296 ? 19  ARG D NE  1 
ATOM   647  C CZ  . ARG D 2 19 ? 9.35449   -16.41183 10.25667  1.000 21.30849 ? 19  ARG D CZ  1 
ATOM   648  N NH1 . ARG D 2 19 ? 9.17751   -15.64449 11.32803  1.000 22.42814 ? 19  ARG D NH1 1 
ATOM   649  N NH2 . ARG D 2 19 ? 10.22190  -16.03975 9.31870   1.000 23.63928 ? 19  ARG D NH2 1 
ATOM   650  N N   . SER D 2 20 ? 2.62787   -17.01739 11.56584  1.000 26.79764 ? 20  SER D N   1 
ATOM   651  C CA  . SER D 2 20 ? 1.61741   -17.81749 12.25089  1.000 29.55342 ? 20  SER D CA  1 
ATOM   652  C C   . SER D 2 20 ? 0.31845   -17.94200 11.47201  1.000 33.65023 ? 20  SER D C   1 
ATOM   653  O O   . SER D 2 20 ? -0.54788  -18.73173 11.86805  1.000 36.04150 ? 20  SER D O   1 
ATOM   654  C CB  . SER D 2 20 ? 1.30081   -17.21022 13.61516  1.000 30.97084 ? 20  SER D CB  1 
ATOM   655  O OG  . SER D 2 20 ? 2.44791   -17.12363 14.43629  1.000 37.55291 ? 20  SER D OG  1 
ATOM   656  N N   . LEU D 2 21 ? 0.14698   -17.18053 10.40025  1.000 30.89883 ? 21  LEU D N   1 
ATOM   657  C CA  . LEU D 2 21 ? -1.08693  -17.24404 9.63651   1.000 35.31088 ? 21  LEU D CA  1 
ATOM   658  C C   . LEU D 2 21 ? -1.10734  -18.51966 8.79908   1.000 40.22759 ? 21  LEU D C   1 
ATOM   659  O O   . LEU D 2 21 ? -0.10054  -19.22188 8.65519   1.000 41.93529 ? 21  LEU D O   1 
ATOM   660  C CB  . LEU D 2 21 ? -1.23725  -16.00152 8.75229   1.000 31.91347 ? 21  LEU D CB  1 
ATOM   661  C CG  . LEU D 2 21 ? -1.56139  -14.66381 9.42483   1.000 27.83628 ? 21  LEU D CG  1 
ATOM   662  C CD1 . LEU D 2 21 ? -1.70635  -13.58573 8.36751   1.000 32.24329 ? 21  LEU D CD1 1 
ATOM   663  C CD2 . LEU D 2 21 ? -2.82984  -14.72814 10.27701  1.000 34.70676 ? 21  LEU D CD2 1 
ATOM   664  N N   . SER D 2 22 ? -2.27962  -18.82426 8.24683   1.000 44.96602 ? 22  SER D N   1 
ATOM   665  C CA  . SER D 2 22 ? -2.49222  -20.05824 7.49356   1.000 47.84584 ? 22  SER D CA  1 
ATOM   666  C C   . SER D 2 22 ? -3.13416  -19.72137 6.15209   1.000 44.88765 ? 22  SER D C   1 
ATOM   667  O O   . SER D 2 22 ? -4.33594  -19.44838 6.08710   1.000 53.83229 ? 22  SER D O   1 
ATOM   668  C CB  . SER D 2 22 ? -3.35375  -21.04260 8.28506   1.000 51.73770 ? 22  SER D CB  1 
ATOM   669  O OG  . SER D 2 22 ? -2.61893  -21.65404 9.33335   1.000 53.79463 ? 22  SER D OG  1 
ATOM   670  N N   . SER D 2 23 ? -2.32905  -19.74758 5.09295   1.000 47.56644 ? 23  SER D N   1 
ATOM   671  C CA  . SER D 2 23 ? -2.82348  -19.71668 3.71843   1.000 48.38479 ? 23  SER D CA  1 
ATOM   672  C C   . SER D 2 23 ? -1.66689  -19.96064 2.75205   1.000 46.57388 ? 23  SER D C   1 
ATOM   673  O O   . SER D 2 23 ? -1.79805  -19.76054 1.54335   1.000 47.84760 ? 23  SER D O   1 
ATOM   674  C CB  . SER D 2 23 ? -3.51060  -18.38878 3.40004   1.000 48.04235 ? 23  SER D CB  1 
ATOM   675  N N   . THR E 1 1  ? -21.35919 5.43952   0.40992   1.000 52.54440 ? 1   THR E N   1 
ATOM   676  C CA  . THR E 1 1  ? -21.88056 4.59401   1.47978   1.000 52.20179 ? 1   THR E CA  1 
ATOM   677  C C   . THR E 1 1  ? -20.87363 3.52411   1.89687   1.000 49.19093 ? 1   THR E C   1 
ATOM   678  O O   . THR E 1 1  ? -21.03224 2.88403   2.93711   1.000 49.32261 ? 1   THR E O   1 
ATOM   679  C CB  . THR E 1 1  ? -23.19074 3.90905   1.06751   1.000 49.07319 ? 1   THR E CB  1 
ATOM   680  N N   . ALA E 1 2  ? -19.84247 3.31860   1.08088   1.000 49.26052 ? 2   ALA E N   1 
ATOM   681  C CA  . ALA E 1 2  ? -18.77145 2.41555   1.47148   1.000 42.37104 ? 2   ALA E CA  1 
ATOM   682  C C   . ALA E 1 2  ? -17.81905 3.11041   2.44112   1.000 36.04812 ? 2   ALA E C   1 
ATOM   683  O O   . ALA E 1 2  ? -17.68436 4.33537   2.45307   1.000 39.16479 ? 2   ALA E O   1 
ATOM   684  C CB  . ALA E 1 2  ? -18.00001 1.91286   0.25102   1.000 43.78495 ? 2   ALA E CB  1 
ATOM   685  N N   . SER E 1 3  ? -17.16129 2.30721   3.26454   1.000 35.89869 ? 3   SER E N   1 
ATOM   686  C CA  . SER E 1 3  ? -16.25071 2.85368   4.25134   1.000 28.17642 ? 3   SER E CA  1 
ATOM   687  C C   . SER E 1 3  ? -14.90253 3.18057   3.61283   1.000 25.70971 ? 3   SER E C   1 
ATOM   688  O O   . SER E 1 3  ? -14.53736 2.59863   2.58893   1.000 27.49494 ? 3   SER E O   1 
ATOM   689  C CB  . SER E 1 3  ? -16.04048 1.86641   5.39444   1.000 31.14025 ? 3   SER E CB  1 
ATOM   690  O OG  . SER E 1 3  ? -15.35265 0.70432   4.94580   1.000 31.83890 ? 3   SER E OG  1 
ATOM   691  N N   . PRO E 1 4  ? -14.16690 4.12528   4.19674   1.000 20.98527 ? 4   PRO E N   1 
ATOM   692  C CA  . PRO E 1 4  ? -12.77619 4.35149   3.77006   1.000 22.68569 ? 4   PRO E CA  1 
ATOM   693  C C   . PRO E 1 4  ? -11.96317 3.06848   3.69388   1.000 21.44365 ? 4   PRO E C   1 
ATOM   694  O O   . PRO E 1 4  ? -11.21309 2.86719   2.72703   1.000 21.57600 ? 4   PRO E O   1 
ATOM   695  C CB  . PRO E 1 4  ? -12.24558 5.29024   4.85212   1.000 20.82684 ? 4   PRO E CB  1 
ATOM   696  C CG  . PRO E 1 4  ? -13.48440 6.08920   5.26061   1.000 26.99675 ? 4   PRO E CG  1 
ATOM   697  C CD  . PRO E 1 4  ? -14.56416 5.04008   5.28089   1.000 24.95040 ? 4   PRO E CD  1 
ATOM   698  N N   . SER E 1 5  ? -12.10233 2.17904   4.68078   1.000 23.58384 ? 5   SER E N   1 
ATOM   699  C CA  . SER E 1 5  ? -11.33705 0.93551   4.65091   1.000 23.96287 ? 5   SER E CA  1 
ATOM   700  C C   . SER E 1 5  ? -11.70925 0.09228   3.43697   1.000 22.04459 ? 5   SER E C   1 
ATOM   701  O O   . SER E 1 5  ? -10.83647 -0.48670  2.77727   1.000 22.90000 ? 5   SER E O   1 
ATOM   702  C CB  . SER E 1 5  ? -11.55060 0.15795   5.95300   1.000 28.72421 ? 5   SER E CB  1 
ATOM   703  O OG  . SER E 1 5  ? -12.78892 -0.53028  5.93643   1.000 40.51289 ? 5   SER E OG  1 
ATOM   704  N N   . ALA E 1 6  ? -13.00133 0.01534   3.11616   1.000 24.82014 ? 6   ALA E N   1 
ATOM   705  C CA  . ALA E 1 6  ? -13.41815 -0.77831  1.97034   1.000 26.52675 ? 6   ALA E CA  1 
ATOM   706  C C   . ALA E 1 6  ? -12.86228 -0.20799  0.67491   1.000 20.94527 ? 6   ALA E C   1 
ATOM   707  O O   . ALA E 1 6  ? -12.42839 -0.95905  -0.20665  1.000 22.61715 ? 6   ALA E O   1 
ATOM   708  C CB  . ALA E 1 6  ? -14.94462 -0.85739  1.91629   1.000 30.83610 ? 6   ALA E CB  1 
ATOM   709  N N   . LEU E 1 7  ? -12.88942 1.11614   0.52820   1.000 20.04076 ? 7   LEU E N   1 
ATOM   710  C CA  . LEU E 1 7  ? -12.35007 1.72152   -0.68236  1.000 22.06002 ? 7   LEU E CA  1 
ATOM   711  C C   . LEU E 1 7  ? -10.84203 1.55774   -0.75106  1.000 21.68398 ? 7   LEU E C   1 
ATOM   712  O O   . LEU E 1 7  ? -10.28495 1.38893   -1.83578  1.000 21.98406 ? 7   LEU E O   1 
ATOM   713  C CB  . LEU E 1 7  ? -12.70415 3.19938   -0.73557  1.000 22.67937 ? 7   LEU E CB  1 
ATOM   714  C CG  . LEU E 1 7  ? -14.20165 3.47903   -0.80503  1.000 24.36436 ? 7   LEU E CG  1 
ATOM   715  C CD1 . LEU E 1 7  ? -14.48359 4.97662   -0.70384  1.000 22.52846 ? 7   LEU E CD1 1 
ATOM   716  C CD2 . LEU E 1 7  ? -14.74066 2.92525   -2.11009  1.000 28.90091 ? 7   LEU E CD2 1 
ATOM   717  N N   . ALA E 1 8  ? -10.16533 1.65852   0.39340   1.000 19.95429 ? 8   ALA E N   1 
ATOM   718  C CA  . ALA E 1 8  ? -8.72086  1.44889   0.41607   1.000 19.54005 ? 8   ALA E CA  1 
ATOM   719  C C   . ALA E 1 8  ? -8.37722  0.02231   0.00473   1.000 20.48925 ? 8   ALA E C   1 
ATOM   720  O O   . ALA E 1 8  ? -7.42700  -0.20855  -0.75387  1.000 20.34995 ? 8   ALA E O   1 
ATOM   721  C CB  . ALA E 1 8  ? -8.18096  1.75548   1.80770   1.000 19.63456 ? 8   ALA E CB  1 
ATOM   722  N N   . ASP E 1 9  ? -9.14317  -0.95257  0.49196   1.000 20.29035 ? 9   ASP E N   1 
ATOM   723  C CA  . ASP E 1 9  ? -8.90564  -2.33684  0.09714   1.000 20.84005 ? 9   ASP E CA  1 
ATOM   724  C C   . ASP E 1 9  ? -9.05662  -2.50689  -1.40680  1.000 20.43821 ? 9   ASP E C   1 
ATOM   725  O O   . ASP E 1 9  ? -8.22439  -3.14017  -2.06217  1.000 23.80728 ? 9   ASP E O   1 
ATOM   726  C CB  . ASP E 1 9  ? -9.86987  -3.25556  0.83639   1.000 22.45967 ? 9   ASP E CB  1 
ATOM   727  C CG  . ASP E 1 9  ? -9.59837  -3.30666  2.32186   1.000 24.72388 ? 9   ASP E CG  1 
ATOM   728  O OD1 . ASP E 1 9  ? -8.48659  -2.93037  2.74596   1.000 23.85341 ? 9   ASP E OD1 1 
ATOM   729  O OD2 . ASP E 1 9  ? -10.48969 -3.76532  3.07624   1.000 33.15510 ? 9   ASP E OD2 1 
ATOM   730  N N   . GLU E 1 10 ? -10.10605 -1.91605  -1.98165  1.000 20.07251 ? 10  GLU E N   1 
ATOM   731  C CA  . GLU E 1 10 ? -10.28685 -2.02191  -3.42337  1.000 20.35636 ? 10  GLU E CA  1 
ATOM   732  C C   . GLU E 1 10 ? -9.18424  -1.28671  -4.17748  1.000 19.01198 ? 10  GLU E C   1 
ATOM   733  O O   . GLU E 1 10 ? -8.76712  -1.73135  -5.25625  1.000 22.37504 ? 10  GLU E O   1 
ATOM   734  C CB  . GLU E 1 10 ? -11.68086 -1.49885  -3.79964  1.000 23.98360 ? 10  GLU E CB  1 
ATOM   735  C CG  . GLU E 1 10 ? -12.78047 -2.25678  -3.05272  1.000 29.67661 ? 10  GLU E CG  1 
ATOM   736  C CD  . GLU E 1 10 ? -14.17407 -1.94245  -3.55519  1.000 40.49447 ? 10  GLU E CD  1 
ATOM   737  O OE1 . GLU E 1 10 ? -14.29631 -1.42055  -4.68081  1.000 40.38126 ? 10  GLU E OE1 1 
ATOM   738  O OE2 . GLU E 1 10 ? -15.14791 -2.22368  -2.82322  1.000 40.55478 ? 10  GLU E OE2 1 
ATOM   739  N N   . LEU E 1 11 ? -8.69572  -0.17632  -3.62695  1.000 20.62966 ? 11  LEU E N   1 
ATOM   740  C CA  . LEU E 1 11 ? -7.60068  0.52761   -4.27381  1.000 18.96849 ? 11  LEU E CA  1 
ATOM   741  C C   . LEU E 1 11 ? -6.33124  -0.31882  -4.25639  1.000 18.86457 ? 11  LEU E C   1 
ATOM   742  O O   . LEU E 1 11 ? -5.54664  -0.27740  -5.20801  1.000 22.29943 ? 11  LEU E O   1 
ATOM   743  C CB  . LEU E 1 11 ? -7.37909  1.88003   -3.60455  1.000 20.14313 ? 11  LEU E CB  1 
ATOM   744  C CG  . LEU E 1 11 ? -8.42361  2.90226   -4.08064  1.000 23.22966 ? 11  LEU E CG  1 
ATOM   745  C CD1 . LEU E 1 11 ? -8.41085  4.16243   -3.24561  1.000 25.46561 ? 11  LEU E CD1 1 
ATOM   746  C CD2 . LEU E 1 11 ? -8.26471  3.22408   -5.56190  1.000 26.04034 ? 11  LEU E CD2 1 
ATOM   747  N N   . GLU E 1 12 ? -6.11279  -1.09141  -3.18508  1.000 18.30105 ? 12  GLU E N   1 
ATOM   748  C CA  . GLU E 1 12 ? -4.91374  -1.92438  -3.12270  1.000 17.93942 ? 12  GLU E CA  1 
ATOM   749  C C   . GLU E 1 12 ? -4.99293  -3.08527  -4.09544  1.000 17.16271 ? 12  GLU E C   1 
ATOM   750  O O   . GLU E 1 12 ? -3.97571  -3.48855  -4.66745  1.000 21.15485 ? 12  GLU E O   1 
ATOM   751  C CB  . GLU E 1 12 ? -4.69379  -2.45256  -1.71497  1.000 22.83600 ? 12  GLU E CB  1 
ATOM   752  C CG  . GLU E 1 12 ? -4.31377  -1.39467  -0.77057  1.000 20.90099 ? 12  GLU E CG  1 
ATOM   753  C CD  . GLU E 1 12 ? -4.05553  -1.88700  0.61802   1.000 22.21508 ? 12  GLU E CD  1 
ATOM   754  O OE1 . GLU E 1 12 ? -4.10479  -3.10470  0.88318   1.000 25.34621 ? 12  GLU E OE1 1 
ATOM   755  O OE2 . GLU E 1 12 ? -3.80002  -1.01111  1.46954   1.000 27.69880 ? 12  GLU E OE2 1 
ATOM   756  N N   . GLN E 1 13 ? -6.18609  -3.65520  -4.27291  1.000 20.23369 ? 13  GLN E N   1 
ATOM   757  C CA  . GLN E 1 13 ? -6.35245  -4.70201  -5.27663  1.000 19.45268 ? 13  GLN E CA  1 
ATOM   758  C C   . GLN E 1 13 ? -6.07396  -4.15482  -6.66892  1.000 22.67252 ? 13  GLN E C   1 
ATOM   759  O O   . GLN E 1 13 ? -5.37904  -4.79361  -7.47146  1.000 22.36188 ? 13  GLN E O   1 
ATOM   760  C CB  . GLN E 1 13 ? -7.76702  -5.28159  -5.19856  1.000 24.35879 ? 13  GLN E CB  1 
ATOM   761  C CG  . GLN E 1 13 ? -8.13753  -6.12264  -6.39136  1.000 27.51985 ? 13  GLN E CG  1 
ATOM   762  C CD  . GLN E 1 13 ? -7.36209  -7.42227  -6.40264  1.000 30.08110 ? 13  GLN E CD  1 
ATOM   763  O OE1 . GLN E 1 13 ? -6.98930  -7.93105  -5.34406  1.000 33.67607 ? 13  GLN E OE1 1 
ATOM   764  N NE2 . GLN E 1 13 ? -7.09074  -7.95364  -7.59222  1.000 32.74593 ? 13  GLN E NE2 1 
ATOM   765  N N   . LEU E 1 14 ? -6.60327  -2.96266  -6.96588  1.000 23.56955 ? 14  LEU E N   1 
ATOM   766  C CA  . LEU E 1 14 ? -6.28854  -2.29854  -8.22591  1.000 21.73654 ? 14  LEU E CA  1 
ATOM   767  C C   . LEU E 1 14 ? -4.79703  -2.06880  -8.38233  1.000 22.23055 ? 14  LEU E C   1 
ATOM   768  O O   . LEU E 1 14 ? -4.25765  -2.23303  -9.48125  1.000 22.88533 ? 14  LEU E O   1 
ATOM   769  C CB  . LEU E 1 14 ? -7.01593  -0.96113  -8.35237  1.000 23.41828 ? 14  LEU E CB  1 
ATOM   770  C CG  . LEU E 1 14 ? -8.26318  -0.88375  -9.19456  1.000 31.50485 ? 14  LEU E CG  1 
ATOM   771  C CD1 . LEU E 1 14 ? -9.04805  0.29243   -8.76572  1.000 28.80350 ? 14  LEU E CD1 1 
ATOM   772  C CD2 . LEU E 1 14 ? -7.79203  -0.64937  -10.58861 1.000 32.27166 ? 14  LEU E CD2 1 
ATOM   773  N N   . ALA E 1 15 ? -4.12294  -1.65319  -7.30489  1.000 19.83578 ? 15  ALA E N   1 
ATOM   774  C CA  . ALA E 1 15 ? -2.69072  -1.39400  -7.38614  1.000 20.55684 ? 15  ALA E CA  1 
ATOM   775  C C   . ALA E 1 15 ? -1.93788  -2.67073  -7.70512  1.000 20.39445 ? 15  ALA E C   1 
ATOM   776  O O   . ALA E 1 15 ? -0.99625  -2.66378  -8.50512  1.000 19.91833 ? 15  ALA E O   1 
ATOM   777  C CB  . ALA E 1 15 ? -2.18215  -0.78769  -6.07951  1.000 21.21692 ? 15  ALA E CB  1 
ATOM   778  N N   . TYR E 1 16 ? -2.32771  -3.77253  -7.06933  1.000 21.15027 ? 16  TYR E N   1 
ATOM   779  C CA  . TYR E 1 16 ? -1.74811  -5.06546  -7.41145  1.000 20.33204 ? 16  TYR E CA  1 
ATOM   780  C C   . TYR E 1 16 ? -1.90024  -5.34057  -8.90043  1.000 23.11677 ? 16  TYR E C   1 
ATOM   781  O O   . TYR E 1 16 ? -0.94907  -5.75212  -9.57535  1.000 22.24812 ? 16  TYR E O   1 
ATOM   782  C CB  . TYR E 1 16 ? -2.41801  -6.15907  -6.57853  1.000 24.76653 ? 16  TYR E CB  1 
ATOM   783  C CG  . TYR E 1 16 ? -1.96143  -7.56280  -6.88840  1.000 23.21115 ? 16  TYR E CG  1 
ATOM   784  C CD1 . TYR E 1 16 ? -0.78252  -8.06791  -6.35309  1.000 22.70744 ? 16  TYR E CD1 1 
ATOM   785  C CD2 . TYR E 1 16 ? -2.71617  -8.38465  -7.71060  1.000 26.55802 ? 16  TYR E CD2 1 
ATOM   786  C CE1 . TYR E 1 16 ? -0.36823  -9.36809  -6.63569  1.000 26.74541 ? 16  TYR E CE1 1 
ATOM   787  C CE2 . TYR E 1 16 ? -2.30579  -9.68414  -7.99735  1.000 29.47095 ? 16  TYR E CE2 1 
ATOM   788  C CZ  . TYR E 1 16 ? -1.12937  -10.15577 -7.46281  1.000 27.95012 ? 16  TYR E CZ  1 
ATOM   789  O OH  . TYR E 1 16 ? -0.72012  -11.44536 -7.74597  1.000 36.13749 ? 16  TYR E OH  1 
ATOM   790  N N   . GLU E 1 17 ? -3.09212  -5.09160  -9.44250  1.000 22.53248 ? 17  GLU E N   1 
ATOM   791  C CA  . GLU E 1 17 ? -3.31456  -5.40285  -10.84678 1.000 24.01949 ? 17  GLU E CA  1 
ATOM   792  C C   . GLU E 1 17 ? -2.50331  -4.48652  -11.74396 1.000 21.28777 ? 17  GLU E C   1 
ATOM   793  O O   . GLU E 1 17 ? -1.96192  -4.93359  -12.76709 1.000 21.20216 ? 17  GLU E O   1 
ATOM   794  C CB  . GLU E 1 17 ? -4.80547  -5.32495  -11.16208 1.000 22.40323 ? 17  GLU E CB  1 
ATOM   795  C CG  . GLU E 1 17 ? -5.56348  -6.42173  -10.43137 1.000 25.75644 ? 17  GLU E CG  1 
ATOM   796  C CD  . GLU E 1 17 ? -7.03199  -6.43361  -10.77282 1.000 28.91331 ? 17  GLU E CD  1 
ATOM   797  O OE1 . GLU E 1 17 ? -7.36691  -6.25398  -11.96366 1.000 35.47486 ? 17  GLU E OE1 1 
ATOM   798  O OE2 . GLU E 1 17 ? -7.84584  -6.61507  -9.84798  1.000 33.86607 ? 17  GLU E OE2 1 
ATOM   799  N N   . VAL E 1 18 ? -2.39111  -3.20656  -11.36644 1.000 18.53983 ? 18  VAL E N   1 
ATOM   800  C CA  . VAL E 1 18 ? -1.57722  -2.26144  -12.12628 1.000 17.72448 ? 18  VAL E CA  1 
ATOM   801  C C   . VAL E 1 18 ? -0.11241  -2.68026  -12.09999 1.000 20.21690 ? 18  VAL E C   1 
ATOM   802  O O   . VAL E 1 18 ? 0.59168   -2.58954  -13.11381 1.000 19.98053 ? 18  VAL E O   1 
ATOM   803  C CB  . VAL E 1 18 ? -1.77420  -0.83107  -11.57739 1.000 17.57067 ? 18  VAL E CB  1 
ATOM   804  C CG1 . VAL E 1 18 ? -0.71164  0.10979   -12.12137 1.000 19.21702 ? 18  VAL E CG1 1 
ATOM   805  C CG2 . VAL E 1 18 ? -3.18102  -0.29725  -11.92868 1.000 20.13093 ? 18  VAL E CG2 1 
ATOM   806  N N   . GLU E 1 19 ? 0.36596   -3.15504  -10.94180 1.000 19.64342 ? 19  GLU E N   1 
ATOM   807  C CA  . GLU E 1 19 ? 1.76242   -3.57984  -10.81892 1.000 20.82688 ? 19  GLU E CA  1 
ATOM   808  C C   . GLU E 1 19 ? 2.08900   -4.66399  -11.82786 1.000 21.68455 ? 19  GLU E C   1 
ATOM   809  O O   . GLU E 1 19 ? 3.23188   -4.76609  -12.28161 1.000 22.96305 ? 19  GLU E O   1 
ATOM   810  C CB  . GLU E 1 19 ? 2.02984   -4.08293  -9.39605  1.000 20.90094 ? 19  GLU E CB  1 
ATOM   811  C CG  . GLU E 1 19 ? 3.44930   -4.59040  -9.09936  1.000 20.55771 ? 19  GLU E CG  1 
ATOM   812  C CD  . GLU E 1 19 ? 4.41171   -3.51718  -8.61503  1.000 19.24886 ? 19  GLU E CD  1 
ATOM   813  O OE1 . GLU E 1 19 ? 3.96024   -2.51358  -8.00694  1.000 20.18109 ? 19  GLU E OE1 1 
ATOM   814  O OE2 . GLU E 1 19 ? 5.64243   -3.69510  -8.79892  1.000 19.14447 ? 19  GLU E OE2 1 
ATOM   815  N N   . HIS E 1 20 ? 1.10006   -5.46711  -12.20027 1.000 21.16317 ? 20  HIS E N   1 
ATOM   816  C CA  . HIS E 1 20 ? 1.33656   -6.61465  -13.06445 1.000 17.93017 ? 20  HIS E CA  1 
ATOM   817  C C   . HIS E 1 20 ? 0.98116   -6.36125  -14.51815 1.000 19.42476 ? 20  HIS E C   1 
ATOM   818  O O   . HIS E 1 20 ? 1.07898   -7.28953  -15.33599 1.000 23.41090 ? 20  HIS E O   1 
ATOM   819  C CB  . HIS E 1 20 ? 0.59151   -7.82938  -12.51788 1.000 22.67841 ? 20  HIS E CB  1 
ATOM   820  C CG  . HIS E 1 20 ? 1.18628   -8.33881  -11.24754 1.000 21.17290 ? 20  HIS E CG  1 
ATOM   821  N ND1 . HIS E 1 20 ? 0.89209   -7.79324  -10.01880 1.000 23.54681 ? 20  HIS E ND1 1 
ATOM   822  C CD2 . HIS E 1 20 ? 2.10621   -9.30763  -11.02125 1.000 20.75681 ? 20  HIS E CD2 1 
ATOM   823  C CE1 . HIS E 1 20 ? 1.58952   -8.42142  -9.08601  1.000 23.75594 ? 20  HIS E CE1 1 
ATOM   824  N NE2 . HIS E 1 20 ? 2.33341   -9.34387  -9.66827  1.000 25.57195 ? 20  HIS E NE2 1 
ATOM   825  N N   . LEU E 1 21 ? 0.56893   -5.14130  -14.85772 1.000 22.22222 ? 21  LEU E N   1 
ATOM   826  C CA  . LEU E 1 21 ? 0.42305   -4.75775  -16.24620 1.000 20.58904 ? 21  LEU E CA  1 
ATOM   827  C C   . LEU E 1 21 ? 1.79592   -4.71824  -16.91487 1.000 21.60084 ? 21  LEU E C   1 
ATOM   828  O O   . LEU E 1 21 ? 2.84790   -4.73522  -16.26088 1.000 22.98467 ? 21  LEU E O   1 
ATOM   829  C CB  . LEU E 1 21 ? -0.25449  -3.38920  -16.35596 1.000 19.59266 ? 21  LEU E CB  1 
ATOM   830  C CG  . LEU E 1 21 ? -1.73671  -3.34423  -15.99363 1.000 23.13241 ? 21  LEU E CG  1 
ATOM   831  C CD1 . LEU E 1 21 ? -2.26514  -1.90114  -16.09730 1.000 19.59679 ? 21  LEU E CD1 1 
ATOM   832  C CD2 . LEU E 1 21 ? -2.55129  -4.29170  -16.86425 1.000 24.45431 ? 21  LEU E CD2 1 
ATOM   833  N N   . SER E 1 22 ? 1.77214   -4.65146  -18.23921 1.000 24.78927 ? 22  SER E N   1 
ATOM   834  C CA  . SER E 1 22 ? 2.96262   -4.41208  -19.03434 1.000 25.28199 ? 22  SER E CA  1 
ATOM   835  C C   . SER E 1 22 ? 3.11417   -2.91920  -19.30971 1.000 30.41485 ? 22  SER E C   1 
ATOM   836  O O   . SER E 1 22 ? 2.13986   -2.16235  -19.29532 1.000 28.28951 ? 22  SER E O   1 
ATOM   837  C CB  . SER E 1 22 ? 2.87747   -5.18523  -20.35213 1.000 27.03681 ? 22  SER E CB  1 
ATOM   838  O OG  . SER E 1 22 ? 3.99679   -4.92470  -21.17770 1.000 30.81440 ? 22  SER E OG  1 
ATOM   839  N N   . SER E 1 23 ? 4.35111   -2.49468  -19.53614 1.000 26.86154 ? 23  SER E N   1 
ATOM   840  C CA  . SER E 1 23 ? 4.61010   -1.13546  -19.98732 1.000 29.95577 ? 23  SER E CA  1 
ATOM   841  C C   . SER E 1 23 ? 4.20848   -0.99080  -21.45026 1.000 33.88686 ? 23  SER E C   1 
ATOM   842  O O   . SER E 1 23 ? 3.97144   -1.98016  -22.14560 1.000 36.43774 ? 23  SER E O   1 
ATOM   843  C CB  . SER E 1 23 ? 6.07907   -0.77266  -19.80133 1.000 32.33201 ? 23  SER E CB  1 
ATOM   844  O OG  . SER E 1 23 ? 6.89865   -1.66428  -20.53330 1.000 37.22127 ? 23  SER E OG  1 
ATOM   845  O OXT . SER E 1 23 ? 4.10234   0.11706   -21.97506 1.000 42.92886 ? 23  SER E OXT 1 
ATOM   846  N N   . ALA F 2 2  ? -7.36830  -7.96176  -16.08217 1.000 47.66712 ? 2   ALA F N   1 
ATOM   847  C CA  . ALA F 2 2  ? -8.08552  -6.76337  -16.49756 1.000 37.76958 ? 2   ALA F CA  1 
ATOM   848  C C   . ALA F 2 2  ? -7.22096  -5.88966  -17.40356 1.000 36.18635 ? 2   ALA F C   1 
ATOM   849  O O   . ALA F 2 2  ? -6.00920  -5.78754  -17.21928 1.000 39.45663 ? 2   ALA F O   1 
ATOM   850  C CB  . ALA F 2 2  ? -8.55121  -5.97575  -15.27981 1.000 39.34791 ? 2   ALA F CB  1 
ATOM   851  N N   . SER F 2 3  ? -7.85436  -5.26545  -18.38730 1.000 35.12172 ? 3   SER F N   1 
ATOM   852  C CA  . SER F 2 3  ? -7.14974  -4.42082  -19.33478 1.000 27.48294 ? 3   SER F CA  1 
ATOM   853  C C   . SER F 2 3  ? -6.80169  -3.08515  -18.69263 1.000 30.44221 ? 3   SER F C   1 
ATOM   854  O O   . SER F 2 3  ? -7.41395  -2.69374  -17.69524 1.000 28.85051 ? 3   SER F O   1 
ATOM   855  C CB  . SER F 2 3  ? -8.01584  -4.18763  -20.56446 1.000 30.34783 ? 3   SER F CB  1 
ATOM   856  O OG  . SER F 2 3  ? -8.66033  -2.92873  -20.47654 1.000 32.08553 ? 3   SER F OG  1 
ATOM   857  N N   . PRO F 2 4  ? -5.81863  -2.36161  -19.24330 1.000 24.35296 ? 4   PRO F N   1 
ATOM   858  C CA  . PRO F 2 4  ? -5.51133  -1.03877  -18.67949 1.000 25.12514 ? 4   PRO F CA  1 
ATOM   859  C C   . PRO F 2 4  ? -6.71651  -0.11916  -18.69622 1.000 26.35811 ? 4   PRO F C   1 
ATOM   860  O O   . PRO F 2 4  ? -6.96186  0.60239   -17.72296 1.000 25.66098 ? 4   PRO F O   1 
ATOM   861  C CB  . PRO F 2 4  ? -4.37728  -0.52705  -19.57562 1.000 24.85946 ? 4   PRO F CB  1 
ATOM   862  C CG  . PRO F 2 4  ? -3.71584  -1.78127  -20.09311 1.000 23.50442 ? 4   PRO F CG  1 
ATOM   863  C CD  . PRO F 2 4  ? -4.83732  -2.77087  -20.27109 1.000 28.15273 ? 4   PRO F CD  1 
ATOM   864  N N   . HIS F 2 5  ? -7.50506  -0.15423  -19.76993 1.000 26.51139 ? 5   HIS F N   1 
ATOM   865  C CA  . HIS F 2 5  ? -8.63724  0.75417   -19.84145 1.000 30.90741 ? 5   HIS F CA  1 
ATOM   866  C C   . HIS F 2 5  ? -9.73678  0.34251   -18.86931 1.000 26.33614 ? 5   HIS F C   1 
ATOM   867  O O   . HIS F 2 5  ? -10.44536 1.20196   -18.33572 1.000 29.30604 ? 5   HIS F O   1 
ATOM   868  C CB  . HIS F 2 5  ? -9.13171  0.82945   -21.28716 1.000 33.57628 ? 5   HIS F CB  1 
ATOM   869  C CG  . HIS F 2 5  ? -8.37953  1.82929   -22.11771 1.000 38.44747 ? 5   HIS F CG  1 
ATOM   870  N ND1 . HIS F 2 5  ? -7.22499  1.50944   -22.80106 1.000 40.07728 ? 5   HIS F ND1 1 
ATOM   871  C CD2 . HIS F 2 5  ? -8.59817  3.14663   -22.34896 1.000 39.31322 ? 5   HIS F CD2 1 
ATOM   872  C CE1 . HIS F 2 5  ? -6.77396  2.57952   -23.43084 1.000 38.42995 ? 5   HIS F CE1 1 
ATOM   873  N NE2 . HIS F 2 5  ? -7.58770  3.58867   -23.17163 1.000 38.14203 ? 5   HIS F NE2 1 
ATOM   874  N N   . ALA F 2 6  ? -9.86156  -0.94867  -18.57958 1.000 25.60152 ? 6   ALA F N   1 
ATOM   875  C CA  . ALA F 2 6  ? -10.85012 -1.39151  -17.60380 1.000 25.89816 ? 6   ALA F CA  1 
ATOM   876  C C   . ALA F 2 6  ? -10.42925 -1.04553  -16.17973 1.000 25.83696 ? 6   ALA F C   1 
ATOM   877  O O   . ALA F 2 6  ? -11.28220 -0.75655  -15.33488 1.000 27.53765 ? 6   ALA F O   1 
ATOM   878  C CB  . ALA F 2 6  ? -11.07706 -2.90340  -17.73058 1.000 29.17906 ? 6   ALA F CB  1 
ATOM   879  N N   . LEU F 2 7  ? -9.12631  -1.10472  -15.89164 1.000 24.01824 ? 7   LEU F N   1 
ATOM   880  C CA  . LEU F 2 7  ? -8.64046  -0.71958  -14.57333 1.000 21.79021 ? 7   LEU F CA  1 
ATOM   881  C C   . LEU F 2 7  ? -8.79349  0.77783   -14.37294 1.000 22.82740 ? 7   LEU F C   1 
ATOM   882  O O   . LEU F 2 7  ? -9.14324  1.24233   -13.27931 1.000 26.26871 ? 7   LEU F O   1 
ATOM   883  C CB  . LEU F 2 7  ? -7.17305  -1.13227  -14.41543 1.000 23.69533 ? 7   LEU F CB  1 
ATOM   884  C CG  . LEU F 2 7  ? -6.92070  -2.62541  -14.28502 1.000 26.27187 ? 7   LEU F CG  1 
ATOM   885  C CD1 . LEU F 2 7  ? -5.44950  -2.93226  -14.52051 1.000 27.73204 ? 7   LEU F CD1 1 
ATOM   886  C CD2 . LEU F 2 7  ? -7.34058  -3.09801  -12.91715 1.000 25.98318 ? 7   LEU F CD2 1 
ATOM   887  N N   . ALA F 2 8  ? -8.54913  1.54660   -15.43707 1.000 25.65910 ? 8   ALA F N   1 
ATOM   888  C CA  . ALA F 2 8  ? -8.69768  2.98837   -15.36401 1.000 22.57390 ? 8   ALA F CA  1 
ATOM   889  C C   . ALA F 2 8  ? -10.14342 3.36649   -15.09342 1.000 22.64717 ? 8   ALA F C   1 
ATOM   890  O O   . ALA F 2 8  ? -10.41623 4.25705   -14.28250 1.000 24.93983 ? 8   ALA F O   1 
ATOM   891  C CB  . ALA F 2 8  ? -8.21401  3.63705   -16.65433 1.000 24.63390 ? 8   ALA F CB  1 
ATOM   892  N N   . ASN F 2 9  ? -11.08127 2.67552   -15.75224 1.000 26.28558 ? 9   ASN F N   1 
ATOM   893  C CA  . ASN F 2 9  ? -12.49950 2.88691   -15.47147 1.000 25.10170 ? 9   ASN F CA  1 
ATOM   894  C C   . ASN F 2 9  ? -12.82231 2.56924   -14.01221 1.000 22.66611 ? 9   ASN F C   1 
ATOM   895  O O   . ASN F 2 9  ? -13.53834 3.32377   -13.34545 1.000 25.05464 ? 9   ASN F O   1 
ATOM   896  C CB  . ASN F 2 9  ? -13.35181 2.01336   -16.39802 1.000 26.82260 ? 9   ASN F CB  1 
ATOM   897  C CG  . ASN F 2 9  ? -13.34632 2.49049   -17.84710 1.000 33.98993 ? 9   ASN F CG  1 
ATOM   898  O OD1 . ASN F 2 9  ? -13.07593 3.65628   -18.13653 1.000 35.55256 ? 9   ASN F OD1 1 
ATOM   899  N ND2 . ASN F 2 9  ? -13.65421 1.57506   -18.76730 1.000 35.07491 ? 9   ASN F ND2 1 
ATOM   900  N N   . ARG F 2 10 ? -12.31567 1.44107   -13.50273 1.000 23.02409 ? 10  ARG F N   1 
ATOM   901  C CA  . ARG F 2 10 ? -12.53866 1.10082   -12.10292 1.000 26.41652 ? 10  ARG F CA  1 
ATOM   902  C C   . ARG F 2 10 ? -11.95850 2.15924   -11.17880 1.000 26.25980 ? 10  ARG F C   1 
ATOM   903  O O   . ARG F 2 10 ? -12.55892 2.49334   -10.15004 1.000 24.56417 ? 10  ARG F O   1 
ATOM   904  C CB  . ARG F 2 10 ? -11.91938 -0.25423  -11.78427 1.000 26.88031 ? 10  ARG F CB  1 
ATOM   905  C CG  . ARG F 2 10 ? -12.80103 -1.43907  -12.13702 1.000 31.46111 ? 10  ARG F CG  1 
ATOM   906  C CD  . ARG F 2 10 ? -11.97308 -2.71896  -12.25114 1.000 34.60934 ? 10  ARG F CD  1 
ATOM   907  N NE  . ARG F 2 10 ? -11.28685 -3.03167  -11.00530 1.000 34.26387 ? 10  ARG F NE  1 
ATOM   908  C CZ  . ARG F 2 10 ? -10.35780 -3.96961  -10.87865 1.000 37.36973 ? 10  ARG F CZ  1 
ATOM   909  N NH1 . ARG F 2 10 ? -10.01114 -4.73904  -11.89777 1.000 33.35059 ? 10  ARG F NH1 1 
ATOM   910  N NH2 . ARG F 2 10 ? -9.75067  -4.13007  -9.70477  1.000 31.61217 ? 10  ARG F NH2 1 
ATOM   911  N N   . LEU F 2 11 ? -10.77644 2.67864   -11.52294 1.000 22.05433 ? 11  LEU F N   1 
ATOM   912  C CA  . LEU F 2 11 ? -10.12102 3.68600   -10.69887 1.000 22.20030 ? 11  LEU F CA  1 
ATOM   913  C C   . LEU F 2 11 ? -10.94017 4.97172   -10.63335 1.000 20.43957 ? 11  LEU F C   1 
ATOM   914  O O   . LEU F 2 11 ? -11.05535 5.58909   -9.56692  1.000 20.98075 ? 11  LEU F O   1 
ATOM   915  C CB  . LEU F 2 11 ? -8.71835  3.96466   -11.24182 1.000 23.62363 ? 11  LEU F CB  1 
ATOM   916  C CG  . LEU F 2 11 ? -7.73783  4.77199   -10.37840 1.000 25.21031 ? 11  LEU F CG  1 
ATOM   917  C CD1 . LEU F 2 11 ? -7.75746  4.29277   -8.94084  1.000 25.98227 ? 11  LEU F CD1 1 
ATOM   918  C CD2 . LEU F 2 11 ? -6.31236  4.72243   -10.93288 1.000 23.12759 ? 11  LEU F CD2 1 
ATOM   919  N N   . ARG F 2 12 ? -11.49859 5.40439   -11.76882 1.000 23.25233 ? 12  ARG F N   1 
ATOM   920  C CA  . ARG F 2 12 ? -12.29825 6.62481   -11.77465 1.000 21.65804 ? 12  ARG F CA  1 
ATOM   921  C C   . ARG F 2 12 ? -13.56155 6.45364   -10.94586 1.000 22.48045 ? 12  ARG F C   1 
ATOM   922  O O   . ARG F 2 12 ? -13.98435 7.38023   -10.24525 1.000 26.83509 ? 12  ARG F O   1 
ATOM   923  C CB  . ARG F 2 12 ? -12.64016 7.02878   -13.20991 1.000 23.55523 ? 12  ARG F CB  1 
ATOM   924  C CG  . ARG F 2 12 ? -11.46183 7.64281   -13.95635 1.000 25.11844 ? 12  ARG F CG  1 
ATOM   925  C CD  . ARG F 2 12 ? -11.84406 8.17845   -15.34378 1.000 27.39602 ? 12  ARG F CD  1 
ATOM   926  N NE  . ARG F 2 12 ? -11.84580 7.11326   -16.33755 1.000 34.68505 ? 12  ARG F NE  1 
ATOM   927  C CZ  . ARG F 2 12 ? -10.78049 6.70442   -17.01938 1.000 32.05606 ? 12  ARG F CZ  1 
ATOM   928  N NH1 . ARG F 2 12 ? -9.59701  7.28452   -16.87747 1.000 29.09917 ? 12  ARG F NH1 1 
ATOM   929  N NH2 . ARG F 2 12 ? -10.91043 5.69941   -17.88036 1.000 30.05563 ? 12  ARG F NH2 1 
ATOM   930  N N   . GLN F 2 13 ? -14.16652 5.27151   -11.00891 1.000 23.31269 ? 13  GLN F N   1 
ATOM   931  C CA  . GLN F 2 13 ? -15.30029 4.95083   -10.14727 1.000 22.19433 ? 13  GLN F CA  1 
ATOM   932  C C   . GLN F 2 13 ? -14.91825 5.05801   -8.67717  1.000 25.83588 ? 13  GLN F C   1 
ATOM   933  O O   . GLN F 2 13 ? -15.64177 5.66192   -7.87911  1.000 28.05046 ? 13  GLN F O   1 
ATOM   934  C CB  . GLN F 2 13 ? -15.77881 3.53715   -10.44326 1.000 25.15050 ? 13  GLN F CB  1 
ATOM   935  C CG  . GLN F 2 13 ? -16.72586 3.36395   -11.60741 1.000 29.67795 ? 13  GLN F CG  1 
ATOM   936  C CD  . GLN F 2 13 ? -17.69716 2.23605   -11.35150 1.000 39.00273 ? 13  GLN F CD  1 
ATOM   937  O OE1 . GLN F 2 13 ? -17.88188 1.81518   -10.20830 1.000 42.74617 ? 13  GLN F OE1 1 
ATOM   938  N NE2 . GLN F 2 13 ? -18.26867 1.69032   -12.41765 1.000 41.28989 ? 13  GLN F NE2 1 
ATOM   939  N N   . LEU F 2 14 ? -13.79663 4.43988   -8.28484  1.000 24.32899 ? 14  LEU F N   1 
ATOM   940  C CA  . LEU F 2 14 ? -13.38598 4.56923   -6.89021  1.000 24.67362 ? 14  LEU F CA  1 
ATOM   941  C C   . LEU F 2 14 ? -12.99370 5.99488   -6.54583  1.000 23.54836 ? 14  LEU F C   1 
ATOM   942  O O   . LEU F 2 14 ? -13.22924 6.44375   -5.41683  1.000 22.72694 ? 14  LEU F O   1 
ATOM   943  C CB  . LEU F 2 14 ? -12.25707 3.58050   -6.54637  1.000 20.22930 ? 14  LEU F CB  1 
ATOM   944  C CG  . LEU F 2 14 ? -12.72421 2.11583   -6.63133  1.000 22.65014 ? 14  LEU F CG  1 
ATOM   945  C CD1 . LEU F 2 14 ? -11.61660 1.13398   -6.90374  1.000 30.17221 ? 14  LEU F CD1 1 
ATOM   946  C CD2 . LEU F 2 14 ? -13.44090 1.74224   -5.34784  1.000 32.45709 ? 14  LEU F CD2 1 
ATOM   947  N N   . ALA F 2 15 ? -12.44992 6.74924   -7.50327  1.000 20.54757 ? 15  ALA F N   1 
ATOM   948  C CA  . ALA F 2 15 ? -12.14242 8.13740   -7.21837  1.000 23.48754 ? 15  ALA F CA  1 
ATOM   949  C C   . ALA F 2 15 ? -13.41435 8.91654   -6.90912  1.000 21.76461 ? 15  ALA F C   1 
ATOM   950  O O   . ALA F 2 15 ? -13.42953 9.74096   -5.99123  1.000 22.59771 ? 15  ALA F O   1 
ATOM   951  C CB  . ALA F 2 15 ? -11.38772 8.76482   -8.38776  1.000 23.67729 ? 15  ALA F CB  1 
ATOM   952  N N   . TYR F 2 16 ? -14.50829 8.61965   -7.62194  1.000 22.40787 ? 16  TYR F N   1 
ATOM   953  C CA  . TYR F 2 16 ? -15.78127 9.25905   -7.29767  1.000 26.54409 ? 16  TYR F CA  1 
ATOM   954  C C   . TYR F 2 16 ? -16.20209 8.93252   -5.87261  1.000 26.05130 ? 16  TYR F C   1 
ATOM   955  O O   . TYR F 2 16 ? -16.64139 9.81327   -5.11722  1.000 26.70919 ? 16  TYR F O   1 
ATOM   956  C CB  . TYR F 2 16 ? -16.89083 8.82316   -8.26501  1.000 26.87751 ? 16  TYR F CB  1 
ATOM   957  C CG  . TYR F 2 16 ? -18.24295 9.17907   -7.68440  1.000 23.57239 ? 16  TYR F CG  1 
ATOM   958  C CD1 . TYR F 2 16 ? -18.62147 10.51347  -7.54601  1.000 27.15434 ? 16  TYR F CD1 1 
ATOM   959  C CD2 . TYR F 2 16 ? -19.10988 8.19598   -7.21126  1.000 24.10055 ? 16  TYR F CD2 1 
ATOM   960  C CE1 . TYR F 2 16 ? -19.82843 10.85056  -6.97803  1.000 25.95856 ? 16  TYR F CE1 1 
ATOM   961  C CE2 . TYR F 2 16 ? -20.32685 8.53527   -6.63503  1.000 27.64024 ? 16  TYR F CE2 1 
ATOM   962  C CZ  . TYR F 2 16 ? -20.67695 9.86142   -6.53533  1.000 27.89720 ? 16  TYR F CZ  1 
ATOM   963  O OH  . TYR F 2 16 ? -21.87315 10.22356  -5.96248  1.000 30.99653 ? 16  TYR F OH  1 
ATOM   964  N N   . ARG F 2 17 ? -16.07519 7.66352   -5.49044  1.000 26.59252 ? 17  ARG F N   1 
ATOM   965  C CA  . ARG F 2 17 ? -16.53417 7.25065   -4.17329  1.000 23.29722 ? 17  ARG F CA  1 
ATOM   966  C C   . ARG F 2 17 ? -15.66400 7.87207   -3.09472  1.000 23.91543 ? 17  ARG F C   1 
ATOM   967  O O   . ARG F 2 17 ? -16.17416 8.34273   -2.07045  1.000 28.16941 ? 17  ARG F O   1 
ATOM   968  C CB  . ARG F 2 17 ? -16.57551 5.72527   -4.08149  1.000 23.66355 ? 17  ARG F CB  1 
ATOM   969  C CG  . ARG F 2 17 ? -17.60685 5.11835   -5.04154  1.000 28.42443 ? 17  ARG F CG  1 
ATOM   970  C CD  . ARG F 2 17 ? -17.44697 3.61805   -5.28331  1.000 35.89649 ? 17  ARG F CD  1 
ATOM   971  N NE  . ARG F 2 17 ? -17.93917 2.81493   -4.16739  1.000 41.85179 ? 17  ARG F NE  1 
ATOM   972  C CZ  . ARG F 2 17 ? -17.65693 1.53121   -3.97555  1.000 43.61155 ? 17  ARG F CZ  1 
ATOM   973  N NH1 . ARG F 2 17 ? -16.90778 0.84944   -4.82878  1.000 42.92704 ? 17  ARG F NH1 1 
ATOM   974  N NH2 . ARG F 2 17 ? -18.14569 0.91242   -2.90366  1.000 44.89821 ? 17  ARG F NH2 1 
ATOM   975  N N   . VAL F 2 18 ? -14.35358 7.95236   -3.34398  1.000 22.00260 ? 18  VAL F N   1 
ATOM   976  C CA  . VAL F 2 18 ? -13.46351 8.64811   -2.42108  1.000 19.46128 ? 18  VAL F CA  1 
ATOM   977  C C   . VAL F 2 18 ? -13.88310 10.10467  -2.26021  1.000 26.63926 ? 18  VAL F C   1 
ATOM   978  O O   . VAL F 2 18 ? -13.84872 10.65839  -1.15482  1.000 25.96384 ? 18  VAL F O   1 
ATOM   979  C CB  . VAL F 2 18 ? -12.00324 8.53767   -2.90229  1.000 22.50776 ? 18  VAL F CB  1 
ATOM   980  C CG1 . VAL F 2 18 ? -11.13317 9.53348   -2.15062  1.000 21.83412 ? 18  VAL F CG1 1 
ATOM   981  C CG2 . VAL F 2 18 ? -11.51424 7.13719   -2.69089  1.000 23.66872 ? 18  VAL F CG2 1 
ATOM   982  N N   . ARG F 2 19 ? -14.24668 10.75952  -3.36548  1.000 25.24104 ? 19  ARG F N   1 
ATOM   983  C CA  . ARG F 2 19 ? -14.58424 12.18074  -3.31567  1.000 30.78268 ? 19  ARG F CA  1 
ATOM   984  C C   . ARG F 2 19 ? -15.68855 12.46277  -2.31080  1.000 31.61523 ? 19  ARG F C   1 
ATOM   985  O O   . ARG F 2 19 ? -15.73826 13.55837  -1.73823  1.000 37.04327 ? 19  ARG F O   1 
ATOM   986  C CB  . ARG F 2 19 ? -14.99532 12.64623  -4.70651  1.000 27.99560 ? 19  ARG F CB  1 
ATOM   987  C CG  . ARG F 2 19 ? -15.02060 14.13082  -4.89433  1.000 30.95018 ? 19  ARG F CG  1 
ATOM   988  C CD  . ARG F 2 19 ? -15.48850 14.45625  -6.29052  1.000 31.48362 ? 19  ARG F CD  1 
ATOM   989  N NE  . ARG F 2 19 ? -14.53875 13.98077  -7.28514  1.000 31.86136 ? 19  ARG F NE  1 
ATOM   990  C CZ  . ARG F 2 19 ? -13.38274 14.57236  -7.54425  1.000 26.56484 ? 19  ARG F CZ  1 
ATOM   991  N NH1 . ARG F 2 19 ? -12.98658 15.63307  -6.86656  1.000 27.63132 ? 19  ARG F NH1 1 
ATOM   992  N NH2 . ARG F 2 19 ? -12.59566 14.06878  -8.49081  1.000 26.73217 ? 19  ARG F NH2 1 
ATOM   993  N N   . SER F 2 20 ? -16.55502 11.48240  -2.05917  1.000 36.72274 ? 20  SER F N   1 
ATOM   994  C CA  . SER F 2 20 ? -17.72156 11.65162  -1.20528  1.000 37.65331 ? 20  SER F CA  1 
ATOM   995  C C   . SER F 2 20 ? -17.46142 11.26704  0.25193   1.000 42.04321 ? 20  SER F C   1 
ATOM   996  O O   . SER F 2 20 ? -18.42212 11.03095  0.99393   1.000 48.14694 ? 20  SER F O   1 
ATOM   997  C CB  . SER F 2 20 ? -18.89228 10.83081  -1.75121  1.000 37.13507 ? 20  SER F CB  1 
ATOM   998  O OG  . SER F 2 20 ? -18.85650 10.74526  -3.16834  1.000 42.77931 ? 20  SER F OG  1 
ATOM   999  N N   . LEU F 2 21 ? -16.19703 11.19291  0.68070   1.000 33.60575 ? 21  LEU F N   1 
ATOM   1000 C CA  . LEU F 2 21 ? -15.87031 10.86519  2.05904   1.000 35.14884 ? 21  LEU F CA  1 
ATOM   1001 C C   . LEU F 2 21 ? -15.64138 12.15444  2.84219   1.000 38.79493 ? 21  LEU F C   1 
ATOM   1002 O O   . LEU F 2 21 ? -15.87687 13.25586  2.34014   1.000 45.63510 ? 21  LEU F O   1 
ATOM   1003 C CB  . LEU F 2 21 ? -14.64339 9.95225   2.11592   1.000 33.76400 ? 21  LEU F CB  1 
ATOM   1004 C CG  . LEU F 2 21 ? -14.77137 8.53250   1.56919   1.000 33.81105 ? 21  LEU F CG  1 
ATOM   1005 C CD1 . LEU F 2 21 ? -13.41385 7.87436   1.69159   1.000 26.07723 ? 21  LEU F CD1 1 
ATOM   1006 C CD2 . LEU F 2 21 ? -15.83181 7.70608   2.29089   1.000 33.75794 ? 21  LEU F CD2 1 
ATOM   1007 N N   . SER F 2 22 ? -15.16629 12.02482  4.08059   1.000 38.73709 ? 22  SER F N   1 
ATOM   1008 C CA  . SER F 2 22 ? -14.83828 13.19311  4.89650   1.000 39.54973 ? 22  SER F CA  1 
ATOM   1009 C C   . SER F 2 22 ? -13.65148 12.95180  5.82828   1.000 41.85062 ? 22  SER F C   1 
ATOM   1010 O O   . SER F 2 22 ? -12.77518 12.12681  5.54749   1.000 39.92608 ? 22  SER F O   1 
ATOM   1011 C CB  . SER F 2 22 ? -16.06072 13.63083  5.71225   1.000 39.34807 ? 22  SER F CB  1 
ATOM   1012 N N   . THR G 1 1  ? -4.12585  16.41606  6.76522   1.000 46.27227 ? 1   THR G N   1 
ATOM   1013 C CA  . THR G 1 1  ? -3.90563  15.51612  5.64139   1.000 45.06574 ? 1   THR G CA  1 
ATOM   1014 C C   . THR G 1 1  ? -4.52231  16.04177  4.34520   1.000 43.38382 ? 1   THR G C   1 
ATOM   1015 O O   . THR G 1 1  ? -5.17329  17.09697  4.32010   1.000 42.83334 ? 1   THR G O   1 
ATOM   1016 C CB  . THR G 1 1  ? -4.48497  14.12142  5.93181   1.000 39.48977 ? 1   THR G CB  1 
ATOM   1017 N N   . ALA G 1 2  ? -4.32101  15.29239  3.26550   1.000 43.81634 ? 2   ALA G N   1 
ATOM   1018 C CA  . ALA G 1 2  ? -4.97751  15.61745  2.00920   1.000 39.27251 ? 2   ALA G CA  1 
ATOM   1019 C C   . ALA G 1 2  ? -6.46708  15.30491  2.09341   1.000 33.97197 ? 2   ALA G C   1 
ATOM   1020 O O   . ALA G 1 2  ? -6.89875  14.37450  2.77923   1.000 34.73218 ? 2   ALA G O   1 
ATOM   1021 C CB  . ALA G 1 2  ? -4.34441  14.84624  0.85071   1.000 28.94292 ? 2   ALA G CB  1 
ATOM   1022 N N   . SER G 1 3  ? -7.25170  16.09217  1.38598   1.000 33.97036 ? 3   SER G N   1 
ATOM   1023 C CA  . SER G 1 3  ? -8.68816  15.96573  1.47590   1.000 28.21421 ? 3   SER G CA  1 
ATOM   1024 C C   . SER G 1 3  ? -9.20190  14.87739  0.54483   1.000 26.08484 ? 3   SER G C   1 
ATOM   1025 O O   . SER G 1 3  ? -8.48846  14.42491  -0.35518  1.000 29.58208 ? 3   SER G O   1 
ATOM   1026 C CB  . SER G 1 3  ? -9.34694  17.29301  1.12922   1.000 30.65374 ? 3   SER G CB  1 
ATOM   1027 O OG  . SER G 1 3  ? -9.27004  17.55158  -0.26278  1.000 34.75223 ? 3   SER G OG  1 
ATOM   1028 N N   . PRO G 1 4  ? -10.42500 14.40800  0.78038   1.000 23.17627 ? 4   PRO G N   1 
ATOM   1029 C CA  . PRO G 1 4  ? -11.07841 13.52576  -0.19223  1.000 25.78987 ? 4   PRO G CA  1 
ATOM   1030 C C   . PRO G 1 4  ? -11.03416 14.04721  -1.61677  1.000 27.93019 ? 4   PRO G C   1 
ATOM   1031 O O   . PRO G 1 4  ? -10.88152 13.25529  -2.55369  1.000 23.23408 ? 4   PRO G O   1 
ATOM   1032 C CB  . PRO G 1 4  ? -12.50453 13.44021  0.34873   1.000 31.23064 ? 4   PRO G CB  1 
ATOM   1033 C CG  . PRO G 1 4  ? -12.31714 13.54294  1.82626   1.000 28.86140 ? 4   PRO G CG  1 
ATOM   1034 C CD  . PRO G 1 4  ? -11.19656 14.51968  2.03050   1.000 25.49022 ? 4   PRO G CD  1 
ATOM   1035 N N   . SER G 1 5  ? -11.13852 15.36308  -1.80998  1.000 27.77858 ? 5   SER G N   1 
ATOM   1036 C CA  . SER G 1 5  ? -11.11190 15.90789  -3.16262  1.000 25.88186 ? 5   SER G CA  1 
ATOM   1037 C C   . SER G 1 5  ? -9.71514  15.85054  -3.75503  1.000 22.98308 ? 5   SER G C   1 
ATOM   1038 O O   . SER G 1 5  ? -9.54611  15.45417  -4.91456  1.000 26.86831 ? 5   SER G O   1 
ATOM   1039 C CB  . SER G 1 5  ? -11.65436 17.33890  -3.15810  1.000 33.93201 ? 5   SER G CB  1 
ATOM   1040 O OG  . SER G 1 5  ? -12.73713 17.42092  -2.26075  1.000 35.59229 ? 5   SER G OG  1 
ATOM   1041 N N   . ALA G 1 6  ? -8.70285  16.19732  -2.96838  1.000 24.08931 ? 6   ALA G N   1 
ATOM   1042 C CA  . ALA G 1 6  ? -7.32982  16.11643  -3.44427  1.000 25.60356 ? 6   ALA G CA  1 
ATOM   1043 C C   . ALA G 1 6  ? -6.96021  14.68321  -3.80589  1.000 25.75110 ? 6   ALA G C   1 
ATOM   1044 O O   . ALA G 1 6  ? -6.29778  14.44563  -4.81440  1.000 29.32785 ? 6   ALA G O   1 
ATOM   1045 C CB  . ALA G 1 6  ? -6.36964  16.67171  -2.39327  1.000 28.57114 ? 6   ALA G CB  1 
ATOM   1046 N N   . LEU G 1 7  ? -7.39363  13.71404  -2.99804  1.000 23.49423 ? 7   LEU G N   1 
ATOM   1047 C CA  . LEU G 1 7  ? -7.10444  12.31652  -3.29840  1.000 21.19527 ? 7   LEU G CA  1 
ATOM   1048 C C   . LEU G 1 7  ? -7.84459  11.87606  -4.55096  1.000 23.01142 ? 7   LEU G C   1 
ATOM   1049 O O   . LEU G 1 7  ? -7.26213  11.24839  -5.43879  1.000 20.89547 ? 7   LEU G O   1 
ATOM   1050 C CB  . LEU G 1 7  ? -7.49675  11.43961  -2.10921  1.000 21.25458 ? 7   LEU G CB  1 
ATOM   1051 C CG  . LEU G 1 7  ? -6.78837  11.66474  -0.76761  1.000 22.98633 ? 7   LEU G CG  1 
ATOM   1052 C CD1 . LEU G 1 7  ? -7.43802  10.81849  0.31895   1.000 23.63258 ? 7   LEU G CD1 1 
ATOM   1053 C CD2 . LEU G 1 7  ? -5.31357  11.31244  -0.86925  1.000 24.55022 ? 7   LEU G CD2 1 
ATOM   1054 N N   . ALA G 1 8  ? -9.13719  12.19471  -4.63569  1.000 21.23751 ? 8   ALA G N   1 
ATOM   1055 C CA  . ALA G 1 8  ? -9.93086  11.76469  -5.78216  1.000 20.52651 ? 8   ALA G CA  1 
ATOM   1056 C C   . ALA G 1 8  ? -9.39646  12.37048  -7.06848  1.000 21.83785 ? 8   ALA G C   1 
ATOM   1057 O O   . ALA G 1 8  ? -9.34410  11.70202  -8.10851  1.000 21.45810 ? 8   ALA G O   1 
ATOM   1058 C CB  . ALA G 1 8  ? -11.40118 12.14638  -5.58264  1.000 22.48542 ? 8   ALA G CB  1 
ATOM   1059 N N   . ASP G 1 9  ? -8.99823  13.63754  -7.02230  1.000 21.41741 ? 9   ASP G N   1 
ATOM   1060 C CA  . ASP G 1 9  ? -8.40212  14.25863  -8.19785  1.000 25.88000 ? 9   ASP G CA  1 
ATOM   1061 C C   . ASP G 1 9  ? -7.15667  13.50417  -8.66165  1.000 23.31723 ? 9   ASP G C   1 
ATOM   1062 O O   . ASP G 1 9  ? -7.01319  13.20446  -9.85315  1.000 26.37962 ? 9   ASP G O   1 
ATOM   1063 C CB  . ASP G 1 9  ? -8.08337  15.72555  -7.91460  1.000 26.26682 ? 9   ASP G CB  1 
ATOM   1064 C CG  . ASP G 1 9  ? -9.33743  16.59483  -7.82010  1.000 26.21177 ? 9   ASP G CG  1 
ATOM   1065 O OD1 . ASP G 1 9  ? -10.41679 16.15411  -8.27762  1.000 26.30818 ? 9   ASP G OD1 1 
ATOM   1066 O OD2 . ASP G 1 9  ? -9.23016  17.72395  -7.28980  1.000 33.21589 ? 9   ASP G OD2 1 
ATOM   1067 N N   . GLU G 1 10 ? -6.24084  13.18448  -7.74065  1.000 22.84987 ? 10  GLU G N   1 
ATOM   1068 C CA  A GLU G 1 10 ? -5.03012  12.45333  -8.11398  0.338 24.29125 ? 10  GLU G CA  1 
ATOM   1069 C CA  B GLU G 1 10 ? -5.04349  12.48594  -8.18109  0.662 24.31348 ? 10  GLU G CA  1 
ATOM   1070 C C   . GLU G 1 10 ? -5.36976  11.08066  -8.66444  1.000 25.19845 ? 10  GLU G C   1 
ATOM   1071 O O   . GLU G 1 10 ? -4.75296  10.60952  -9.62304  1.000 22.63577 ? 10  GLU G O   1 
ATOM   1072 C CB  A GLU G 1 10 ? -4.10183  12.27642  -6.91336  0.338 23.35537 ? 10  GLU G CB  1 
ATOM   1073 C CB  B GLU G 1 10 ? -3.98958  12.42807  -7.08093  0.662 23.38804 ? 10  GLU G CB  1 
ATOM   1074 C CG  A GLU G 1 10 ? -3.71031  13.51234  -6.16998  0.338 23.09982 ? 10  GLU G CG  1 
ATOM   1075 C CG  B GLU G 1 10 ? -2.66736  11.91312  -7.64168  0.662 24.62710 ? 10  GLU G CG  1 
ATOM   1076 C CD  A GLU G 1 10 ? -3.03829  13.17709  -4.85071  0.338 24.30208 ? 10  GLU G CD  1 
ATOM   1077 C CD  B GLU G 1 10 ? -1.50746  11.98859  -6.67822  0.662 21.64005 ? 10  GLU G CD  1 
ATOM   1078 O OE1 A GLU G 1 10 ? -1.84349  12.79719  -4.86667  0.338 25.51516 ? 10  GLU G OE1 1 
ATOM   1079 O OE1 B GLU G 1 10 ? -1.67569  12.44045  -5.52895  0.662 22.48292 ? 10  GLU G OE1 1 
ATOM   1080 O OE2 A GLU G 1 10 ? -3.71059  13.26762  -3.80542  0.338 18.98666 ? 10  GLU G OE2 1 
ATOM   1081 O OE2 B GLU G 1 10 ? -0.40537  11.59660  -7.09302  0.662 20.17780 ? 10  GLU G OE2 1 
ATOM   1082 N N   . LEU G 1 11 ? -6.32771  10.40463  -8.03227  1.000 22.21843 ? 11  LEU G N   1 
ATOM   1083 C CA  . LEU G 1 11 ? -6.70213  9.07627   -8.50342  1.000 23.42806 ? 11  LEU G CA  1 
ATOM   1084 C C   . LEU G 1 11 ? -7.20300  9.14067   -9.93682  1.000 24.91520 ? 11  LEU G C   1 
ATOM   1085 O O   . LEU G 1 11 ? -6.90332  8.25980   -10.74898 1.000 20.87038 ? 11  LEU G O   1 
ATOM   1086 C CB  . LEU G 1 11 ? -7.75580  8.47280   -7.57450  1.000 22.78669 ? 11  LEU G CB  1 
ATOM   1087 C CG  . LEU G 1 11 ? -7.24312  8.06291   -6.19477  1.000 19.85701 ? 11  LEU G CG  1 
ATOM   1088 C CD1 . LEU G 1 11 ? -8.38845  7.58351   -5.34687  1.000 21.86393 ? 11  LEU G CD1 1 
ATOM   1089 C CD2 . LEU G 1 11 ? -6.21002  6.92891   -6.35705  1.000 19.81164 ? 11  LEU G CD2 1 
ATOM   1090 N N   . GLU G 1 12 ? -7.94207  10.20032  -10.27989 1.000 21.42827 ? 12  GLU G N   1 
ATOM   1091 C CA  . GLU G 1 12 ? -8.38630  10.35736  -11.66054 1.000 23.10923 ? 12  GLU G CA  1 
ATOM   1092 C C   . GLU G 1 12 ? -7.22521  10.63520  -12.59949 1.000 25.25307 ? 12  GLU G C   1 
ATOM   1093 O O   . GLU G 1 12 ? -7.20977  10.13811  -13.73290 1.000 25.30356 ? 12  GLU G O   1 
ATOM   1094 C CB  . GLU G 1 12 ? -9.42253  11.47166  -11.72789 1.000 20.68379 ? 12  GLU G CB  1 
ATOM   1095 C CG  . GLU G 1 12 ? -10.61002 11.04313  -10.95420 1.000 29.99328 ? 12  GLU G CG  1 
ATOM   1096 C CD  . GLU G 1 12 ? -11.64703 12.09457  -10.85978 1.000 29.71783 ? 12  GLU G CD  1 
ATOM   1097 O OE1 . GLU G 1 12 ? -11.46378 13.15710  -11.49170 1.000 33.17584 ? 12  GLU G OE1 1 
ATOM   1098 O OE2 . GLU G 1 12 ? -12.64260 11.84404  -10.15385 1.000 33.35704 ? 12  GLU G OE2 1 
ATOM   1099 N N   . GLN G 1 13 ? -6.26056  11.43678  -12.14691 1.000 23.52019 ? 13  GLN G N   1 
ATOM   1100 C CA  . GLN G 1 13 ? -5.01563  11.64578  -12.88016 1.000 21.67699 ? 13  GLN G CA  1 
ATOM   1101 C C   . GLN G 1 13 ? -4.32158  10.32348  -13.14708 1.000 24.49381 ? 13  GLN G C   1 
ATOM   1102 O O   . GLN G 1 13 ? -3.91371  10.03018  -14.27764 1.000 24.05421 ? 13  GLN G O   1 
ATOM   1103 C CB  . GLN G 1 13 ? -4.07328  12.53574  -12.06452 1.000 28.07898 ? 13  GLN G CB  1 
ATOM   1104 C CG  . GLN G 1 13 ? -4.39117  14.02472  -11.99723 1.000 34.59949 ? 13  GLN G CG  1 
ATOM   1105 C CD  . GLN G 1 13 ? -4.11528  14.76374  -13.28720 1.000 38.27105 ? 13  GLN G CD  1 
ATOM   1106 O OE1 . GLN G 1 13 ? -4.61860  15.86175  -13.49279 1.000 43.34377 ? 13  GLN G OE1 1 
ATOM   1107 N NE2 . GLN G 1 13 ? -3.29209  14.17795  -14.15205 1.000 40.13452 ? 13  GLN G NE2 1 
ATOM   1108 N N   . LEU G 1 14 ? -4.15681  9.52261   -12.09575 1.000 23.30891 ? 14  LEU G N   1 
ATOM   1109 C CA  . LEU G 1 14 ? -3.45936  8.25517   -12.24204 1.000 19.09282 ? 14  LEU G CA  1 
ATOM   1110 C C   . LEU G 1 14 ? -4.21109  7.31384   -13.16286 1.000 23.47712 ? 14  LEU G C   1 
ATOM   1111 O O   . LEU G 1 14 ? -3.58351  6.53759   -13.89291 1.000 21.13314 ? 14  LEU G O   1 
ATOM   1112 C CB  . LEU G 1 14 ? -3.23360  7.62151   -10.86119 1.000 18.76830 ? 14  LEU G CB  1 
ATOM   1113 C CG  . LEU G 1 14 ? -2.26337  8.38045   -9.94480  1.000 22.88801 ? 14  LEU G CG  1 
ATOM   1114 C CD1 . LEU G 1 14 ? -2.23255  7.84450   -8.52697  1.000 23.82348 ? 14  LEU G CD1 1 
ATOM   1115 C CD2 . LEU G 1 14 ? -0.87730  8.31932   -10.53505 1.000 27.65287 ? 14  LEU G CD2 1 
ATOM   1116 N N   . ALA G 1 15 ? -5.54892  7.39264   -13.17278 1.000 21.52599 ? 15  ALA G N   1 
ATOM   1117 C CA  . ALA G 1 15 ? -6.30858  6.49178   -14.03790 1.000 20.73599 ? 15  ALA G CA  1 
ATOM   1118 C C   . ALA G 1 15 ? -5.99128  6.76401   -15.49716 1.000 23.88094 ? 15  ALA G C   1 
ATOM   1119 O O   . ALA G 1 15 ? -5.87847  5.83331   -16.30345 1.000 23.70201 ? 15  ALA G O   1 
ATOM   1120 C CB  . ALA G 1 15 ? -7.80859  6.63668   -13.77461 1.000 24.90464 ? 15  ALA G CB  1 
ATOM   1121 N N   . TYR G 1 16 ? -5.79170  8.03210   -15.84665 1.000 21.32442 ? 16  TYR G N   1 
ATOM   1122 C CA  . TYR G 1 16 ? -5.42842  8.34660   -17.22065 1.000 26.69148 ? 16  TYR G CA  1 
ATOM   1123 C C   . TYR G 1 16 ? -4.01688  7.88253   -17.54573 1.000 27.33933 ? 16  TYR G C   1 
ATOM   1124 O O   . TYR G 1 16 ? -3.74631  7.48747   -18.68717 1.000 29.76655 ? 16  TYR G O   1 
ATOM   1125 C CB  . TYR G 1 16 ? -5.61682  9.84667   -17.49718 1.000 22.84390 ? 16  TYR G CB  1 
ATOM   1126 C CG  . TYR G 1 16 ? -7.08300  10.19999  -17.69129 1.000 26.06869 ? 16  TYR G CG  1 
ATOM   1127 C CD1 . TYR G 1 16 ? -7.73737  9.82838   -18.85656 1.000 31.18676 ? 16  TYR G CD1 1 
ATOM   1128 C CD2 . TYR G 1 16 ? -7.80584  10.92250  -16.73679 1.000 28.41902 ? 16  TYR G CD2 1 
ATOM   1129 C CE1 . TYR G 1 16 ? -9.07503  10.13010  -19.06711 1.000 31.97029 ? 16  TYR G CE1 1 
ATOM   1130 C CE2 . TYR G 1 16 ? -9.15259  11.23737  -16.94476 1.000 29.31729 ? 16  TYR G CE2 1 
ATOM   1131 C CZ  . TYR G 1 16 ? -9.77760  10.83290  -18.12281 1.000 30.44894 ? 16  TYR G CZ  1 
ATOM   1132 O OH  . TYR G 1 16 ? -11.11348 11.12065  -18.37098 1.000 31.95315 ? 16  TYR G OH  1 
ATOM   1133 N N   . GLU G 1 17 ? -3.11940  7.86776   -16.55984 1.000 23.67803 ? 17  GLU G N   1 
ATOM   1134 C CA  . GLU G 1 17 ? -1.79307  7.29802   -16.80120 1.000 26.63949 ? 17  GLU G CA  1 
ATOM   1135 C C   . GLU G 1 17 ? -1.86321  5.78273   -16.97819 1.000 24.46397 ? 17  GLU G C   1 
ATOM   1136 O O   . GLU G 1 17 ? -1.13904  5.22161   -17.80800 1.000 29.23105 ? 17  GLU G O   1 
ATOM   1137 C CB  . GLU G 1 17 ? -0.83139  7.69135   -15.67284 1.000 23.78686 ? 17  GLU G CB  1 
ATOM   1138 C CG  . GLU G 1 17 ? -0.55501  9.20217   -15.60639 1.000 29.06369 ? 17  GLU G CG  1 
ATOM   1139 C CD  . GLU G 1 17 ? 0.48420   9.58573   -14.55032 1.000 34.28114 ? 17  GLU G CD  1 
ATOM   1140 O OE1 . GLU G 1 17 ? 0.48447   10.75953  -14.10538 1.000 46.54727 ? 17  GLU G OE1 1 
ATOM   1141 O OE2 . GLU G 1 17 ? 1.30046   8.72132   -14.16742 1.000 37.64814 ? 17  GLU G OE2 1 
ATOM   1142 N N   . VAL G 1 18 ? -2.74625  5.10421   -16.22996 1.000 20.30030 ? 18  VAL G N   1 
ATOM   1143 C CA  . VAL G 1 18 ? -2.90365  3.65871   -16.35633 1.000 22.04212 ? 18  VAL G CA  1 
ATOM   1144 C C   . VAL G 1 18 ? -3.32780  3.28104   -17.76870 1.000 22.55119 ? 18  VAL G C   1 
ATOM   1145 O O   . VAL G 1 18 ? -2.95076  2.22076   -18.27729 1.000 25.73956 ? 18  VAL G O   1 
ATOM   1146 C CB  . VAL G 1 18 ? -3.89388  3.14237   -15.29490 1.000 20.72257 ? 18  VAL G CB  1 
ATOM   1147 C CG1 . VAL G 1 18 ? -4.28303  1.68314   -15.55489 1.000 23.48308 ? 18  VAL G CG1 1 
ATOM   1148 C CG2 . VAL G 1 18 ? -3.29148  3.31953   -13.90463 1.000 18.45489 ? 18  VAL G CG2 1 
ATOM   1149 N N   . GLU G 1 19 ? -4.07228  4.15984   -18.44603 1.000 24.16795 ? 19  GLU G N   1 
ATOM   1150 C CA  . GLU G 1 19 ? -4.50308  3.86679   -19.81203 1.000 25.41379 ? 19  GLU G CA  1 
ATOM   1151 C C   . GLU G 1 19 ? -3.33568  3.77162   -20.79033 1.000 25.17520 ? 19  GLU G C   1 
ATOM   1152 O O   . GLU G 1 19 ? -3.48406  3.14899   -21.85064 1.000 29.35848 ? 19  GLU G O   1 
ATOM   1153 C CB  . GLU G 1 19 ? -5.47930  4.94489   -20.28200 1.000 28.71549 ? 19  GLU G CB  1 
ATOM   1154 C CG  . GLU G 1 19 ? -6.86614  4.80569   -19.70139 1.000 30.99556 ? 19  GLU G CG  1 
ATOM   1155 C CD  . GLU G 1 19 ? -7.79780  5.93970   -20.12075 1.000 28.46841 ? 19  GLU G CD  1 
ATOM   1156 O OE1 . GLU G 1 19 ? -7.34185  6.86025   -20.83146 1.000 34.14505 ? 19  GLU G OE1 1 
ATOM   1157 O OE2 . GLU G 1 19 ? -8.97425  5.93064   -19.70732 1.000 34.34145 ? 19  GLU G OE2 1 
ATOM   1158 N N   . HIS G 1 20 ? -2.18990  4.38402   -20.47665 1.000 28.89227 ? 20  HIS G N   1 
ATOM   1159 C CA  . HIS G 1 20 ? -1.02529  4.28001   -21.34896 1.000 26.90821 ? 20  HIS G CA  1 
ATOM   1160 C C   . HIS G 1 20 ? -0.26793  2.96120   -21.17919 1.000 30.57005 ? 20  HIS G C   1 
ATOM   1161 O O   . HIS G 1 20 ? 0.59336   2.65032   -22.01027 1.000 32.26335 ? 20  HIS G O   1 
ATOM   1162 C CB  . HIS G 1 20 ? -0.06914  5.45545   -21.12516 1.000 32.58788 ? 20  HIS G CB  1 
ATOM   1163 C CG  . HIS G 1 20 ? -0.63345  6.78148   -21.54120 1.000 33.76514 ? 20  HIS G CG  1 
ATOM   1164 N ND1 . HIS G 1 20 ? -1.95445  7.12195   -21.34240 1.000 36.71525 ? 20  HIS G ND1 1 
ATOM   1165 C CD2 . HIS G 1 20 ? -0.05839  7.84521   -22.15239 1.000 38.59686 ? 20  HIS G CD2 1 
ATOM   1166 C CE1 . HIS G 1 20 ? -2.16627  8.34356   -21.79975 1.000 34.07754 ? 20  HIS G CE1 1 
ATOM   1167 N NE2 . HIS G 1 20 ? -1.03336  8.80163   -22.30248 1.000 46.16374 ? 20  HIS G NE2 1 
ATOM   1168 N N   . LEU G 1 21 ? -0.55976  2.17700   -20.14329 1.000 24.77219 ? 21  LEU G N   1 
ATOM   1169 C CA  . LEU G 1 21 ? 0.06514   0.86827   -20.00713 1.000 29.11953 ? 21  LEU G CA  1 
ATOM   1170 C C   . LEU G 1 21 ? -0.56825  -0.11435  -20.99127 1.000 28.89761 ? 21  LEU G C   1 
ATOM   1171 O O   . LEU G 1 21 ? -1.48085  0.22206   -21.75232 1.000 28.09937 ? 21  LEU G O   1 
ATOM   1172 C CB  . LEU G 1 21 ? -0.04731  0.36478   -18.56727 1.000 26.84665 ? 21  LEU G CB  1 
ATOM   1173 C CG  . LEU G 1 21 ? 0.50155   1.30964   -17.48730 1.000 27.50114 ? 21  LEU G CG  1 
ATOM   1174 C CD1 . LEU G 1 21 ? 0.32688   0.67676   -16.10976 1.000 26.50013 ? 21  LEU G CD1 1 
ATOM   1175 C CD2 . LEU G 1 21 ? 1.97887   1.64493   -17.74153 1.000 28.79272 ? 21  LEU G CD2 1 
ATOM   1176 N N   . SER G 1 22 ? -0.07402  -1.35085  -20.99335 1.000 28.97425 ? 22  SER G N   1 
ATOM   1177 C CA  . SER G 1 22 ? -0.58003  -2.36568  -21.90367 1.000 29.86508 ? 22  SER G CA  1 
ATOM   1178 C C   . SER G 1 22 ? -0.98174  -3.62094  -21.14480 1.000 28.85507 ? 22  SER G C   1 
ATOM   1179 O O   . SER G 1 22 ? -0.53956  -3.87142  -20.02150 1.000 28.09273 ? 22  SER G O   1 
ATOM   1180 C CB  . SER G 1 22 ? 0.45240   -2.70146  -22.99323 1.000 33.08225 ? 22  SER G CB  1 
ATOM   1181 O OG  . SER G 1 22 ? 1.07870   -1.52496  -23.48372 1.000 39.64624 ? 22  SER G OG  1 
ATOM   1182 N N   . SER G 1 23 ? -1.83723  -4.41674  -21.78374 1.000 35.12602 ? 23  SER G N   1 
ATOM   1183 C CA  . SER G 1 23 ? -2.24714  -5.70417  -21.24936 1.000 28.74775 ? 23  SER G CA  1 
ATOM   1184 C C   . SER G 1 23 ? -1.12006  -6.71049  -21.46712 1.000 31.07205 ? 23  SER G C   1 
ATOM   1185 O O   . SER G 1 23 ? -1.11516  -7.79362  -20.89406 1.000 33.56008 ? 23  SER G O   1 
ATOM   1186 C CB  . SER G 1 23 ? -3.53447  -6.19217  -21.91806 1.000 30.80651 ? 23  SER G CB  1 
ATOM   1187 O OXT . SER G 1 23 ? -0.18574  -6.44332  -22.22872 1.000 34.89961 ? 23  SER G OXT 1 
ATOM   1188 N N   . THR H 2 1  ? 5.26873   6.73799   -19.53762 1.000 48.38799 ? 1   THR H N   1 
ATOM   1189 C CA  . THR H 2 1  ? 6.43449   7.27800   -18.84693 1.000 49.27326 ? 1   THR H CA  1 
ATOM   1190 C C   . THR H 2 1  ? 6.60485   6.63930   -17.46995 1.000 35.03769 ? 1   THR H C   1 
ATOM   1191 O O   . THR H 2 1  ? 7.69965   6.20328   -17.11293 1.000 40.86302 ? 1   THR H O   1 
ATOM   1192 C CB  . THR H 2 1  ? 6.34438   8.80963   -18.68823 1.000 49.38818 ? 1   THR H CB  1 
ATOM   1193 N N   . ALA H 2 2  ? 5.52451   6.60166   -16.69476 1.000 37.35210 ? 2   ALA H N   1 
ATOM   1194 C CA  . ALA H 2 2  ? 5.54297   5.88052   -15.43145 1.000 30.60109 ? 2   ALA H CA  1 
ATOM   1195 C C   . ALA H 2 2  ? 5.53104   4.37902   -15.69486 1.000 27.22966 ? 2   ALA H C   1 
ATOM   1196 O O   . ALA H 2 2  ? 4.76294   3.88996   -16.52846 1.000 29.07235 ? 2   ALA H O   1 
ATOM   1197 C CB  . ALA H 2 2  ? 4.34178   6.27566   -14.57607 1.000 29.07042 ? 2   ALA H CB  1 
ATOM   1198 N N   . SER H 2 3  ? 6.39060   3.64067   -14.99582 1.000 25.04265 ? 3   SER H N   1 
ATOM   1199 C CA  . SER H 2 3  ? 6.34761   2.19598   -15.09884 1.000 21.30882 ? 3   SER H CA  1 
ATOM   1200 C C   . SER H 2 3  ? 5.11615   1.66739   -14.37467 1.000 24.64503 ? 3   SER H C   1 
ATOM   1201 O O   . SER H 2 3  ? 4.53396   2.36709   -13.54329 1.000 21.72989 ? 3   SER H O   1 
ATOM   1202 C CB  . SER H 2 3  ? 7.60559   1.58860   -14.49562 1.000 22.40162 ? 3   SER H CB  1 
ATOM   1203 O OG  . SER H 2 3  ? 7.66749   1.84416   -13.10092 1.000 25.14337 ? 3   SER H OG  1 
ATOM   1204 N N   . PRO H 2 4  ? 4.68535   0.43915   -14.68106 1.000 21.09035 ? 4   PRO H N   1 
ATOM   1205 C CA  . PRO H 2 4  ? 3.62519   -0.16876  -13.85854 1.000 19.48331 ? 4   PRO H CA  1 
ATOM   1206 C C   . PRO H 2 4  ? 3.92532   -0.08891  -12.36783 1.000 21.03874 ? 4   PRO H C   1 
ATOM   1207 O O   . PRO H 2 4  ? 3.04313   0.27346   -11.57329 1.000 22.57623 ? 4   PRO H O   1 
ATOM   1208 C CB  . PRO H 2 4  ? 3.58183   -1.61554  -14.38144 1.000 21.82158 ? 4   PRO H CB  1 
ATOM   1209 C CG  . PRO H 2 4  ? 3.91933   -1.46462  -15.80662 1.000 20.98705 ? 4   PRO H CG  1 
ATOM   1210 C CD  . PRO H 2 4  ? 5.02274   -0.42980  -15.82631 1.000 19.61751 ? 4   PRO H CD  1 
ATOM   1211 N N   . HIS H 2 5  ? 5.16325   -0.38324  -11.96481 1.000 20.43312 ? 5   HIS H N   1 
ATOM   1212 C CA  . HIS H 2 5  ? 5.50184   -0.31792  -10.54723 1.000 20.15177 ? 5   HIS H CA  1 
ATOM   1213 C C   . HIS H 2 5  ? 5.34069   1.09440   -9.99651  1.000 19.59169 ? 5   HIS H C   1 
ATOM   1214 O O   . HIS H 2 5  ? 4.80494   1.28156   -8.89975  1.000 21.64424 ? 5   HIS H O   1 
ATOM   1215 C CB  . HIS H 2 5  ? 6.93358   -0.79736  -10.30225 1.000 23.58018 ? 5   HIS H CB  1 
ATOM   1216 C CG  . HIS H 2 5  ? 7.36052   -0.61965  -8.88068  1.000 18.19615 ? 5   HIS H CG  1 
ATOM   1217 N ND1 . HIS H 2 5  ? 7.04217   -1.52996  -7.89908  1.000 18.07599 ? 5   HIS H ND1 1 
ATOM   1218 C CD2 . HIS H 2 5  ? 8.01367   0.39126   -8.26560  1.000 20.35143 ? 5   HIS H CD2 1 
ATOM   1219 C CE1 . HIS H 2 5  ? 7.49446   -1.09023  -6.73736  1.000 21.08110 ? 5   HIS H CE1 1 
ATOM   1220 N NE2 . HIS H 2 5  ? 8.09005   0.07256   -6.93380  1.000 21.08619 ? 5   HIS H NE2 1 
ATOM   1221 N N   . ALA H 2 6  ? 5.84936   2.09965   -10.72036 1.000 19.93317 ? 6   ALA H N   1 
ATOM   1222 C CA  . ALA H 2 6  ? 5.78220   3.47922   -10.24523 1.000 19.97192 ? 6   ALA H CA  1 
ATOM   1223 C C   . ALA H 2 6  ? 4.33866   3.92074   -10.02409 1.000 21.49407 ? 6   ALA H C   1 
ATOM   1224 O O   . ALA H 2 6  ? 4.02570   4.58268   -9.02802  1.000 22.37823 ? 6   ALA H O   1 
ATOM   1225 C CB  . ALA H 2 6  ? 6.47480   4.38822   -11.25219 1.000 21.66138 ? 6   ALA H CB  1 
ATOM   1226 N N   . LEU H 2 7  ? 3.44276   3.55662   -10.93702 1.000 20.68177 ? 7   LEU H N   1 
ATOM   1227 C CA  . LEU H 2 7  ? 2.04450   3.95084   -10.77720 1.000 20.06826 ? 7   LEU H CA  1 
ATOM   1228 C C   . LEU H 2 7  ? 1.39429   3.19692   -9.61942  1.000 22.42629 ? 7   LEU H C   1 
ATOM   1229 O O   . LEU H 2 7  ? 0.65724   3.79194   -8.81929  1.000 22.31876 ? 7   LEU H O   1 
ATOM   1230 C CB  . LEU H 2 7  ? 1.27800   3.69475   -12.07385 1.000 22.50006 ? 7   LEU H CB  1 
ATOM   1231 C CG  . LEU H 2 7  ? 1.21176   4.76748   -13.16055 1.000 29.05037 ? 7   LEU H CG  1 
ATOM   1232 C CD1 . LEU H 2 7  ? 0.75604   4.14692   -14.45113 1.000 27.09567 ? 7   LEU H CD1 1 
ATOM   1233 C CD2 . LEU H 2 7  ? 0.23002   5.86008   -12.78721 1.000 30.68574 ? 7   LEU H CD2 1 
ATOM   1234 N N   . ALA H 2 8  ? 1.64949   1.89023   -9.52193  1.000 21.13431 ? 8   ALA H N   1 
ATOM   1235 C CA  . ALA H 2 8  ? 1.10814   1.09015   -8.42800  1.000 18.17979 ? 8   ALA H CA  1 
ATOM   1236 C C   . ALA H 2 8  ? 1.65687   1.55797   -7.08979  1.000 18.93592 ? 8   ALA H C   1 
ATOM   1237 O O   . ALA H 2 8  ? 0.95099   1.52827   -6.08052  1.000 19.61481 ? 8   ALA H O   1 
ATOM   1238 C CB  . ALA H 2 8  ? 1.42898   -0.39288  -8.64710  1.000 19.46992 ? 8   ALA H CB  1 
ATOM   1239 N N   . ASN H 2 9  ? 2.91644   2.00219   -7.06979  1.000 17.57457 ? 9   ASN H N   1 
ATOM   1240 C CA  . ASN H 2 9  ? 3.50086   2.58187   -5.86408  1.000 18.97880 ? 9   ASN H CA  1 
ATOM   1241 C C   . ASN H 2 9  ? 2.67144   3.77365   -5.38826  1.000 18.16452 ? 9   ASN H C   1 
ATOM   1242 O O   . ASN H 2 9  ? 2.26182   3.84620   -4.22395  1.000 18.50327 ? 9   ASN H O   1 
ATOM   1243 C CB  . ASN H 2 9  ? 4.95226   2.97391   -6.18370  1.000 21.41049 ? 9   ASN H CB  1 
ATOM   1244 C CG  . ASN H 2 9  ? 5.68021   3.70697   -5.04302  1.000 22.93295 ? 9   ASN H CG  1 
ATOM   1245 O OD1 . ASN H 2 9  ? 5.10333   4.42976   -4.22976  1.000 22.73361 ? 9   ASN H OD1 1 
ATOM   1246 N ND2 . ASN H 2 9  ? 6.98067   3.55645   -5.03822  1.000 23.84044 ? 9   ASN H ND2 1 
ATOM   1247 N N   . ARG H 2 10 ? 2.38900   4.70228   -6.28903  1.000 17.72509 ? 10  ARG H N   1 
ATOM   1248 C CA  . ARG H 2 10 ? 1.61505   5.86594   -5.88869  1.000 17.38759 ? 10  ARG H CA  1 
ATOM   1249 C C   . ARG H 2 10 ? 0.21991   5.44463   -5.45909  1.000 18.31660 ? 10  ARG H C   1 
ATOM   1250 O O   . ARG H 2 10 ? -0.31116  5.94112   -4.45372  1.000 18.70652 ? 10  ARG H O   1 
ATOM   1251 C CB  . ARG H 2 10 ? 1.55326   6.87752   -7.03374  1.000 21.51952 ? 10  ARG H CB  1 
ATOM   1252 C CG  . ARG H 2 10 ? 0.88219   8.22563   -6.66050  1.000 19.75672 ? 10  ARG H CG  1 
ATOM   1253 C CD  . ARG H 2 10 ? 1.61893   8.95398   -5.51784  1.000 22.49919 ? 10  ARG H CD  1 
ATOM   1254 N NE  . ARG H 2 10 ? 1.04753   10.27297  -5.25736  1.000 22.22577 ? 10  ARG H NE  1 
ATOM   1255 C CZ  . ARG H 2 10 ? 1.23764   10.96233  -4.13810  1.000 23.27325 ? 10  ARG H CZ  1 
ATOM   1256 N NH1 . ARG H 2 10 ? 1.99442   10.49607  -3.15606  1.000 24.26722 ? 10  ARG H NH1 1 
ATOM   1257 N NH2 . ARG H 2 10 ? 0.64319   12.13901  -3.99622  1.000 24.59442 ? 10  ARG H NH2 1 
ATOM   1258 N N   . LEU H 2 11 ? -0.35966  4.46880   -6.16541  1.000 16.26234 ? 11  LEU H N   1 
ATOM   1259 C CA  . LEU H 2 11 ? -1.69597  4.00622   -5.79677  1.000 16.03642 ? 11  LEU H CA  1 
ATOM   1260 C C   . LEU H 2 11 ? -1.70282  3.38098   -4.41342  1.000 15.05703 ? 11  LEU H C   1 
ATOM   1261 O O   . LEU H 2 11 ? -2.63505  3.58750   -3.63393  1.000 18.48177 ? 11  LEU H O   1 
ATOM   1262 C CB  . LEU H 2 11 ? -2.21449  3.02554   -6.82950  1.000 18.63920 ? 11  LEU H CB  1 
ATOM   1263 C CG  . LEU H 2 11 ? -2.56678  3.69098   -8.15122  1.000 18.90692 ? 11  LEU H CG  1 
ATOM   1264 C CD1 . LEU H 2 11 ? -2.78372  2.62960   -9.22075  1.000 24.53141 ? 11  LEU H CD1 1 
ATOM   1265 C CD2 . LEU H 2 11 ? -3.80481  4.57878   -7.97577  1.000 20.49355 ? 11  LEU H CD2 1 
ATOM   1266 N N   . ARG H 2 12 ? -0.66562  2.61575   -4.08338  1.000 16.86514 ? 12  ARG H N   1 
ATOM   1267 C CA  . ARG H 2 12 ? -0.59616  2.03085   -2.75431  1.000 20.11513 ? 12  ARG H CA  1 
ATOM   1268 C C   . ARG H 2 12 ? -0.46937  3.10955   -1.68546  1.000 19.41179 ? 12  ARG H C   1 
ATOM   1269 O O   . ARG H 2 12 ? -1.09709  3.02081   -0.62214  1.000 17.96507 ? 12  ARG H O   1 
ATOM   1270 C CB  . ARG H 2 12 ? 0.58441   1.06407   -2.69640  1.000 17.70497 ? 12  ARG H CB  1 
ATOM   1271 C CG  . ARG H 2 12 ? 0.34991   -0.22940  -3.43817  1.000 20.73734 ? 12  ARG H CG  1 
ATOM   1272 C CD  . ARG H 2 12 ? 1.49723   -1.22322  -3.19704  1.000 21.23560 ? 12  ARG H CD  1 
ATOM   1273 N NE  . ARG H 2 12 ? 2.74338   -0.82083  -3.84719  1.000 19.55492 ? 12  ARG H NE  1 
ATOM   1274 C CZ  . ARG H 2 12 ? 3.10718   -1.20847  -5.06213  1.000 18.08353 ? 12  ARG H CZ  1 
ATOM   1275 N NH1 . ARG H 2 12 ? 2.37499   -2.05927  -5.76266  1.000 19.65334 ? 12  ARG H NH1 1 
ATOM   1276 N NH2 . ARG H 2 12 ? 4.24843   -0.75490  -5.57060  1.000 20.46252 ? 12  ARG H NH2 1 
ATOM   1277 N N   . GLN H 2 13 ? 0.37286   4.11056   -1.93488  1.000 21.27447 ? 13  GLN H N   1 
ATOM   1278 C CA  . GLN H 2 13 ? 0.44631   5.28246   -1.06367  1.000 20.53362 ? 13  GLN H CA  1 
ATOM   1279 C C   . GLN H 2 13 ? -0.91685  5.92022   -0.84248  1.000 19.17759 ? 13  GLN H C   1 
ATOM   1280 O O   . GLN H 2 13 ? -1.29815  6.22658   0.29230   1.000 21.52010 ? 13  GLN H O   1 
ATOM   1281 C CB  . GLN H 2 13 ? 1.38234   6.33001   -1.66344  1.000 21.01107 ? 13  GLN H CB  1 
ATOM   1282 C CG  . GLN H 2 13 ? 1.98437   7.27650   -0.63554  1.000 29.84694 ? 13  GLN H CG  1 
ATOM   1283 C CD  . GLN H 2 13 ? 3.38315   7.74218   -1.01258  1.000 36.28740 ? 13  GLN H CD  1 
ATOM   1284 O OE1 . GLN H 2 13 ? 3.67234   7.94444   -2.19088  1.000 35.53324 ? 13  GLN H OE1 1 
ATOM   1285 N NE2 . GLN H 2 13 ? 4.24941   7.92581   -0.01711  1.000 35.13878 ? 13  GLN H NE2 1 
ATOM   1286 N N   . LEU H 2 14 ? -1.64145  6.19440   -1.92254  1.000 18.97041 ? 14  LEU H N   1 
ATOM   1287 C CA  . LEU H 2 14 ? -2.89606  6.91839   -1.75767  1.000 19.07984 ? 14  LEU H CA  1 
ATOM   1288 C C   . LEU H 2 14 ? -3.94705  6.03837   -1.11227  1.000 21.37168 ? 14  LEU H C   1 
ATOM   1289 O O   . LEU H 2 14 ? -4.84365  6.54113   -0.42787  1.000 19.55093 ? 14  LEU H O   1 
ATOM   1290 C CB  . LEU H 2 14 ? -3.39417  7.44025   -3.09754  1.000 25.41831 ? 14  LEU H CB  1 
ATOM   1291 C CG  . LEU H 2 14 ? -2.45348  8.41986   -3.78512  1.000 19.75397 ? 14  LEU H CG  1 
ATOM   1292 C CD1 . LEU H 2 14 ? -3.04883  8.82529   -5.12469  1.000 22.38687 ? 14  LEU H CD1 1 
ATOM   1293 C CD2 . LEU H 2 14 ? -2.16186  9.62123   -2.89476  1.000 26.71220 ? 14  LEU H CD2 1 
ATOM   1294 N N   . ALA H 2 15 ? -3.86100  4.72234   -1.32397  1.000 19.50073 ? 15  ALA H N   1 
ATOM   1295 C CA  . ALA H 2 15 ? -4.79854  3.83180   -0.65384  1.000 20.19837 ? 15  ALA H CA  1 
ATOM   1296 C C   . ALA H 2 15 ? -4.67178  3.95944   0.85692   1.000 21.73877 ? 15  ALA H C   1 
ATOM   1297 O O   . ALA H 2 15 ? -5.67664  3.93823   1.57346   1.000 22.10055 ? 15  ALA H O   1 
ATOM   1298 C CB  . ALA H 2 15 ? -4.57162  2.39011   -1.10280  1.000 20.59182 ? 15  ALA H CB  1 
ATOM   1299 N N   . TYR H 2 16 ? -3.44516  4.11467   1.36467   1.000 18.62128 ? 16  TYR H N   1 
ATOM   1300 C CA  . TYR H 2 16 ? -3.26804  4.31986   2.79431   1.000 18.56456 ? 16  TYR H CA  1 
ATOM   1301 C C   . TYR H 2 16 ? -3.87165  5.64579   3.24348   1.000 21.60257 ? 16  TYR H C   1 
ATOM   1302 O O   . TYR H 2 16 ? -4.45825  5.72848   4.32481   1.000 21.30472 ? 16  TYR H O   1 
ATOM   1303 C CB  . TYR H 2 16 ? -1.78992  4.26425   3.16077   1.000 23.47883 ? 16  TYR H CB  1 
ATOM   1304 C CG  . TYR H 2 16 ? -1.54299  4.58190   4.60669   1.000 25.24168 ? 16  TYR H CG  1 
ATOM   1305 C CD1 . TYR H 2 16 ? -1.86831  3.66463   5.59860   1.000 27.15516 ? 16  TYR H CD1 1 
ATOM   1306 C CD2 . TYR H 2 16 ? -1.00844  5.79851   4.98365   1.000 26.06475 ? 16  TYR H CD2 1 
ATOM   1307 C CE1 . TYR H 2 16 ? -1.65442  3.95684   6.92287   1.000 30.54363 ? 16  TYR H CE1 1 
ATOM   1308 C CE2 . TYR H 2 16 ? -0.79728  6.09505   6.29224   1.000 27.35790 ? 16  TYR H CE2 1 
ATOM   1309 C CZ  . TYR H 2 16 ? -1.11240  5.17016   7.26073   1.000 25.63817 ? 16  TYR H CZ  1 
ATOM   1310 O OH  . TYR H 2 16 ? -0.88356  5.50615   8.57458   1.000 36.73872 ? 16  TYR H OH  1 
ATOM   1311 N N   . ARG H 2 17 ? -3.70954  6.69578   2.43903   1.000 19.80756 ? 17  ARG H N   1 
ATOM   1312 C CA  A ARG H 2 17 ? -4.34005  7.97031   2.76660   0.632 18.22065 ? 17  ARG H CA  1 
ATOM   1313 C CA  B ARG H 2 17 ? -4.34129  7.97325   2.75525   0.368 18.51787 ? 17  ARG H CA  1 
ATOM   1314 C C   . ARG H 2 17 ? -5.85693  7.83248   2.79420   1.000 19.28010 ? 17  ARG H C   1 
ATOM   1315 O O   . ARG H 2 17 ? -6.51946  8.37342   3.69087   1.000 22.36461 ? 17  ARG H O   1 
ATOM   1316 C CB  A ARG H 2 17 ? -3.90606  9.03222   1.75998   0.632 21.30626 ? 17  ARG H CB  1 
ATOM   1317 C CB  B ARG H 2 17 ? -3.92823  9.02691   1.72752   0.368 21.26808 ? 17  ARG H CB  1 
ATOM   1318 C CG  A ARG H 2 17 ? -2.52496  9.57515   2.03207   0.632 21.86938 ? 17  ARG H CG  1 
ATOM   1319 C CG  B ARG H 2 17 ? -2.45050  9.36094   1.74714   0.368 21.60389 ? 17  ARG H CG  1 
ATOM   1320 C CD  A ARG H 2 17 ? -1.90240  10.14118  0.77786   0.632 22.61438 ? 17  ARG H CD  1 
ATOM   1321 C CD  B ARG H 2 17 ? -2.05352  9.96970   3.07264   0.368 22.66877 ? 17  ARG H CD  1 
ATOM   1322 N NE  A ARG H 2 17 ? -0.45458  10.16853  0.91925   0.632 29.79284 ? 17  ARG H NE  1 
ATOM   1323 N NE  B ARG H 2 17 ? -0.71156  10.53024  3.01152   0.368 24.55709 ? 17  ARG H NE  1 
ATOM   1324 C CZ  A ARG H 2 17 ? 0.38369   10.74010  0.06644   0.632 17.33955 ? 17  ARG H CZ  1 
ATOM   1325 C CZ  B ARG H 2 17 ? -0.09250  11.10495  4.03244   0.368 22.39104 ? 17  ARG H CZ  1 
ATOM   1326 N NH1 A ARG H 2 17 ? -0.03854  11.29438  -1.05658  0.632 31.31445 ? 17  ARG H NH1 1 
ATOM   1327 N NH1 B ARG H 2 17 ? -0.67248  11.21818  5.21800   0.368 24.22048 ? 17  ARG H NH1 1 
ATOM   1328 N NH2 A ARG H 2 17 ? 1.65907   10.79600  0.36984   0.632 18.16327 ? 17  ARG H NH2 1 
ATOM   1329 N NH2 B ARG H 2 17 ? 1.14364   11.56566  3.86313   0.368 24.89973 ? 17  ARG H NH2 1 
ATOM   1330 N N   . VAL H 2 18 ? -6.42635  7.09987   1.83315   1.000 19.46351 ? 18  VAL H N   1 
ATOM   1331 C CA  . VAL H 2 18 ? -7.87547  6.87773   1.83409   1.000 19.19309 ? 18  VAL H CA  1 
ATOM   1332 C C   . VAL H 2 18 ? -8.29575  6.13856   3.08887   1.000 19.30208 ? 18  VAL H C   1 
ATOM   1333 O O   . VAL H 2 18 ? -9.29334  6.48747   3.73131   1.000 20.73500 ? 18  VAL H O   1 
ATOM   1334 C CB  . VAL H 2 18 ? -8.31549  6.10049   0.58393   1.000 18.53002 ? 18  VAL H CB  1 
ATOM   1335 C CG1 . VAL H 2 18 ? -9.76683  5.64699   0.70850   1.000 19.92862 ? 18  VAL H CG1 1 
ATOM   1336 C CG2 . VAL H 2 18 ? -8.07965  6.91423   -0.66085  1.000 17.43596 ? 18  VAL H CG2 1 
ATOM   1337 N N   . ARG H 2 19 ? -7.54767  5.09755   3.44991   1.000 21.19768 ? 19  ARG H N   1 
ATOM   1338 C CA  . ARG H 2 19 ? -7.86082  4.31495   4.63594   1.000 20.52007 ? 19  ARG H CA  1 
ATOM   1339 C C   . ARG H 2 19 ? -7.92651  5.18042   5.88156   1.000 24.19009 ? 19  ARG H C   1 
ATOM   1340 O O   . ARG H 2 19 ? -8.68597  4.87614   6.80937   1.000 27.28780 ? 19  ARG H O   1 
ATOM   1341 C CB  . ARG H 2 19 ? -6.79804  3.22942   4.80275   1.000 20.22481 ? 19  ARG H CB  1 
ATOM   1342 C CG  . ARG H 2 19 ? -7.12362  2.17650   5.83687   1.000 21.89203 ? 19  ARG H CG  1 
ATOM   1343 C CD  . ARG H 2 19 ? -6.01324  1.10489   5.90492   1.000 23.29503 ? 19  ARG H CD  1 
ATOM   1344 N NE  . ARG H 2 19 ? -5.86503  0.38504   4.64490   1.000 22.58959 ? 19  ARG H NE  1 
ATOM   1345 C CZ  . ARG H 2 19 ? -6.74241  -0.48650  4.17838   1.000 21.05915 ? 19  ARG H CZ  1 
ATOM   1346 N NH1 . ARG H 2 19 ? -7.83917  -0.79386  4.85846   1.000 22.18221 ? 19  ARG H NH1 1 
ATOM   1347 N NH2 . ARG H 2 19 ? -6.52386  -1.05978  2.99556   1.000 22.98915 ? 19  ARG H NH2 1 
ATOM   1348 N N   . SER H 2 20 ? -7.15040  6.25789   5.91549   1.000 27.44133 ? 20  SER H N   1 
ATOM   1349 C CA  . SER H 2 20 ? -7.07204  7.14601   7.06836   1.000 28.89378 ? 20  SER H CA  1 
ATOM   1350 C C   . SER H 2 20 ? -8.16576  8.21291   7.09505   1.000 28.30095 ? 20  SER H C   1 
ATOM   1351 O O   . SER H 2 20 ? -8.18099  9.03415   8.02129   1.000 36.12157 ? 20  SER H O   1 
ATOM   1352 C CB  . SER H 2 20 ? -5.69298  7.81553   7.11074   1.000 31.61292 ? 20  SER H CB  1 
ATOM   1353 O OG  . SER H 2 20 ? -4.65018  6.85034   7.00306   1.000 32.78224 ? 20  SER H OG  1 
ATOM   1354 N N   . LEU H 2 21 ? -9.08467  8.21191   6.12673   1.000 26.15987 ? 21  LEU H N   1 
ATOM   1355 C CA  . LEU H 2 21 ? -10.18118 9.17356   6.08360   1.000 29.37461 ? 21  LEU H CA  1 
ATOM   1356 C C   . LEU H 2 21 ? -11.31217 8.72650   7.00529   1.000 33.22106 ? 21  LEU H C   1 
ATOM   1357 O O   . LEU H 2 21 ? -11.26000 7.66594   7.63111   1.000 31.70842 ? 21  LEU H O   1 
ATOM   1358 C CB  . LEU H 2 21 ? -10.71691 9.31864   4.66289   1.000 25.59967 ? 21  LEU H CB  1 
ATOM   1359 C CG  . LEU H 2 21 ? -9.80112  9.91222   3.59214   1.000 22.01154 ? 21  LEU H CG  1 
ATOM   1360 C CD1 . LEU H 2 21 ? -10.46218 9.87031   2.22201   1.000 23.73184 ? 21  LEU H CD1 1 
ATOM   1361 C CD2 . LEU H 2 21 ? -9.42985  11.31753  3.95746   1.000 26.72609 ? 21  LEU H CD2 1 
ATOM   1362 N N   . SER H 2 22 ? -12.37305 9.53005   7.04681   1.000 38.99136 ? 22  SER H N   1 
ATOM   1363 C CA  . SER H 2 22 ? -13.57687 9.21750   7.81592   1.000 36.53329 ? 22  SER H CA  1 
ATOM   1364 C C   . SER H 2 22 ? -14.78582 9.04516   6.90163   1.000 38.82802 ? 22  SER H C   1 
ATOM   1365 O O   . SER H 2 22 ? -14.88570 9.68026   5.84469   1.000 36.36647 ? 22  SER H O   1 
ATOM   1366 C CB  . SER H 2 22 ? -13.85642 10.31321  8.85158   1.000 41.99967 ? 22  SER H CB  1 
ATOM   1367 O OG  . SER H 2 22 ? -12.74436 10.50977  9.70951   1.000 44.31597 ? 22  SER H OG  1 
HETATM 1368 C C1  . GOL I 3 .  ? 12.38599  3.41954   -4.95318  1.000 35.33138 ? 101 GOL B C1  1 
HETATM 1369 O O1  . GOL I 3 .  ? 11.57708  3.98178   -5.91171  1.000 37.03407 ? 101 GOL B O1  1 
HETATM 1370 C C2  . GOL I 3 .  ? 13.66621  4.24704   -4.90732  1.000 18.63066 ? 101 GOL B C2  1 
HETATM 1371 O O2  . GOL I 3 .  ? 14.23996  4.23262   -3.67623  1.000 34.51503 ? 101 GOL B O2  1 
HETATM 1372 C C3  . GOL I 3 .  ? 14.61414  3.68943   -5.99837  1.000 42.73520 ? 101 GOL B C3  1 
HETATM 1373 O O3  . GOL I 3 .  ? 15.73589  4.52795   -6.04267  1.000 50.72095 ? 101 GOL B O3  1 
HETATM 1374 C C1  . GOL J 3 .  ? -17.74230 18.11923  -3.88734  1.000 28.24810 ? 101 GOL G C1  1 
HETATM 1375 O O1  . GOL J 3 .  ? -17.55111 17.16722  -2.85434  1.000 27.42600 ? 101 GOL G O1  1 
HETATM 1376 C C2  . GOL J 3 .  ? -16.73232 17.88601  -5.04530  1.000 21.84598 ? 101 GOL G C2  1 
HETATM 1377 O O2  . GOL J 3 .  ? -17.19496 16.98456  -5.96786  1.000 42.83356 ? 101 GOL G O2  1 
HETATM 1378 C C3  . GOL J 3 .  ? -15.37954 17.51827  -4.38089  1.000 38.89183 ? 101 GOL G C3  1 
HETATM 1379 O O3  . GOL J 3 .  ? -14.42003 18.39919  -4.89263  1.000 32.22179 ? 101 GOL G O3  1 
HETATM 1380 O O   . HOH K 4 .  ? 15.45424  -5.57436  14.91794  1.000 33.33418 ? 101 HOH A O   1 
HETATM 1381 O O   . HOH K 4 .  ? 10.76364  -8.23041  -0.37882  1.000 28.92209 ? 102 HOH A O   1 
HETATM 1382 O O   . HOH K 4 .  ? 16.57188  -11.21045 6.73718   1.000 24.70046 ? 103 HOH A O   1 
HETATM 1383 O O   . HOH K 4 .  ? 10.29927  -12.17897 13.44635  1.000 25.62716 ? 104 HOH A O   1 
HETATM 1384 O O   . HOH K 4 .  ? 16.92593  -5.69703  12.41865  1.000 34.51691 ? 105 HOH A O   1 
HETATM 1385 O O   . HOH K 4 .  ? 12.23904  -8.18284  1.97059   1.000 28.28951 ? 106 HOH A O   1 
HETATM 1386 O O   . HOH K 4 .  ? 14.58686  -12.98521 6.06911   1.000 23.32063 ? 107 HOH A O   1 
HETATM 1387 O O   . HOH K 4 .  ? 14.41875  -14.08956 8.46272   1.000 20.46303 ? 108 HOH A O   1 
HETATM 1388 O O   . HOH K 4 .  ? 6.91042   -21.08529 0.68800   1.000 38.94614 ? 109 HOH A O   1 
HETATM 1389 O O   . HOH K 4 .  ? 3.63326   -21.12916 5.54308   1.000 26.43222 ? 110 HOH A O   1 
HETATM 1390 O O   . HOH K 4 .  ? 13.04016  -12.95856 2.08699   1.000 33.14099 ? 111 HOH A O   1 
HETATM 1391 O O   . HOH L 4 .  ? 0.59373   -6.28274  -3.24890  1.000 40.39236 ? 201 HOH B O   1 
HETATM 1392 O O   . HOH L 4 .  ? 8.46856   -4.10513  -5.54919  1.000 27.32896 ? 202 HOH B O   1 
HETATM 1393 O O   . HOH L 4 .  ? 3.46248   2.74820   -1.86739  1.000 24.92463 ? 203 HOH B O   1 
HETATM 1394 O O   . HOH L 4 .  ? 2.45111   -6.07621  -6.10354  1.000 21.82576 ? 204 HOH B O   1 
HETATM 1395 O O   . HOH L 4 .  ? -0.95632  -2.12997  -0.71637  1.000 22.85454 ? 205 HOH B O   1 
HETATM 1396 O O   . HOH L 4 .  ? 9.79062   -0.44438  -3.36156  1.000 32.31816 ? 206 HOH B O   1 
HETATM 1397 O O   . HOH L 4 .  ? 6.80658   -8.97156  -5.42802  1.000 29.89087 ? 207 HOH B O   1 
HETATM 1398 O O   . HOH L 4 .  ? 12.62155  8.46141   1.02688   1.000 32.02185 ? 208 HOH B O   1 
HETATM 1399 O O   . HOH L 4 .  ? 0.84455   -4.82538  -4.75157  1.000 21.60339 ? 209 HOH B O   1 
HETATM 1400 O O   . HOH M 4 .  ? 17.91492  10.69634  4.02777   1.000 44.95706 ? 101 HOH C O   1 
HETATM 1401 O O   . HOH M 4 .  ? 11.66226  11.18019  5.72030   1.000 33.78011 ? 102 HOH C O   1 
HETATM 1402 O O   . HOH M 4 .  ? 1.72862   3.45762   4.52111   1.000 22.83827 ? 103 HOH C O   1 
HETATM 1403 O O   . HOH M 4 .  ? 2.31002   -0.60966  13.20784  1.000 31.96048 ? 104 HOH C O   1 
HETATM 1404 O O   . HOH M 4 .  ? -3.46693  1.52519   8.89518   1.000 36.36045 ? 105 HOH C O   1 
HETATM 1405 O O   . HOH M 4 .  ? -7.15482  -2.51907  11.93840  1.000 36.75942 ? 106 HOH C O   1 
HETATM 1406 O O   . HOH M 4 .  ? 10.38323  8.99922   2.14681   1.000 33.17743 ? 107 HOH C O   1 
HETATM 1407 O O   . HOH M 4 .  ? -6.32435  0.92431   9.31239   1.000 35.47369 ? 108 HOH C O   1 
HETATM 1408 O O   . HOH M 4 .  ? 5.79121   9.22513   11.82796  1.000 28.51381 ? 109 HOH C O   1 
HETATM 1409 O O   . HOH M 4 .  ? -9.64665  -3.33988  6.74654   1.000 21.06260 ? 110 HOH C O   1 
HETATM 1410 O O   . HOH M 4 .  ? 0.05240   -0.16306  14.35404  1.000 38.78386 ? 111 HOH C O   1 
HETATM 1411 O O   . HOH N 4 .  ? 9.70023   -1.67906  19.10269  1.000 31.66404 ? 101 HOH D O   1 
HETATM 1412 O O   . HOH N 4 .  ? 1.45297   -14.99477 20.06690  1.000 29.71640 ? 102 HOH D O   1 
HETATM 1413 O O   . HOH N 4 .  ? 8.47066   -16.14577 13.99289  1.000 25.19134 ? 103 HOH D O   1 
HETATM 1414 O O   . HOH N 4 .  ? 1.93972   -10.20634 20.60717  1.000 29.80799 ? 104 HOH D O   1 
HETATM 1415 O O   . HOH N 4 .  ? 3.59006   -2.13387  14.88979  1.000 35.14671 ? 105 HOH D O   1 
HETATM 1416 O O   . HOH N 4 .  ? 12.88712  8.83485   14.25106  1.000 40.97055 ? 106 HOH D O   1 
HETATM 1417 O O   . HOH N 4 .  ? -4.99073  -23.31400 10.39150  1.000 53.76390 ? 107 HOH D O   1 
HETATM 1418 O O   . HOH N 4 .  ? 17.45096  3.43130   16.04734  1.000 37.41048 ? 108 HOH D O   1 
HETATM 1419 O O   . HOH N 4 .  ? 8.34319   -4.44548  19.28834  1.000 34.59713 ? 109 HOH D O   1 
HETATM 1420 O O   . HOH O 4 .  ? 6.59448   -6.06018  -8.95211  1.000 22.59010 ? 101 HOH E O   1 
HETATM 1421 O O   . HOH O 4 .  ? 5.74931   -4.04691  -12.32951 1.000 24.28221 ? 102 HOH E O   1 
HETATM 1422 O O   . HOH O 4 .  ? 5.05342   -5.53633  -14.90716 1.000 23.39672 ? 103 HOH E O   1 
HETATM 1423 O O   . HOH O 4 .  ? -13.54940 -3.15860  5.42287   1.000 35.56853 ? 104 HOH E O   1 
HETATM 1424 O O   . HOH O 4 .  ? -2.92424  -7.09739  -14.26224 1.000 28.43341 ? 105 HOH E O   1 
HETATM 1425 O O   . HOH O 4 .  ? -1.50808  -3.25776  -3.32491  1.000 21.40287 ? 106 HOH E O   1 
HETATM 1426 O O   . HOH O 4 .  ? -1.45888  -8.27745  -16.27142 1.000 28.96796 ? 107 HOH E O   1 
HETATM 1427 O O   . HOH O 4 .  ? -13.21813 -4.47013  2.20023   1.000 33.14713 ? 108 HOH E O   1 
HETATM 1428 O O   . HOH O 4 .  ? -12.98448 2.93561   7.73803   1.000 33.61670 ? 109 HOH E O   1 
HETATM 1429 O O   . HOH O 4 .  ? 8.91640   -0.35235  -17.73683 1.000 35.56078 ? 110 HOH E O   1 
HETATM 1430 O O   . HOH P 4 .  ? -13.78807 -1.35194  -15.65604 1.000 29.62039 ? 101 HOH F O   1 
HETATM 1431 O O   . HOH P 4 .  ? -15.33597 12.19289  -9.03176  1.000 33.95420 ? 102 HOH F O   1 
HETATM 1432 O O   . HOH P 4 .  ? -10.55441 -2.91068  -7.40505  1.000 33.20466 ? 103 HOH F O   1 
HETATM 1433 O O   . HOH P 4 .  ? -19.63353 3.30453   -2.06198  1.000 41.03351 ? 104 HOH F O   1 
HETATM 1434 O O   . HOH P 4 .  ? -7.09929  -1.70248  -22.42046 1.000 36.33211 ? 105 HOH F O   1 
HETATM 1435 O O   . HOH P 4 .  ? -14.17330 -1.23865  -18.84932 1.000 38.22248 ? 106 HOH F O   1 
HETATM 1436 O O   . HOH P 4 .  ? -15.61795 4.93905   -14.60327 1.000 27.99622 ? 107 HOH F O   1 
HETATM 1437 O O   . HOH P 4 .  ? -13.46941 5.31861   -20.56548 1.000 42.41497 ? 108 HOH F O   1 
HETATM 1438 O O   . HOH Q 4 .  ? -13.91486 10.02783  -10.82228 1.000 31.74738 ? 201 HOH G O   1 
HETATM 1439 O O   . HOH Q 4 .  ? -12.15623 12.07149  -13.68866 1.000 35.66714 ? 202 HOH G O   1 
HETATM 1440 O O   . HOH Q 4 .  ? -5.50804  12.29765  3.29574   1.000 32.56058 ? 203 HOH G O   1 
HETATM 1441 O O   . HOH Q 4 .  ? -8.76783  8.49115   -22.29883 1.000 33.72274 ? 204 HOH G O   1 
HETATM 1442 O O   . HOH Q 4 .  ? -3.35061  11.90450  -16.19386 1.000 30.29874 ? 205 HOH G O   1 
HETATM 1443 O O   . HOH Q 4 .  ? -4.81499  16.33518  -6.24606  1.000 32.24534 ? 206 HOH G O   1 
HETATM 1444 O O   . HOH Q 4 .  ? -0.87302  13.02729  -15.48307 1.000 36.97736 ? 207 HOH G O   1 
HETATM 1445 O O   . HOH Q 4 .  ? -3.04182  -2.98551  -24.18400 1.000 38.12702 ? 208 HOH G O   1 
HETATM 1446 O O   . HOH Q 4 .  ? -7.36251  20.74800  -0.36889  1.000 36.64988 ? 209 HOH G O   1 
HETATM 1447 O O   . HOH Q 4 .  ? -3.86312  10.87178  -21.02921 1.000 39.99310 ? 210 HOH G O   1 
HETATM 1448 O O   . HOH R 4 .  ? 1.45887   13.21154  5.75525   1.000 35.39069 ? 101 HOH H O   1 
HETATM 1449 O O   . HOH R 4 .  ? 1.86596   9.38195   2.47933   1.000 31.93506 ? 102 HOH H O   1 
HETATM 1450 O O   . HOH R 4 .  ? 8.97450   1.69310   -5.09743  1.000 33.56941 ? 103 HOH H O   1 
HETATM 1451 O O   . HOH R 4 .  ? 8.61538   4.89195   -13.91900 1.000 29.47956 ? 104 HOH H O   1 
HETATM 1452 O O   . HOH R 4 .  ? 4.43369   7.08393   -4.72427  1.000 32.42990 ? 105 HOH H O   1 
HETATM 1453 O O   . HOH R 4 .  ? 5.32054   2.14325   -18.64366 1.000 34.39840 ? 106 HOH H O   1 
HETATM 1454 O O   . HOH R 4 .  ? -1.42398  0.40194   0.33689   1.000 23.69593 ? 107 HOH H O   1 
HETATM 1455 O O   . HOH R 4 .  ? -6.71947  11.69393  7.28215   1.000 38.44272 ? 108 HOH H O   1 
HETATM 1456 O O   . HOH R 4 .  ? 0.82253   6.74123   2.55707   1.000 33.81244 ? 109 HOH H O   1 
HETATM 1457 O O   . HOH R 4 .  ? 8.12798   2.08080   -18.12307 1.000 33.58714 ? 110 HOH H O   1 
# 
loop_
_pdbx_poly_seq_scheme.asym_id 
_pdbx_poly_seq_scheme.entity_id 
_pdbx_poly_seq_scheme.seq_id 
_pdbx_poly_seq_scheme.mon_id 
_pdbx_poly_seq_scheme.ndb_seq_num 
_pdbx_poly_seq_scheme.pdb_seq_num 
_pdbx_poly_seq_scheme.auth_seq_num 
_pdbx_poly_seq_scheme.pdb_mon_id 
_pdbx_poly_seq_scheme.auth_mon_id 
_pdbx_poly_seq_scheme.pdb_strand_id 
_pdbx_poly_seq_scheme.pdb_ins_code 
_pdbx_poly_seq_scheme.hetero 
A 1 1  THR 1  1  ?  ?   ?   A . n 
A 1 2  ALA 2  2  ?  ?   ?   A . n 
A 1 3  SER 3  3  3  SER SER A . n 
A 1 4  PRO 4  4  4  PRO PRO A . n 
A 1 5  SER 5  5  5  SER SER A . n 
A 1 6  ALA 6  6  6  ALA ALA A . n 
A 1 7  LEU 7  7  7  LEU LEU A . n 
A 1 8  ALA 8  8  8  ALA ALA A . n 
A 1 9  ASP 9  9  9  ASP ASP A . n 
A 1 10 GLU 10 10 10 GLU GLU A . n 
A 1 11 LEU 11 11 11 LEU LEU A . n 
A 1 12 GLU 12 12 12 GLU GLU A . n 
A 1 13 GLN 13 13 13 GLN GLN A . n 
A 1 14 LEU 14 14 14 LEU LEU A . n 
A 1 15 ALA 15 15 15 ALA ALA A . n 
A 1 16 TYR 16 16 16 TYR TYR A . n 
A 1 17 GLU 17 17 17 GLU GLU A . n 
A 1 18 VAL 18 18 18 VAL VAL A . n 
A 1 19 GLU 19 19 19 GLU GLU A . n 
A 1 20 HIS 20 20 20 HIS HIS A . n 
A 1 21 LEU 21 21 21 LEU LEU A . n 
A 1 22 SER 22 22 22 SER SER A . n 
A 1 23 SER 23 23 23 SER SER A . n 
B 2 1  THR 1  1  1  THR THR B . n 
B 2 2  ALA 2  2  2  ALA ALA B . n 
B 2 3  SER 3  3  3  SER SER B . n 
B 2 4  PRO 4  4  4  PRO PRO B . n 
B 2 5  HIS 5  5  5  HIS HIS B . n 
B 2 6  ALA 6  6  6  ALA ALA B . n 
B 2 7  LEU 7  7  7  LEU LEU B . n 
B 2 8  ALA 8  8  8  ALA ALA B . n 
B 2 9  ASN 9  9  9  ASN ASN B . n 
B 2 10 ARG 10 10 10 ARG ARG B . n 
B 2 11 LEU 11 11 11 LEU LEU B . n 
B 2 12 ARG 12 12 12 ARG ARG B . n 
B 2 13 GLN 13 13 13 GLN GLN B . n 
B 2 14 LEU 14 14 14 LEU LEU B . n 
B 2 15 ALA 15 15 15 ALA ALA B . n 
B 2 16 TYR 16 16 16 TYR TYR B . n 
B 2 17 ARG 17 17 17 ARG ARG B . n 
B 2 18 VAL 18 18 18 VAL VAL B . n 
B 2 19 ARG 19 19 19 ARG ARG B . n 
B 2 20 SER 20 20 20 SER SER B . n 
B 2 21 LEU 21 21 21 LEU LEU B . n 
B 2 22 SER 22 22 22 SER SER B . n 
B 2 23 SER 23 23 23 SER SER B . n 
C 1 1  THR 1  1  ?  ?   ?   C . n 
C 1 2  ALA 2  2  2  ALA ALA C . n 
C 1 3  SER 3  3  3  SER SER C . n 
C 1 4  PRO 4  4  4  PRO PRO C . n 
C 1 5  SER 5  5  5  SER SER C . n 
C 1 6  ALA 6  6  6  ALA ALA C . n 
C 1 7  LEU 7  7  7  LEU LEU C . n 
C 1 8  ALA 8  8  8  ALA ALA C . n 
C 1 9  ASP 9  9  9  ASP ASP C . n 
C 1 10 GLU 10 10 10 GLU GLU C . n 
C 1 11 LEU 11 11 11 LEU LEU C . n 
C 1 12 GLU 12 12 12 GLU GLU C . n 
C 1 13 GLN 13 13 13 GLN GLN C . n 
C 1 14 LEU 14 14 14 LEU LEU C . n 
C 1 15 ALA 15 15 15 ALA ALA C . n 
C 1 16 TYR 16 16 16 TYR TYR C . n 
C 1 17 GLU 17 17 17 GLU GLU C . n 
C 1 18 VAL 18 18 18 VAL VAL C . n 
C 1 19 GLU 19 19 19 GLU GLU C . n 
C 1 20 HIS 20 20 20 HIS HIS C . n 
C 1 21 LEU 21 21 21 LEU LEU C . n 
C 1 22 SER 22 22 22 SER SER C . n 
C 1 23 SER 23 23 23 SER SER C . n 
D 2 1  THR 1  1  1  THR THR D . n 
D 2 2  ALA 2  2  2  ALA ALA D . n 
D 2 3  SER 3  3  3  SER SER D . n 
D 2 4  PRO 4  4  4  PRO PRO D . n 
D 2 5  HIS 5  5  5  HIS HIS D . n 
D 2 6  ALA 6  6  6  ALA ALA D . n 
D 2 7  LEU 7  7  7  LEU LEU D . n 
D 2 8  ALA 8  8  8  ALA ALA D . n 
D 2 9  ASN 9  9  9  ASN ASN D . n 
D 2 10 ARG 10 10 10 ARG ARG D . n 
D 2 11 LEU 11 11 11 LEU LEU D . n 
D 2 12 ARG 12 12 12 ARG ARG D . n 
D 2 13 GLN 13 13 13 GLN GLN D . n 
D 2 14 LEU 14 14 14 LEU LEU D . n 
D 2 15 ALA 15 15 15 ALA ALA D . n 
D 2 16 TYR 16 16 16 TYR TYR D . n 
D 2 17 ARG 17 17 17 ARG ARG D . n 
D 2 18 VAL 18 18 18 VAL VAL D . n 
D 2 19 ARG 19 19 19 ARG ARG D . n 
D 2 20 SER 20 20 20 SER SER D . n 
D 2 21 LEU 21 21 21 LEU LEU D . n 
D 2 22 SER 22 22 22 SER SER D . n 
D 2 23 SER 23 23 23 SER SER D . n 
E 1 1  THR 1  1  1  THR THR E . n 
E 1 2  ALA 2  2  2  ALA ALA E . n 
E 1 3  SER 3  3  3  SER SER E . n 
E 1 4  PRO 4  4  4  PRO PRO E . n 
E 1 5  SER 5  5  5  SER SER E . n 
E 1 6  ALA 6  6  6  ALA ALA E . n 
E 1 7  LEU 7  7  7  LEU LEU E . n 
E 1 8  ALA 8  8  8  ALA ALA E . n 
E 1 9  ASP 9  9  9  ASP ASP E . n 
E 1 10 GLU 10 10 10 GLU GLU E . n 
E 1 11 LEU 11 11 11 LEU LEU E . n 
E 1 12 GLU 12 12 12 GLU GLU E . n 
E 1 13 GLN 13 13 13 GLN GLN E . n 
E 1 14 LEU 14 14 14 LEU LEU E . n 
E 1 15 ALA 15 15 15 ALA ALA E . n 
E 1 16 TYR 16 16 16 TYR TYR E . n 
E 1 17 GLU 17 17 17 GLU GLU E . n 
E 1 18 VAL 18 18 18 VAL VAL E . n 
E 1 19 GLU 19 19 19 GLU GLU E . n 
E 1 20 HIS 20 20 20 HIS HIS E . n 
E 1 21 LEU 21 21 21 LEU LEU E . n 
E 1 22 SER 22 22 22 SER SER E . n 
E 1 23 SER 23 23 23 SER SER E . n 
F 2 1  THR 1  1  ?  ?   ?   F . n 
F 2 2  ALA 2  2  2  ALA ALA F . n 
F 2 3  SER 3  3  3  SER SER F . n 
F 2 4  PRO 4  4  4  PRO PRO F . n 
F 2 5  HIS 5  5  5  HIS HIS F . n 
F 2 6  ALA 6  6  6  ALA ALA F . n 
F 2 7  LEU 7  7  7  LEU LEU F . n 
F 2 8  ALA 8  8  8  ALA ALA F . n 
F 2 9  ASN 9  9  9  ASN ASN F . n 
F 2 10 ARG 10 10 10 ARG ARG F . n 
F 2 11 LEU 11 11 11 LEU LEU F . n 
F 2 12 ARG 12 12 12 ARG ARG F . n 
F 2 13 GLN 13 13 13 GLN GLN F . n 
F 2 14 LEU 14 14 14 LEU LEU F . n 
F 2 15 ALA 15 15 15 ALA ALA F . n 
F 2 16 TYR 16 16 16 TYR TYR F . n 
F 2 17 ARG 17 17 17 ARG ARG F . n 
F 2 18 VAL 18 18 18 VAL VAL F . n 
F 2 19 ARG 19 19 19 ARG ARG F . n 
F 2 20 SER 20 20 20 SER SER F . n 
F 2 21 LEU 21 21 21 LEU LEU F . n 
F 2 22 SER 22 22 22 SER SER F . n 
F 2 23 SER 23 23 ?  ?   ?   F . n 
G 1 1  THR 1  1  1  THR THR G . n 
G 1 2  ALA 2  2  2  ALA ALA G . n 
G 1 3  SER 3  3  3  SER SER G . n 
G 1 4  PRO 4  4  4  PRO PRO G . n 
G 1 5  SER 5  5  5  SER SER G . n 
G 1 6  ALA 6  6  6  ALA ALA G . n 
G 1 7  LEU 7  7  7  LEU LEU G . n 
G 1 8  ALA 8  8  8  ALA ALA G . n 
G 1 9  ASP 9  9  9  ASP ASP G . n 
G 1 10 GLU 10 10 10 GLU GLU G . n 
G 1 11 LEU 11 11 11 LEU LEU G . n 
G 1 12 GLU 12 12 12 GLU GLU G . n 
G 1 13 GLN 13 13 13 GLN GLN G . n 
G 1 14 LEU 14 14 14 LEU LEU G . n 
G 1 15 ALA 15 15 15 ALA ALA G . n 
G 1 16 TYR 16 16 16 TYR TYR G . n 
G 1 17 GLU 17 17 17 GLU GLU G . n 
G 1 18 VAL 18 18 18 VAL VAL G . n 
G 1 19 GLU 19 19 19 GLU GLU G . n 
G 1 20 HIS 20 20 20 HIS HIS G . n 
G 1 21 LEU 21 21 21 LEU LEU G . n 
G 1 22 SER 22 22 22 SER SER G . n 
G 1 23 SER 23 23 23 SER SER G . n 
H 2 1  THR 1  1  1  THR THR H . n 
H 2 2  ALA 2  2  2  ALA ALA H . n 
H 2 3  SER 3  3  3  SER SER H . n 
H 2 4  PRO 4  4  4  PRO PRO H . n 
H 2 5  HIS 5  5  5  HIS HIS H . n 
H 2 6  ALA 6  6  6  ALA ALA H . n 
H 2 7  LEU 7  7  7  LEU LEU H . n 
H 2 8  ALA 8  8  8  ALA ALA H . n 
H 2 9  ASN 9  9  9  ASN ASN H . n 
H 2 10 ARG 10 10 10 ARG ARG H . n 
H 2 11 LEU 11 11 11 LEU LEU H . n 
H 2 12 ARG 12 12 12 ARG ARG H . n 
H 2 13 GLN 13 13 13 GLN GLN H . n 
H 2 14 LEU 14 14 14 LEU LEU H . n 
H 2 15 ALA 15 15 15 ALA ALA H . n 
H 2 16 TYR 16 16 16 TYR TYR H . n 
H 2 17 ARG 17 17 17 ARG ARG H . n 
H 2 18 VAL 18 18 18 VAL VAL H . n 
H 2 19 ARG 19 19 19 ARG ARG H . n 
H 2 20 SER 20 20 20 SER SER H . n 
H 2 21 LEU 21 21 21 LEU LEU H . n 
H 2 22 SER 22 22 22 SER SER H . n 
H 2 23 SER 23 23 ?  ?   ?   H . n 
# 
_pdbx_contact_author.id                 2 
_pdbx_contact_author.email              kumasaka@spring8.or.jp 
_pdbx_contact_author.name_first         Takashi 
_pdbx_contact_author.name_last          Kumasaka 
_pdbx_contact_author.name_mi            ? 
_pdbx_contact_author.role               'principal investigator/group leader' 
_pdbx_contact_author.identifier_ORCID   0000-0001-9289-1557 
# 
loop_
_pdbx_nonpoly_scheme.asym_id 
_pdbx_nonpoly_scheme.entity_id 
_pdbx_nonpoly_scheme.mon_id 
_pdbx_nonpoly_scheme.ndb_seq_num 
_pdbx_nonpoly_scheme.pdb_seq_num 
_pdbx_nonpoly_scheme.auth_seq_num 
_pdbx_nonpoly_scheme.pdb_mon_id 
_pdbx_nonpoly_scheme.auth_mon_id 
_pdbx_nonpoly_scheme.pdb_strand_id 
_pdbx_nonpoly_scheme.pdb_ins_code 
I 3 GOL 1  101 31 GOL GOL B . 
J 3 GOL 1  101 31 GOL GOL G . 
K 4 HOH 1  101 49 HOH HOH A . 
K 4 HOH 2  102 47 HOH HOH A . 
K 4 HOH 3  103 43 HOH HOH A . 
K 4 HOH 4  104 44 HOH HOH A . 
K 4 HOH 5  105 50 HOH HOH A . 
K 4 HOH 6  106 46 HOH HOH A . 
K 4 HOH 7  107 42 HOH HOH A . 
K 4 HOH 8  108 41 HOH HOH A . 
K 4 HOH 9  109 51 HOH HOH A . 
K 4 HOH 10 110 45 HOH HOH A . 
K 4 HOH 11 111 48 HOH HOH A . 
L 4 HOH 1  201 49 HOH HOH B . 
L 4 HOH 2  202 45 HOH HOH B . 
L 4 HOH 3  203 44 HOH HOH B . 
L 4 HOH 4  204 42 HOH HOH B . 
L 4 HOH 5  205 43 HOH HOH B . 
L 4 HOH 6  206 47 HOH HOH B . 
L 4 HOH 7  207 46 HOH HOH B . 
L 4 HOH 8  208 48 HOH HOH B . 
L 4 HOH 9  209 41 HOH HOH B . 
M 4 HOH 1  101 49 HOH HOH C . 
M 4 HOH 2  102 45 HOH HOH C . 
M 4 HOH 3  103 41 HOH HOH C . 
M 4 HOH 4  104 43 HOH HOH C . 
M 4 HOH 5  105 46 HOH HOH C . 
M 4 HOH 6  106 45 HOH HOH C . 
M 4 HOH 7  107 44 HOH HOH C . 
M 4 HOH 8  108 47 HOH HOH C . 
M 4 HOH 9  109 42 HOH HOH C . 
M 4 HOH 10 110 41 HOH HOH C . 
M 4 HOH 11 111 48 HOH HOH C . 
N 4 HOH 1  101 44 HOH HOH D . 
N 4 HOH 2  102 43 HOH HOH D . 
N 4 HOH 3  103 41 HOH HOH D . 
N 4 HOH 4  104 42 HOH HOH D . 
N 4 HOH 5  105 45 HOH HOH D . 
N 4 HOH 6  106 48 HOH HOH D . 
N 4 HOH 7  107 49 HOH HOH D . 
N 4 HOH 8  108 47 HOH HOH D . 
N 4 HOH 9  109 46 HOH HOH D . 
O 4 HOH 1  101 42 HOH HOH E . 
O 4 HOH 2  102 44 HOH HOH E . 
O 4 HOH 3  103 43 HOH HOH E . 
O 4 HOH 4  104 50 HOH HOH E . 
O 4 HOH 5  105 46 HOH HOH E . 
O 4 HOH 6  106 41 HOH HOH E . 
O 4 HOH 7  107 45 HOH HOH E . 
O 4 HOH 8  108 48 HOH HOH E . 
O 4 HOH 9  109 47 HOH HOH E . 
O 4 HOH 10 110 49 HOH HOH E . 
P 4 HOH 1  101 42 HOH HOH F . 
P 4 HOH 2  102 44 HOH HOH F . 
P 4 HOH 3  103 43 HOH HOH F . 
P 4 HOH 4  104 46 HOH HOH F . 
P 4 HOH 5  105 45 HOH HOH F . 
P 4 HOH 6  106 47 HOH HOH F . 
P 4 HOH 7  107 41 HOH HOH F . 
P 4 HOH 8  108 48 HOH HOH F . 
Q 4 HOH 1  201 43 HOH HOH G . 
Q 4 HOH 2  202 47 HOH HOH G . 
Q 4 HOH 3  203 42 HOH HOH G . 
Q 4 HOH 4  204 46 HOH HOH G . 
Q 4 HOH 5  205 41 HOH HOH G . 
Q 4 HOH 6  206 44 HOH HOH G . 
Q 4 HOH 7  207 49 HOH HOH G . 
Q 4 HOH 8  208 50 HOH HOH G . 
Q 4 HOH 9  209 48 HOH HOH G . 
Q 4 HOH 10 210 51 HOH HOH G . 
R 4 HOH 1  101 50 HOH HOH H . 
R 4 HOH 2  102 44 HOH HOH H . 
R 4 HOH 3  103 48 HOH HOH H . 
R 4 HOH 4  104 43 HOH HOH H . 
R 4 HOH 5  105 45 HOH HOH H . 
R 4 HOH 6  106 47 HOH HOH H . 
R 4 HOH 7  107 42 HOH HOH H . 
R 4 HOH 8  108 51 HOH HOH H . 
R 4 HOH 9  109 49 HOH HOH H . 
R 4 HOH 10 110 46 HOH HOH H . 
# 
loop_
_pdbx_struct_assembly.id 
_pdbx_struct_assembly.details 
_pdbx_struct_assembly.method_details 
_pdbx_struct_assembly.oligomeric_details 
_pdbx_struct_assembly.oligomeric_count 
1 author_and_software_defined_assembly PISA tetrameric 4 
2 author_and_software_defined_assembly PISA tetrameric 4 
# 
loop_
_pdbx_struct_assembly_gen.assembly_id 
_pdbx_struct_assembly_gen.oper_expression 
_pdbx_struct_assembly_gen.asym_id_list 
1 1 A,B,C,D,I,K,L,M,N 
2 1 E,F,G,H,J,O,P,Q,R 
# 
loop_
_pdbx_struct_assembly_prop.biol_id 
_pdbx_struct_assembly_prop.type 
_pdbx_struct_assembly_prop.value 
_pdbx_struct_assembly_prop.details 
1 'ABSA (A^2)' 4760 ? 
1 MORE         -39  ? 
1 'SSA (A^2)'  4780 ? 
2 'ABSA (A^2)' 4430 ? 
2 MORE         -39  ? 
2 'SSA (A^2)'  4790 ? 
# 
_pdbx_struct_oper_list.id                   1 
_pdbx_struct_oper_list.type                 'identity operation' 
_pdbx_struct_oper_list.name                 1_555 
_pdbx_struct_oper_list.symmetry_operation   x,y,z 
_pdbx_struct_oper_list.matrix[1][1]         1.0000000000 
_pdbx_struct_oper_list.matrix[1][2]         0.0000000000 
_pdbx_struct_oper_list.matrix[1][3]         0.0000000000 
_pdbx_struct_oper_list.vector[1]            0.0000000000 
_pdbx_struct_oper_list.matrix[2][1]         0.0000000000 
_pdbx_struct_oper_list.matrix[2][2]         1.0000000000 
_pdbx_struct_oper_list.matrix[2][3]         0.0000000000 
_pdbx_struct_oper_list.vector[2]            0.0000000000 
_pdbx_struct_oper_list.matrix[3][1]         0.0000000000 
_pdbx_struct_oper_list.matrix[3][2]         0.0000000000 
_pdbx_struct_oper_list.matrix[3][3]         1.0000000000 
_pdbx_struct_oper_list.vector[3]            0.0000000000 
# 
_pdbx_audit_revision_history.ordinal             1 
_pdbx_audit_revision_history.data_content_type   'Structure model' 
_pdbx_audit_revision_history.major_revision      1 
_pdbx_audit_revision_history.minor_revision      0 
_pdbx_audit_revision_history.revision_date       2023-08-30 
# 
_pdbx_audit_revision_details.ordinal             1 
_pdbx_audit_revision_details.revision_ordinal    1 
_pdbx_audit_revision_details.data_content_type   'Structure model' 
_pdbx_audit_revision_details.provider            repository 
_pdbx_audit_revision_details.type                'Initial release' 
_pdbx_audit_revision_details.description         ? 
_pdbx_audit_revision_details.details             ? 
# 
loop_
_space_group_symop.id 
_space_group_symop.operation_xyz 
1 x,y,z           
2 x+1/2,-y+1/2,-z 
3 -x,y+1/2,-z+1/2 
4 -x+1/2,-y,z+1/2 
# 
loop_
_software.citation_id 
_software.classification 
_software.compiler_name 
_software.compiler_version 
_software.contact_author 
_software.contact_author_email 
_software.date 
_software.description 
_software.dependencies 
_software.hardware 
_software.language 
_software.location 
_software.mods 
_software.name 
_software.os 
_software.os_version 
_software.type 
_software.version 
_software.pdbx_ordinal 
? refinement       ? ? ? ? ? ? ? ? ? ? ? PHENIX ? ? ? 1.20.1_4487 1 
? 'data reduction' ? ? ? ? ? ? ? ? ? ? ? XDS    ? ? ? .           2 
? phasing          ? ? ? ? ? ? ? ? ? ? ? MOLREP ? ? ? .           3 
# 
_pdbx_entry_details.entry_id                 8GOI 
_pdbx_entry_details.has_ligand_of_interest   N 
_pdbx_entry_details.compound_details         ? 
_pdbx_entry_details.source_details           ? 
_pdbx_entry_details.nonpolymer_details       ? 
_pdbx_entry_details.sequence_details         ? 
# 
loop_
_pdbx_validate_close_contact.id 
_pdbx_validate_close_contact.PDB_model_num 
_pdbx_validate_close_contact.auth_atom_id_1 
_pdbx_validate_close_contact.auth_asym_id_1 
_pdbx_validate_close_contact.auth_comp_id_1 
_pdbx_validate_close_contact.auth_seq_id_1 
_pdbx_validate_close_contact.PDB_ins_code_1 
_pdbx_validate_close_contact.label_alt_id_1 
_pdbx_validate_close_contact.auth_atom_id_2 
_pdbx_validate_close_contact.auth_asym_id_2 
_pdbx_validate_close_contact.auth_comp_id_2 
_pdbx_validate_close_contact.auth_seq_id_2 
_pdbx_validate_close_contact.PDB_ins_code_2 
_pdbx_validate_close_contact.label_alt_id_2 
_pdbx_validate_close_contact.dist 
1 1 NH1 B ARG 17  ? ? O   B HOH 201 ? ? 1.97 
2 1 O   B HOH 201 ? ? O   B HOH 209 ? ? 2.11 
3 1 OH  B TYR 16  ? ? OE1 E GLN 13  ? ? 2.11 
# 
loop_
_pdbx_unobs_or_zero_occ_atoms.id 
_pdbx_unobs_or_zero_occ_atoms.PDB_model_num 
_pdbx_unobs_or_zero_occ_atoms.polymer_flag 
_pdbx_unobs_or_zero_occ_atoms.occupancy_flag 
_pdbx_unobs_or_zero_occ_atoms.auth_asym_id 
_pdbx_unobs_or_zero_occ_atoms.auth_comp_id 
_pdbx_unobs_or_zero_occ_atoms.auth_seq_id 
_pdbx_unobs_or_zero_occ_atoms.PDB_ins_code 
_pdbx_unobs_or_zero_occ_atoms.auth_atom_id 
_pdbx_unobs_or_zero_occ_atoms.label_alt_id 
_pdbx_unobs_or_zero_occ_atoms.label_asym_id 
_pdbx_unobs_or_zero_occ_atoms.label_comp_id 
_pdbx_unobs_or_zero_occ_atoms.label_seq_id 
_pdbx_unobs_or_zero_occ_atoms.label_atom_id 
1  1 Y 1 B THR 1  ? N   ? B THR 1  N   
2  1 Y 1 B THR 1  ? CA  ? B THR 1  CA  
3  1 Y 1 B THR 1  ? CB  ? B THR 1  CB  
4  1 Y 1 B THR 1  ? OG1 ? B THR 1  OG1 
5  1 Y 1 B THR 1  ? CG2 ? B THR 1  CG2 
6  1 Y 1 B SER 23 ? OG  ? B SER 23 OG  
7  1 Y 1 C ALA 2  ? N   ? C ALA 2  N   
8  1 Y 1 C ALA 2  ? CA  ? C ALA 2  CA  
9  1 Y 1 C ALA 2  ? CB  ? C ALA 2  CB  
10 1 Y 1 C SER 23 ? OG  ? C SER 23 OG  
11 1 Y 1 D THR 1  ? OG1 ? D THR 1  OG1 
12 1 Y 1 D THR 1  ? CG2 ? D THR 1  CG2 
13 1 Y 1 D SER 23 ? OG  ? D SER 23 OG  
14 1 Y 1 E THR 1  ? OG1 ? E THR 1  OG1 
15 1 Y 1 E THR 1  ? CG2 ? E THR 1  CG2 
16 1 Y 1 F SER 22 ? OG  ? F SER 22 OG  
17 1 Y 1 G THR 1  ? OG1 ? G THR 1  OG1 
18 1 Y 1 G THR 1  ? CG2 ? G THR 1  CG2 
19 1 Y 1 G SER 23 ? OG  ? G SER 23 OG  
20 1 Y 1 H THR 1  ? OG1 ? H THR 1  OG1 
21 1 Y 1 H THR 1  ? CG2 ? H THR 1  CG2 
# 
loop_
_pdbx_unobs_or_zero_occ_residues.id 
_pdbx_unobs_or_zero_occ_residues.PDB_model_num 
_pdbx_unobs_or_zero_occ_residues.polymer_flag 
_pdbx_unobs_or_zero_occ_residues.occupancy_flag 
_pdbx_unobs_or_zero_occ_residues.auth_asym_id 
_pdbx_unobs_or_zero_occ_residues.auth_comp_id 
_pdbx_unobs_or_zero_occ_residues.auth_seq_id 
_pdbx_unobs_or_zero_occ_residues.PDB_ins_code 
_pdbx_unobs_or_zero_occ_residues.label_asym_id 
_pdbx_unobs_or_zero_occ_residues.label_comp_id 
_pdbx_unobs_or_zero_occ_residues.label_seq_id 
1 1 Y 1 A THR 1  ? A THR 1  
2 1 Y 1 A ALA 2  ? A ALA 2  
3 1 Y 1 C THR 1  ? C THR 1  
4 1 Y 1 F THR 1  ? F THR 1  
5 1 Y 1 F SER 23 ? F SER 23 
6 1 Y 1 H SER 23 ? H SER 23 
# 
loop_
_chem_comp_atom.comp_id 
_chem_comp_atom.atom_id 
_chem_comp_atom.type_symbol 
_chem_comp_atom.pdbx_aromatic_flag 
_chem_comp_atom.pdbx_stereo_config 
_chem_comp_atom.pdbx_ordinal 
ALA N    N N N 1   
ALA CA   C N S 2   
ALA C    C N N 3   
ALA O    O N N 4   
ALA CB   C N N 5   
ALA OXT  O N N 6   
ALA H    H N N 7   
ALA H2   H N N 8   
ALA HA   H N N 9   
ALA HB1  H N N 10  
ALA HB2  H N N 11  
ALA HB3  H N N 12  
ALA HXT  H N N 13  
ARG N    N N N 14  
ARG CA   C N S 15  
ARG C    C N N 16  
ARG O    O N N 17  
ARG CB   C N N 18  
ARG CG   C N N 19  
ARG CD   C N N 20  
ARG NE   N N N 21  
ARG CZ   C N N 22  
ARG NH1  N N N 23  
ARG NH2  N N N 24  
ARG OXT  O N N 25  
ARG H    H N N 26  
ARG H2   H N N 27  
ARG HA   H N N 28  
ARG HB2  H N N 29  
ARG HB3  H N N 30  
ARG HG2  H N N 31  
ARG HG3  H N N 32  
ARG HD2  H N N 33  
ARG HD3  H N N 34  
ARG HE   H N N 35  
ARG HH11 H N N 36  
ARG HH12 H N N 37  
ARG HH21 H N N 38  
ARG HH22 H N N 39  
ARG HXT  H N N 40  
ASN N    N N N 41  
ASN CA   C N S 42  
ASN C    C N N 43  
ASN O    O N N 44  
ASN CB   C N N 45  
ASN CG   C N N 46  
ASN OD1  O N N 47  
ASN ND2  N N N 48  
ASN OXT  O N N 49  
ASN H    H N N 50  
ASN H2   H N N 51  
ASN HA   H N N 52  
ASN HB2  H N N 53  
ASN HB3  H N N 54  
ASN HD21 H N N 55  
ASN HD22 H N N 56  
ASN HXT  H N N 57  
ASP N    N N N 58  
ASP CA   C N S 59  
ASP C    C N N 60  
ASP O    O N N 61  
ASP CB   C N N 62  
ASP CG   C N N 63  
ASP OD1  O N N 64  
ASP OD2  O N N 65  
ASP OXT  O N N 66  
ASP H    H N N 67  
ASP H2   H N N 68  
ASP HA   H N N 69  
ASP HB2  H N N 70  
ASP HB3  H N N 71  
ASP HD2  H N N 72  
ASP HXT  H N N 73  
GLN N    N N N 74  
GLN CA   C N S 75  
GLN C    C N N 76  
GLN O    O N N 77  
GLN CB   C N N 78  
GLN CG   C N N 79  
GLN CD   C N N 80  
GLN OE1  O N N 81  
GLN NE2  N N N 82  
GLN OXT  O N N 83  
GLN H    H N N 84  
GLN H2   H N N 85  
GLN HA   H N N 86  
GLN HB2  H N N 87  
GLN HB3  H N N 88  
GLN HG2  H N N 89  
GLN HG3  H N N 90  
GLN HE21 H N N 91  
GLN HE22 H N N 92  
GLN HXT  H N N 93  
GLU N    N N N 94  
GLU CA   C N S 95  
GLU C    C N N 96  
GLU O    O N N 97  
GLU CB   C N N 98  
GLU CG   C N N 99  
GLU CD   C N N 100 
GLU OE1  O N N 101 
GLU OE2  O N N 102 
GLU OXT  O N N 103 
GLU H    H N N 104 
GLU H2   H N N 105 
GLU HA   H N N 106 
GLU HB2  H N N 107 
GLU HB3  H N N 108 
GLU HG2  H N N 109 
GLU HG3  H N N 110 
GLU HE2  H N N 111 
GLU HXT  H N N 112 
GOL C1   C N N 113 
GOL O1   O N N 114 
GOL C2   C N N 115 
GOL O2   O N N 116 
GOL C3   C N N 117 
GOL O3   O N N 118 
GOL H11  H N N 119 
GOL H12  H N N 120 
GOL HO1  H N N 121 
GOL H2   H N N 122 
GOL HO2  H N N 123 
GOL H31  H N N 124 
GOL H32  H N N 125 
GOL HO3  H N N 126 
HIS N    N N N 127 
HIS CA   C N S 128 
HIS C    C N N 129 
HIS O    O N N 130 
HIS CB   C N N 131 
HIS CG   C Y N 132 
HIS ND1  N Y N 133 
HIS CD2  C Y N 134 
HIS CE1  C Y N 135 
HIS NE2  N Y N 136 
HIS OXT  O N N 137 
HIS H    H N N 138 
HIS H2   H N N 139 
HIS HA   H N N 140 
HIS HB2  H N N 141 
HIS HB3  H N N 142 
HIS HD1  H N N 143 
HIS HD2  H N N 144 
HIS HE1  H N N 145 
HIS HE2  H N N 146 
HIS HXT  H N N 147 
HOH O    O N N 148 
HOH H1   H N N 149 
HOH H2   H N N 150 
LEU N    N N N 151 
LEU CA   C N S 152 
LEU C    C N N 153 
LEU O    O N N 154 
LEU CB   C N N 155 
LEU CG   C N N 156 
LEU CD1  C N N 157 
LEU CD2  C N N 158 
LEU OXT  O N N 159 
LEU H    H N N 160 
LEU H2   H N N 161 
LEU HA   H N N 162 
LEU HB2  H N N 163 
LEU HB3  H N N 164 
LEU HG   H N N 165 
LEU HD11 H N N 166 
LEU HD12 H N N 167 
LEU HD13 H N N 168 
LEU HD21 H N N 169 
LEU HD22 H N N 170 
LEU HD23 H N N 171 
LEU HXT  H N N 172 
PRO N    N N N 173 
PRO CA   C N S 174 
PRO C    C N N 175 
PRO O    O N N 176 
PRO CB   C N N 177 
PRO CG   C N N 178 
PRO CD   C N N 179 
PRO OXT  O N N 180 
PRO H    H N N 181 
PRO HA   H N N 182 
PRO HB2  H N N 183 
PRO HB3  H N N 184 
PRO HG2  H N N 185 
PRO HG3  H N N 186 
PRO HD2  H N N 187 
PRO HD3  H N N 188 
PRO HXT  H N N 189 
SER N    N N N 190 
SER CA   C N S 191 
SER C    C N N 192 
SER O    O N N 193 
SER CB   C N N 194 
SER OG   O N N 195 
SER OXT  O N N 196 
SER H    H N N 197 
SER H2   H N N 198 
SER HA   H N N 199 
SER HB2  H N N 200 
SER HB3  H N N 201 
SER HG   H N N 202 
SER HXT  H N N 203 
THR N    N N N 204 
THR CA   C N S 205 
THR C    C N N 206 
THR O    O N N 207 
THR CB   C N R 208 
THR OG1  O N N 209 
THR CG2  C N N 210 
THR OXT  O N N 211 
THR H    H N N 212 
THR H2   H N N 213 
THR HA   H N N 214 
THR HB   H N N 215 
THR HG1  H N N 216 
THR HG21 H N N 217 
THR HG22 H N N 218 
THR HG23 H N N 219 
THR HXT  H N N 220 
TYR N    N N N 221 
TYR CA   C N S 222 
TYR C    C N N 223 
TYR O    O N N 224 
TYR CB   C N N 225 
TYR CG   C Y N 226 
TYR CD1  C Y N 227 
TYR CD2  C Y N 228 
TYR CE1  C Y N 229 
TYR CE2  C Y N 230 
TYR CZ   C Y N 231 
TYR OH   O N N 232 
TYR OXT  O N N 233 
TYR H    H N N 234 
TYR H2   H N N 235 
TYR HA   H N N 236 
TYR HB2  H N N 237 
TYR HB3  H N N 238 
TYR HD1  H N N 239 
TYR HD2  H N N 240 
TYR HE1  H N N 241 
TYR HE2  H N N 242 
TYR HH   H N N 243 
TYR HXT  H N N 244 
VAL N    N N N 245 
VAL CA   C N S 246 
VAL C    C N N 247 
VAL O    O N N 248 
VAL CB   C N N 249 
VAL CG1  C N N 250 
VAL CG2  C N N 251 
VAL OXT  O N N 252 
VAL H    H N N 253 
VAL H2   H N N 254 
VAL HA   H N N 255 
VAL HB   H N N 256 
VAL HG11 H N N 257 
VAL HG12 H N N 258 
VAL HG13 H N N 259 
VAL HG21 H N N 260 
VAL HG22 H N N 261 
VAL HG23 H N N 262 
VAL HXT  H N N 263 
# 
loop_
_chem_comp_bond.comp_id 
_chem_comp_bond.atom_id_1 
_chem_comp_bond.atom_id_2 
_chem_comp_bond.value_order 
_chem_comp_bond.pdbx_aromatic_flag 
_chem_comp_bond.pdbx_stereo_config 
_chem_comp_bond.pdbx_ordinal 
ALA N   CA   sing N N 1   
ALA N   H    sing N N 2   
ALA N   H2   sing N N 3   
ALA CA  C    sing N N 4   
ALA CA  CB   sing N N 5   
ALA CA  HA   sing N N 6   
ALA C   O    doub N N 7   
ALA C   OXT  sing N N 8   
ALA CB  HB1  sing N N 9   
ALA CB  HB2  sing N N 10  
ALA CB  HB3  sing N N 11  
ALA OXT HXT  sing N N 12  
ARG N   CA   sing N N 13  
ARG N   H    sing N N 14  
ARG N   H2   sing N N 15  
ARG CA  C    sing N N 16  
ARG CA  CB   sing N N 17  
ARG CA  HA   sing N N 18  
ARG C   O    doub N N 19  
ARG C   OXT  sing N N 20  
ARG CB  CG   sing N N 21  
ARG CB  HB2  sing N N 22  
ARG CB  HB3  sing N N 23  
ARG CG  CD   sing N N 24  
ARG CG  HG2  sing N N 25  
ARG CG  HG3  sing N N 26  
ARG CD  NE   sing N N 27  
ARG CD  HD2  sing N N 28  
ARG CD  HD3  sing N N 29  
ARG NE  CZ   sing N N 30  
ARG NE  HE   sing N N 31  
ARG CZ  NH1  sing N N 32  
ARG CZ  NH2  doub N N 33  
ARG NH1 HH11 sing N N 34  
ARG NH1 HH12 sing N N 35  
ARG NH2 HH21 sing N N 36  
ARG NH2 HH22 sing N N 37  
ARG OXT HXT  sing N N 38  
ASN N   CA   sing N N 39  
ASN N   H    sing N N 40  
ASN N   H2   sing N N 41  
ASN CA  C    sing N N 42  
ASN CA  CB   sing N N 43  
ASN CA  HA   sing N N 44  
ASN C   O    doub N N 45  
ASN C   OXT  sing N N 46  
ASN CB  CG   sing N N 47  
ASN CB  HB2  sing N N 48  
ASN CB  HB3  sing N N 49  
ASN CG  OD1  doub N N 50  
ASN CG  ND2  sing N N 51  
ASN ND2 HD21 sing N N 52  
ASN ND2 HD22 sing N N 53  
ASN OXT HXT  sing N N 54  
ASP N   CA   sing N N 55  
ASP N   H    sing N N 56  
ASP N   H2   sing N N 57  
ASP CA  C    sing N N 58  
ASP CA  CB   sing N N 59  
ASP CA  HA   sing N N 60  
ASP C   O    doub N N 61  
ASP C   OXT  sing N N 62  
ASP CB  CG   sing N N 63  
ASP CB  HB2  sing N N 64  
ASP CB  HB3  sing N N 65  
ASP CG  OD1  doub N N 66  
ASP CG  OD2  sing N N 67  
ASP OD2 HD2  sing N N 68  
ASP OXT HXT  sing N N 69  
GLN N   CA   sing N N 70  
GLN N   H    sing N N 71  
GLN N   H2   sing N N 72  
GLN CA  C    sing N N 73  
GLN CA  CB   sing N N 74  
GLN CA  HA   sing N N 75  
GLN C   O    doub N N 76  
GLN C   OXT  sing N N 77  
GLN CB  CG   sing N N 78  
GLN CB  HB2  sing N N 79  
GLN CB  HB3  sing N N 80  
GLN CG  CD   sing N N 81  
GLN CG  HG2  sing N N 82  
GLN CG  HG3  sing N N 83  
GLN CD  OE1  doub N N 84  
GLN CD  NE2  sing N N 85  
GLN NE2 HE21 sing N N 86  
GLN NE2 HE22 sing N N 87  
GLN OXT HXT  sing N N 88  
GLU N   CA   sing N N 89  
GLU N   H    sing N N 90  
GLU N   H2   sing N N 91  
GLU CA  C    sing N N 92  
GLU CA  CB   sing N N 93  
GLU CA  HA   sing N N 94  
GLU C   O    doub N N 95  
GLU C   OXT  sing N N 96  
GLU CB  CG   sing N N 97  
GLU CB  HB2  sing N N 98  
GLU CB  HB3  sing N N 99  
GLU CG  CD   sing N N 100 
GLU CG  HG2  sing N N 101 
GLU CG  HG3  sing N N 102 
GLU CD  OE1  doub N N 103 
GLU CD  OE2  sing N N 104 
GLU OE2 HE2  sing N N 105 
GLU OXT HXT  sing N N 106 
GOL C1  O1   sing N N 107 
GOL C1  C2   sing N N 108 
GOL C1  H11  sing N N 109 
GOL C1  H12  sing N N 110 
GOL O1  HO1  sing N N 111 
GOL C2  O2   sing N N 112 
GOL C2  C3   sing N N 113 
GOL C2  H2   sing N N 114 
GOL O2  HO2  sing N N 115 
GOL C3  O3   sing N N 116 
GOL C3  H31  sing N N 117 
GOL C3  H32  sing N N 118 
GOL O3  HO3  sing N N 119 
HIS N   CA   sing N N 120 
HIS N   H    sing N N 121 
HIS N   H2   sing N N 122 
HIS CA  C    sing N N 123 
HIS CA  CB   sing N N 124 
HIS CA  HA   sing N N 125 
HIS C   O    doub N N 126 
HIS C   OXT  sing N N 127 
HIS CB  CG   sing N N 128 
HIS CB  HB2  sing N N 129 
HIS CB  HB3  sing N N 130 
HIS CG  ND1  sing Y N 131 
HIS CG  CD2  doub Y N 132 
HIS ND1 CE1  doub Y N 133 
HIS ND1 HD1  sing N N 134 
HIS CD2 NE2  sing Y N 135 
HIS CD2 HD2  sing N N 136 
HIS CE1 NE2  sing Y N 137 
HIS CE1 HE1  sing N N 138 
HIS NE2 HE2  sing N N 139 
HIS OXT HXT  sing N N 140 
HOH O   H1   sing N N 141 
HOH O   H2   sing N N 142 
LEU N   CA   sing N N 143 
LEU N   H    sing N N 144 
LEU N   H2   sing N N 145 
LEU CA  C    sing N N 146 
LEU CA  CB   sing N N 147 
LEU CA  HA   sing N N 148 
LEU C   O    doub N N 149 
LEU C   OXT  sing N N 150 
LEU CB  CG   sing N N 151 
LEU CB  HB2  sing N N 152 
LEU CB  HB3  sing N N 153 
LEU CG  CD1  sing N N 154 
LEU CG  CD2  sing N N 155 
LEU CG  HG   sing N N 156 
LEU CD1 HD11 sing N N 157 
LEU CD1 HD12 sing N N 158 
LEU CD1 HD13 sing N N 159 
LEU CD2 HD21 sing N N 160 
LEU CD2 HD22 sing N N 161 
LEU CD2 HD23 sing N N 162 
LEU OXT HXT  sing N N 163 
PRO N   CA   sing N N 164 
PRO N   CD   sing N N 165 
PRO N   H    sing N N 166 
PRO CA  C    sing N N 167 
PRO CA  CB   sing N N 168 
PRO CA  HA   sing N N 169 
PRO C   O    doub N N 170 
PRO C   OXT  sing N N 171 
PRO CB  CG   sing N N 172 
PRO CB  HB2  sing N N 173 
PRO CB  HB3  sing N N 174 
PRO CG  CD   sing N N 175 
PRO CG  HG2  sing N N 176 
PRO CG  HG3  sing N N 177 
PRO CD  HD2  sing N N 178 
PRO CD  HD3  sing N N 179 
PRO OXT HXT  sing N N 180 
SER N   CA   sing N N 181 
SER N   H    sing N N 182 
SER N   H2   sing N N 183 
SER CA  C    sing N N 184 
SER CA  CB   sing N N 185 
SER CA  HA   sing N N 186 
SER C   O    doub N N 187 
SER C   OXT  sing N N 188 
SER CB  OG   sing N N 189 
SER CB  HB2  sing N N 190 
SER CB  HB3  sing N N 191 
SER OG  HG   sing N N 192 
SER OXT HXT  sing N N 193 
THR N   CA   sing N N 194 
THR N   H    sing N N 195 
THR N   H2   sing N N 196 
THR CA  C    sing N N 197 
THR CA  CB   sing N N 198 
THR CA  HA   sing N N 199 
THR C   O    doub N N 200 
THR C   OXT  sing N N 201 
THR CB  OG1  sing N N 202 
THR CB  CG2  sing N N 203 
THR CB  HB   sing N N 204 
THR OG1 HG1  sing N N 205 
THR CG2 HG21 sing N N 206 
THR CG2 HG22 sing N N 207 
THR CG2 HG23 sing N N 208 
THR OXT HXT  sing N N 209 
TYR N   CA   sing N N 210 
TYR N   H    sing N N 211 
TYR N   H2   sing N N 212 
TYR CA  C    sing N N 213 
TYR CA  CB   sing N N 214 
TYR CA  HA   sing N N 215 
TYR C   O    doub N N 216 
TYR C   OXT  sing N N 217 
TYR CB  CG   sing N N 218 
TYR CB  HB2  sing N N 219 
TYR CB  HB3  sing N N 220 
TYR CG  CD1  doub Y N 221 
TYR CG  CD2  sing Y N 222 
TYR CD1 CE1  sing Y N 223 
TYR CD1 HD1  sing N N 224 
TYR CD2 CE2  doub Y N 225 
TYR CD2 HD2  sing N N 226 
TYR CE1 CZ   doub Y N 227 
TYR CE1 HE1  sing N N 228 
TYR CE2 CZ   sing Y N 229 
TYR CE2 HE2  sing N N 230 
TYR CZ  OH   sing N N 231 
TYR OH  HH   sing N N 232 
TYR OXT HXT  sing N N 233 
VAL N   CA   sing N N 234 
VAL N   H    sing N N 235 
VAL N   H2   sing N N 236 
VAL CA  C    sing N N 237 
VAL CA  CB   sing N N 238 
VAL CA  HA   sing N N 239 
VAL C   O    doub N N 240 
VAL C   OXT  sing N N 241 
VAL CB  CG1  sing N N 242 
VAL CB  CG2  sing N N 243 
VAL CB  HB   sing N N 244 
VAL CG1 HG11 sing N N 245 
VAL CG1 HG12 sing N N 246 
VAL CG1 HG13 sing N N 247 
VAL CG2 HG21 sing N N 248 
VAL CG2 HG22 sing N N 249 
VAL CG2 HG23 sing N N 250 
VAL OXT HXT  sing N N 251 
# 
_pdbx_audit_support.funding_organization   'Japan Science and Technology' 
_pdbx_audit_support.country                Japan 
_pdbx_audit_support.grant_number           JPMJAC1304 
_pdbx_audit_support.ordinal                1 
# 
loop_
_pdbx_entity_nonpoly.entity_id 
_pdbx_entity_nonpoly.name 
_pdbx_entity_nonpoly.comp_id 
3 GLYCEROL GOL 
4 water    HOH 
# 
_pdbx_struct_assembly_auth_evidence.id                     1 
_pdbx_struct_assembly_auth_evidence.assembly_id            1 
_pdbx_struct_assembly_auth_evidence.experimental_support   'gel filtration' 
_pdbx_struct_assembly_auth_evidence.details                'tetramer detected by a sedimentation velocity analysis.' 
# 
_space_group.name_H-M_alt     'P 21 21 21' 
_space_group.name_Hall        'P 2ac 2ab' 
_space_group.IT_number        19 
_space_group.crystal_system   orthorhombic 
_space_group.id               1 
# 
